data_4I46
#
_entry.id   4I46
#
_cell.length_a   73.287
_cell.length_b   80.030
_cell.length_c   133.037
_cell.angle_alpha   90.00
_cell.angle_beta   95.36
_cell.angle_gamma   90.00
#
_symmetry.space_group_name_H-M   'P 1 21 1'
#
loop_
_entity.id
_entity.type
_entity.pdbx_description
1 polymer 'Intracellular protease/amidase'
2 non-polymer (4S)-2-METHYL-2,4-PENTANEDIOL
3 water water
#
_entity_poly.entity_id   1
_entity_poly.type   'polypeptide(L)'
_entity_poly.pdbx_seq_one_letter_code
;MTTVMNDKHPTPDPAEDNAFFPSAYSLSQFTASKSDLSGAHYPTPYQGGRWKILVVGADERYLMMDNGTFFSTGNHPVET
LLPMYHLDKAGFSFDIATLSGNPVKFEWWAMPREDQEVNGLYSKYQSSFRQPLKLSDVIETALGEDSDYIGVFIPGGHGA
LMGLPDSQEVKAVLQWAMKQNKFIISLCHGPAAFLAVGDDPLFAGYKIVAFPDEMDAQTPSIGYMPGHLTWKFGEQLQAI
GFELLNTGISGQVFQDRKMLTGDSPLAGNALGQLAAKALLAEVEQK
;
_entity_poly.pdbx_strand_id   A,B,C,D,E,F
#
loop_
_chem_comp.id
_chem_comp.type
_chem_comp.name
_chem_comp.formula
MPD non-polymer (4S)-2-METHYL-2,4-PENTANEDIOL 'C6 H14 O2'
#
# COMPACT_ATOMS: atom_id res chain seq x y z
N MET A 5 -16.13 2.02 -49.91
CA MET A 5 -16.06 3.51 -50.10
C MET A 5 -16.89 4.25 -49.04
N ASN A 6 -18.20 4.05 -49.07
CA ASN A 6 -19.10 4.67 -48.11
C ASN A 6 -19.30 3.72 -46.94
N ASP A 7 -18.64 2.57 -47.01
CA ASP A 7 -18.77 1.54 -45.97
C ASP A 7 -18.33 1.99 -44.58
N LYS A 8 -19.26 1.95 -43.63
CA LYS A 8 -18.97 2.38 -42.28
C LYS A 8 -18.59 1.26 -41.33
N HIS A 9 -18.57 0.03 -41.82
CA HIS A 9 -18.21 -1.09 -40.96
C HIS A 9 -16.71 -1.03 -40.67
N PRO A 10 -16.30 -1.34 -39.42
CA PRO A 10 -14.87 -1.31 -39.14
C PRO A 10 -14.15 -2.23 -40.13
N THR A 11 -12.89 -1.95 -40.46
CA THR A 11 -12.18 -2.79 -41.41
C THR A 11 -11.28 -3.75 -40.65
N PRO A 12 -11.41 -5.06 -40.91
CA PRO A 12 -10.58 -6.06 -40.21
C PRO A 12 -9.11 -5.94 -40.51
N ASP A 13 -8.31 -6.13 -39.46
CA ASP A 13 -6.86 -6.07 -39.54
C ASP A 13 -6.40 -7.53 -39.62
N PRO A 14 -5.65 -7.90 -40.68
CA PRO A 14 -5.15 -9.28 -40.87
C PRO A 14 -4.10 -9.77 -39.86
N ALA A 15 -3.44 -8.84 -39.18
CA ALA A 15 -2.40 -9.18 -38.23
C ALA A 15 -2.90 -9.67 -36.87
N GLU A 16 -4.08 -9.21 -36.47
CA GLU A 16 -4.66 -9.58 -35.18
C GLU A 16 -6.07 -10.12 -35.31
N ASP A 17 -6.41 -10.98 -34.37
CA ASP A 17 -7.72 -11.59 -34.30
C ASP A 17 -8.67 -10.55 -33.69
N ASN A 18 -9.84 -10.38 -34.30
CA ASN A 18 -10.84 -9.45 -33.76
C ASN A 18 -10.30 -8.04 -33.53
N ALA A 19 -9.54 -7.53 -34.48
CA ALA A 19 -8.97 -6.19 -34.41
C ALA A 19 -9.39 -5.49 -35.70
N PHE A 20 -9.67 -4.19 -35.62
CA PHE A 20 -10.12 -3.47 -36.79
C PHE A 20 -9.53 -2.08 -36.97
N PHE A 21 -9.22 -1.73 -38.22
CA PHE A 21 -8.73 -0.40 -38.58
C PHE A 21 -10.02 0.44 -38.68
N PRO A 22 -9.90 1.75 -38.89
CA PRO A 22 -11.12 2.55 -39.00
C PRO A 22 -11.87 2.11 -40.27
N SER A 23 -13.17 2.41 -40.32
CA SER A 23 -13.97 2.05 -41.48
C SER A 23 -13.55 2.85 -42.72
N ALA A 24 -13.71 2.26 -43.90
CA ALA A 24 -13.33 2.92 -45.15
C ALA A 24 -13.92 4.31 -45.22
N TYR A 25 -15.17 4.41 -44.77
CA TYR A 25 -15.88 5.68 -44.77
C TYR A 25 -15.24 6.69 -43.81
N SER A 26 -15.04 6.28 -42.55
CA SER A 26 -14.45 7.18 -41.58
C SER A 26 -13.07 7.58 -42.09
N LEU A 27 -12.45 6.70 -42.86
CA LEU A 27 -11.15 6.98 -43.44
C LEU A 27 -11.18 8.08 -44.50
N SER A 28 -12.23 8.12 -45.31
CA SER A 28 -12.29 9.14 -46.37
C SER A 28 -12.53 10.53 -45.82
N GLN A 29 -13.11 10.61 -44.63
CA GLN A 29 -13.40 11.89 -44.01
C GLN A 29 -12.30 12.36 -43.05
N PHE A 30 -11.60 11.42 -42.41
CA PHE A 30 -10.59 11.80 -41.45
C PHE A 30 -9.13 11.67 -41.82
N THR A 31 -8.85 11.14 -43.01
CA THR A 31 -7.47 11.00 -43.44
C THR A 31 -7.34 11.59 -44.83
N ALA A 32 -6.12 12.03 -45.18
CA ALA A 32 -5.88 12.64 -46.46
C ALA A 32 -4.53 12.20 -47.03
N SER A 33 -4.42 12.20 -48.35
CA SER A 33 -3.20 11.79 -49.03
C SER A 33 -2.05 12.77 -48.80
N LYS A 34 -2.38 13.97 -48.34
CA LYS A 34 -1.39 15.01 -48.07
C LYS A 34 -1.70 15.73 -46.76
N SER A 35 -0.66 16.23 -46.09
CA SER A 35 -0.84 16.95 -44.82
C SER A 35 -0.97 18.43 -45.12
N ASP A 36 -1.07 19.25 -44.07
CA ASP A 36 -1.16 20.69 -44.25
C ASP A 36 0.09 21.36 -43.70
N LEU A 37 1.23 20.71 -43.90
CA LEU A 37 2.52 21.22 -43.45
C LEU A 37 2.85 22.52 -44.17
N SER A 38 3.18 23.55 -43.41
CA SER A 38 3.53 24.86 -43.97
C SER A 38 4.10 25.80 -42.93
N GLY A 39 4.96 26.71 -43.38
CA GLY A 39 5.55 27.68 -42.48
C GLY A 39 6.80 27.19 -41.77
N ALA A 40 7.27 25.99 -42.11
CA ALA A 40 8.47 25.43 -41.48
C ALA A 40 9.69 26.14 -42.05
N HIS A 41 9.78 27.43 -41.77
CA HIS A 41 10.88 28.23 -42.28
C HIS A 41 11.47 29.08 -41.17
N TYR A 42 12.71 28.78 -40.84
CA TYR A 42 13.43 29.44 -39.77
C TYR A 42 14.77 29.94 -40.28
N PRO A 43 14.82 31.17 -40.77
CA PRO A 43 16.03 31.82 -41.32
C PRO A 43 17.27 31.75 -40.44
N THR A 44 17.10 31.69 -39.13
CA THR A 44 18.24 31.60 -38.24
C THR A 44 18.02 30.53 -37.18
N PRO A 45 18.12 29.26 -37.58
CA PRO A 45 17.93 28.15 -36.67
C PRO A 45 19.03 28.06 -35.63
N TYR A 46 18.84 27.16 -34.67
CA TYR A 46 19.80 26.92 -33.61
C TYR A 46 20.84 26.02 -34.27
N GLN A 47 22.12 26.32 -34.06
CA GLN A 47 23.18 25.50 -34.65
C GLN A 47 24.17 25.09 -33.58
N GLY A 48 23.68 24.88 -32.37
CA GLY A 48 24.56 24.49 -31.28
C GLY A 48 24.92 23.01 -31.25
N GLY A 49 24.18 22.20 -31.99
CA GLY A 49 24.46 20.77 -32.02
C GLY A 49 24.23 20.05 -30.71
N ARG A 50 23.77 20.79 -29.69
CA ARG A 50 23.51 20.19 -28.37
C ARG A 50 22.07 19.84 -28.10
N TRP A 51 21.24 20.86 -27.92
CA TRP A 51 19.84 20.67 -27.61
C TRP A 51 19.04 19.80 -28.59
N LYS A 52 18.42 18.77 -28.03
CA LYS A 52 17.59 17.88 -28.81
C LYS A 52 16.39 17.55 -27.95
N ILE A 53 15.35 17.03 -28.58
CA ILE A 53 14.12 16.72 -27.89
C ILE A 53 13.90 15.22 -27.76
N LEU A 54 13.37 14.81 -26.62
CA LEU A 54 13.09 13.41 -26.34
C LEU A 54 11.66 13.10 -26.74
N VAL A 55 11.49 12.16 -27.67
CA VAL A 55 10.16 11.76 -28.13
C VAL A 55 9.74 10.48 -27.41
N VAL A 56 8.58 10.51 -26.79
CA VAL A 56 8.05 9.34 -26.08
C VAL A 56 6.85 8.84 -26.90
N GLY A 57 7.03 7.70 -27.56
CA GLY A 57 5.96 7.18 -28.38
C GLY A 57 5.21 5.99 -27.87
N ALA A 58 4.10 5.68 -28.54
CA ALA A 58 3.27 4.54 -28.18
C ALA A 58 3.96 3.29 -28.69
N ASP A 59 3.92 2.22 -27.91
CA ASP A 59 4.56 0.97 -28.31
C ASP A 59 3.58 -0.17 -28.56
N GLU A 60 2.28 0.08 -28.38
CA GLU A 60 1.26 -0.94 -28.61
C GLU A 60 0.31 -0.33 -29.64
N ARG A 61 -0.28 -1.17 -30.47
CA ARG A 61 -1.19 -0.73 -31.54
C ARG A 61 -2.65 -1.18 -31.33
N TYR A 62 -2.82 -2.24 -30.55
CA TYR A 62 -4.13 -2.79 -30.32
C TYR A 62 -4.73 -2.37 -28.98
N LEU A 63 -5.76 -1.53 -29.07
CA LEU A 63 -6.47 -0.98 -27.92
C LEU A 63 -7.83 -1.68 -27.74
N MET A 64 -8.08 -2.14 -26.51
CA MET A 64 -9.31 -2.86 -26.15
C MET A 64 -10.54 -1.97 -25.94
N MET A 65 -11.59 -2.19 -26.73
CA MET A 65 -12.82 -1.41 -26.63
C MET A 65 -13.76 -2.02 -25.58
N ASP A 66 -14.84 -1.31 -25.27
CA ASP A 66 -15.80 -1.82 -24.29
C ASP A 66 -16.58 -3.05 -24.78
N ASN A 67 -16.42 -3.44 -26.04
CA ASN A 67 -17.16 -4.62 -26.51
C ASN A 67 -16.28 -5.83 -26.80
N GLY A 68 -15.04 -5.80 -26.32
CA GLY A 68 -14.14 -6.92 -26.55
C GLY A 68 -13.32 -6.87 -27.83
N THR A 69 -13.56 -5.89 -28.69
CA THR A 69 -12.78 -5.80 -29.91
C THR A 69 -11.53 -4.96 -29.73
N PHE A 70 -10.60 -5.08 -30.68
CA PHE A 70 -9.36 -4.31 -30.66
C PHE A 70 -9.43 -3.24 -31.73
N PHE A 71 -9.03 -2.04 -31.35
CA PHE A 71 -8.98 -0.93 -32.27
C PHE A 71 -7.52 -0.94 -32.75
N SER A 72 -7.31 -1.02 -34.07
CA SER A 72 -5.95 -0.99 -34.61
C SER A 72 -5.53 0.48 -34.73
N THR A 73 -4.89 0.97 -33.68
CA THR A 73 -4.48 2.37 -33.60
C THR A 73 -2.98 2.59 -33.40
N GLY A 74 -2.62 3.41 -32.41
CA GLY A 74 -1.22 3.72 -32.14
C GLY A 74 -1.06 5.23 -32.24
N ASN A 75 0.17 5.70 -32.46
CA ASN A 75 0.41 7.14 -32.59
C ASN A 75 -0.08 7.61 -33.96
N HIS A 76 -0.57 8.84 -34.04
CA HIS A 76 -1.06 9.41 -35.30
C HIS A 76 0.17 9.95 -36.02
N PRO A 77 0.42 9.47 -37.25
CA PRO A 77 1.59 9.93 -38.01
C PRO A 77 1.64 11.42 -38.33
N VAL A 78 0.50 12.02 -38.62
CA VAL A 78 0.51 13.44 -38.92
C VAL A 78 0.82 14.24 -37.65
N GLU A 79 0.14 13.90 -36.56
CA GLU A 79 0.33 14.57 -35.27
C GLU A 79 1.74 14.42 -34.76
N THR A 80 2.39 13.33 -35.17
CA THR A 80 3.75 13.01 -34.76
C THR A 80 4.85 13.69 -35.57
N LEU A 81 4.74 13.60 -36.90
CA LEU A 81 5.73 14.16 -37.81
C LEU A 81 5.65 15.65 -38.17
N LEU A 82 4.47 16.25 -38.10
CA LEU A 82 4.41 17.67 -38.45
C LEU A 82 5.15 18.49 -37.41
N PRO A 83 4.95 18.20 -36.10
CA PRO A 83 5.67 18.99 -35.10
C PRO A 83 7.18 18.71 -35.19
N MET A 84 7.54 17.45 -35.44
CA MET A 84 8.95 17.08 -35.56
C MET A 84 9.58 17.76 -36.78
N TYR A 85 8.77 18.01 -37.79
CA TYR A 85 9.25 18.66 -38.99
C TYR A 85 9.71 20.08 -38.69
N HIS A 86 8.85 20.85 -38.05
CA HIS A 86 9.21 22.22 -37.72
C HIS A 86 10.45 22.31 -36.83
N LEU A 87 10.47 21.52 -35.77
CA LEU A 87 11.60 21.53 -34.84
C LEU A 87 12.90 21.15 -35.53
N ASP A 88 12.79 20.35 -36.59
CA ASP A 88 13.96 19.91 -37.35
C ASP A 88 14.50 21.10 -38.15
N LYS A 89 13.61 21.82 -38.82
CA LYS A 89 14.04 22.97 -39.59
C LYS A 89 14.58 24.01 -38.64
N ALA A 90 14.19 23.91 -37.38
CA ALA A 90 14.63 24.86 -36.35
C ALA A 90 16.05 24.55 -35.89
N GLY A 91 16.49 23.32 -36.11
CA GLY A 91 17.83 22.92 -35.73
C GLY A 91 17.90 22.01 -34.52
N PHE A 92 16.85 21.22 -34.30
CA PHE A 92 16.82 20.33 -33.15
C PHE A 92 16.77 18.84 -33.53
N SER A 93 17.52 18.02 -32.79
CA SER A 93 17.57 16.57 -33.00
C SER A 93 16.51 15.92 -32.12
N PHE A 94 16.27 14.63 -32.35
CA PHE A 94 15.29 13.89 -31.58
C PHE A 94 15.84 12.52 -31.18
N ASP A 95 15.40 12.07 -30.02
CA ASP A 95 15.74 10.74 -29.50
C ASP A 95 14.36 10.15 -29.30
N ILE A 96 14.15 8.94 -29.79
CA ILE A 96 12.85 8.30 -29.68
C ILE A 96 12.81 7.12 -28.72
N ALA A 97 11.85 7.14 -27.78
CA ALA A 97 11.74 6.06 -26.80
C ALA A 97 10.31 5.58 -26.55
N THR A 98 10.22 4.34 -26.09
CA THR A 98 8.96 3.70 -25.73
C THR A 98 9.17 3.06 -24.35
N LEU A 99 8.08 2.76 -23.66
CA LEU A 99 8.19 2.17 -22.33
C LEU A 99 8.89 0.82 -22.32
N SER A 100 8.68 0.02 -23.35
CA SER A 100 9.26 -1.33 -23.45
C SER A 100 10.51 -1.48 -24.32
N GLY A 101 10.79 -0.50 -25.16
CA GLY A 101 11.93 -0.60 -26.06
C GLY A 101 11.48 -1.12 -27.41
N ASN A 102 10.24 -1.60 -27.48
CA ASN A 102 9.68 -2.12 -28.73
C ASN A 102 9.41 -1.02 -29.74
N PRO A 103 9.33 -1.40 -31.03
CA PRO A 103 9.08 -0.40 -32.06
C PRO A 103 7.85 0.46 -31.86
N VAL A 104 8.00 1.74 -32.20
CA VAL A 104 6.94 2.71 -32.10
C VAL A 104 5.87 2.33 -33.15
N LYS A 105 4.61 2.29 -32.71
CA LYS A 105 3.48 1.92 -33.57
C LYS A 105 2.67 3.10 -34.10
N PHE A 106 2.60 3.21 -35.42
CA PHE A 106 1.85 4.30 -36.06
C PHE A 106 0.54 3.79 -36.65
N GLU A 107 -0.40 4.70 -36.86
CA GLU A 107 -1.68 4.36 -37.48
C GLU A 107 -1.39 4.63 -38.95
N TRP A 108 -0.78 3.68 -39.64
CA TRP A 108 -0.44 3.92 -41.04
C TRP A 108 -1.60 4.30 -41.92
N TRP A 109 -2.81 3.92 -41.53
CA TRP A 109 -3.97 4.26 -42.33
C TRP A 109 -4.22 5.79 -42.31
N ALA A 110 -3.44 6.51 -41.53
CA ALA A 110 -3.57 7.97 -41.42
C ALA A 110 -2.40 8.70 -42.05
N MET A 111 -1.43 7.93 -42.52
CA MET A 111 -0.24 8.50 -43.14
C MET A 111 -0.54 9.02 -44.55
N PRO A 112 -0.21 10.29 -44.82
CA PRO A 112 -0.48 10.84 -46.16
C PRO A 112 0.57 10.24 -47.09
N ARG A 113 0.15 9.27 -47.89
CA ARG A 113 1.05 8.59 -48.82
C ARG A 113 1.59 9.48 -49.94
N GLU A 114 1.03 10.68 -50.10
CA GLU A 114 1.53 11.55 -51.16
C GLU A 114 2.27 12.80 -50.68
N ASP A 115 2.54 12.89 -49.37
CA ASP A 115 3.25 14.04 -48.85
C ASP A 115 4.75 13.75 -48.85
N GLN A 116 5.46 14.35 -49.82
CA GLN A 116 6.89 14.16 -49.97
C GLN A 116 7.71 14.60 -48.76
N GLU A 117 7.43 15.79 -48.24
CA GLU A 117 8.13 16.32 -47.09
C GLU A 117 7.91 15.45 -45.86
N VAL A 118 6.66 15.07 -45.62
CA VAL A 118 6.29 14.24 -44.47
C VAL A 118 6.93 12.87 -44.59
N ASN A 119 7.00 12.32 -45.79
CA ASN A 119 7.61 11.01 -45.96
C ASN A 119 9.12 11.15 -45.93
N GLY A 120 9.60 12.33 -46.31
CA GLY A 120 11.03 12.58 -46.27
C GLY A 120 11.48 12.56 -44.82
N LEU A 121 10.91 13.44 -44.00
CA LEU A 121 11.28 13.47 -42.59
C LEU A 121 11.24 12.07 -41.98
N TYR A 122 10.19 11.32 -42.29
CA TYR A 122 10.08 9.96 -41.74
C TYR A 122 11.23 9.04 -42.11
N SER A 123 11.61 9.03 -43.39
CA SER A 123 12.72 8.20 -43.84
C SER A 123 13.94 8.50 -42.99
N LYS A 124 14.12 9.78 -42.70
CA LYS A 124 15.24 10.24 -41.92
C LYS A 124 15.28 9.64 -40.53
N TYR A 125 14.11 9.45 -39.93
CA TYR A 125 14.04 8.92 -38.57
C TYR A 125 13.50 7.51 -38.44
N GLN A 126 13.25 6.82 -39.55
CA GLN A 126 12.69 5.47 -39.43
C GLN A 126 13.50 4.51 -38.57
N SER A 127 14.82 4.56 -38.67
CA SER A 127 15.66 3.68 -37.87
C SER A 127 15.41 3.89 -36.38
N SER A 128 15.18 5.13 -35.98
CA SER A 128 14.91 5.46 -34.58
C SER A 128 13.50 5.01 -34.16
N PHE A 129 12.52 5.23 -35.04
CA PHE A 129 11.13 4.86 -34.76
C PHE A 129 11.00 3.33 -34.65
N ARG A 130 11.72 2.62 -35.52
CA ARG A 130 11.65 1.16 -35.55
C ARG A 130 12.55 0.45 -34.54
N GLN A 131 13.56 1.16 -34.04
CA GLN A 131 14.47 0.62 -33.03
C GLN A 131 14.74 1.74 -32.04
N PRO A 132 13.73 2.08 -31.22
CA PRO A 132 13.72 3.12 -30.20
C PRO A 132 14.57 2.78 -28.98
N LEU A 133 14.75 3.78 -28.12
CA LEU A 133 15.49 3.61 -26.90
C LEU A 133 14.47 3.09 -25.89
N LYS A 134 14.93 2.44 -24.85
CA LYS A 134 14.02 1.95 -23.84
C LYS A 134 14.01 3.11 -22.85
N LEU A 135 12.83 3.65 -22.61
CA LEU A 135 12.70 4.81 -21.73
C LEU A 135 13.46 4.72 -20.41
N SER A 136 13.40 3.56 -19.75
CA SER A 136 14.10 3.42 -18.48
C SER A 136 15.57 3.81 -18.60
N ASP A 137 16.15 3.55 -19.77
CA ASP A 137 17.53 3.88 -20.02
C ASP A 137 17.74 5.38 -20.17
N VAL A 138 16.84 6.05 -20.87
CA VAL A 138 16.96 7.49 -21.04
C VAL A 138 16.94 8.13 -19.65
N ILE A 139 16.06 7.63 -18.79
CA ILE A 139 15.95 8.16 -17.43
C ILE A 139 17.18 7.98 -16.57
N GLU A 140 17.73 6.77 -16.58
CA GLU A 140 18.91 6.50 -15.78
C GLU A 140 20.16 7.22 -16.28
N THR A 141 20.21 7.52 -17.57
CA THR A 141 21.40 8.16 -18.13
C THR A 141 21.31 9.55 -18.76
N ALA A 142 20.20 9.86 -19.42
CA ALA A 142 20.08 11.14 -20.13
C ALA A 142 19.31 12.33 -19.53
N LEU A 143 18.91 12.27 -18.27
CA LEU A 143 18.18 13.40 -17.69
C LEU A 143 19.01 14.12 -16.64
N GLY A 144 18.50 14.24 -15.42
CA GLY A 144 19.28 14.93 -14.40
C GLY A 144 19.31 16.43 -14.64
N GLU A 145 20.20 17.13 -13.95
CA GLU A 145 20.28 18.59 -14.06
C GLU A 145 21.02 19.18 -15.25
N ASP A 146 21.82 18.38 -15.93
CA ASP A 146 22.58 18.87 -17.07
C ASP A 146 22.31 18.09 -18.34
N SER A 147 21.03 17.84 -18.57
CA SER A 147 20.56 17.09 -19.73
C SER A 147 20.70 17.87 -21.04
N ASP A 148 20.87 17.14 -22.13
CA ASP A 148 20.96 17.76 -23.44
C ASP A 148 19.55 17.88 -23.98
N TYR A 149 18.58 17.40 -23.21
CA TYR A 149 17.20 17.48 -23.62
C TYR A 149 16.66 18.83 -23.18
N ILE A 150 16.01 19.52 -24.10
CA ILE A 150 15.44 20.82 -23.84
C ILE A 150 13.92 20.69 -23.78
N GLY A 151 13.42 19.51 -24.09
CA GLY A 151 11.98 19.28 -24.07
C GLY A 151 11.58 17.85 -24.35
N VAL A 152 10.33 17.53 -24.03
CA VAL A 152 9.76 16.20 -24.22
C VAL A 152 8.50 16.30 -25.10
N PHE A 153 8.41 15.44 -26.11
CA PHE A 153 7.28 15.43 -27.03
C PHE A 153 6.49 14.12 -26.96
N ILE A 154 5.21 14.24 -26.69
CA ILE A 154 4.34 13.06 -26.59
C ILE A 154 3.24 13.20 -27.64
N PRO A 155 3.40 12.55 -28.80
CA PRO A 155 2.39 12.64 -29.85
C PRO A 155 1.04 11.98 -29.52
N GLY A 156 0.01 12.43 -30.23
CA GLY A 156 -1.33 11.89 -30.04
C GLY A 156 -1.60 10.60 -30.78
N GLY A 157 -2.85 10.17 -30.73
CA GLY A 157 -3.28 8.92 -31.33
C GLY A 157 -3.70 8.08 -30.13
N HIS A 158 -4.78 7.31 -30.26
CA HIS A 158 -5.23 6.49 -29.13
C HIS A 158 -4.15 5.56 -28.58
N GLY A 159 -3.10 5.32 -29.35
CA GLY A 159 -2.03 4.47 -28.86
C GLY A 159 -1.41 5.08 -27.60
N ALA A 160 -1.60 6.39 -27.42
CA ALA A 160 -1.04 7.08 -26.28
C ALA A 160 -1.79 6.77 -24.99
N LEU A 161 -2.95 6.12 -25.14
CA LEU A 161 -3.79 5.77 -24.00
C LEU A 161 -3.33 4.50 -23.31
N MET A 162 -2.44 3.75 -23.94
CA MET A 162 -1.96 2.51 -23.35
C MET A 162 -0.56 2.70 -22.76
N GLY A 163 -0.38 2.19 -21.54
CA GLY A 163 0.91 2.27 -20.90
C GLY A 163 1.30 3.60 -20.30
N LEU A 164 1.52 4.60 -21.14
CA LEU A 164 1.91 5.93 -20.68
C LEU A 164 1.04 6.54 -19.56
N PRO A 165 -0.29 6.45 -19.66
CA PRO A 165 -1.12 7.05 -18.61
C PRO A 165 -0.83 6.67 -17.14
N ASP A 166 -0.34 5.47 -16.88
CA ASP A 166 -0.05 5.08 -15.50
C ASP A 166 1.33 4.47 -15.38
N SER A 167 2.32 5.10 -16.00
CA SER A 167 3.69 4.61 -15.99
C SER A 167 4.59 5.39 -15.03
N GLN A 168 5.26 4.67 -14.13
CA GLN A 168 6.16 5.29 -13.16
C GLN A 168 7.31 6.01 -13.87
N GLU A 169 7.66 5.55 -15.06
CA GLU A 169 8.76 6.18 -15.79
C GLU A 169 8.35 7.52 -16.40
N VAL A 170 7.22 7.55 -17.10
CA VAL A 170 6.71 8.78 -17.70
C VAL A 170 6.61 9.85 -16.62
N LYS A 171 6.25 9.40 -15.42
CA LYS A 171 6.10 10.26 -14.26
C LYS A 171 7.41 10.95 -13.90
N ALA A 172 8.48 10.18 -13.93
CA ALA A 172 9.81 10.69 -13.61
C ALA A 172 10.21 11.75 -14.64
N VAL A 173 9.87 11.48 -15.90
CA VAL A 173 10.18 12.36 -17.00
C VAL A 173 9.44 13.69 -16.87
N LEU A 174 8.15 13.60 -16.56
CA LEU A 174 7.32 14.78 -16.38
C LEU A 174 7.84 15.57 -15.18
N GLN A 175 8.05 14.88 -14.05
CA GLN A 175 8.57 15.53 -12.84
C GLN A 175 9.92 16.21 -13.13
N TRP A 176 10.74 15.57 -13.95
CA TRP A 176 12.03 16.13 -14.34
C TRP A 176 11.78 17.39 -15.14
N ALA A 177 10.95 17.28 -16.17
CA ALA A 177 10.63 18.40 -17.04
C ALA A 177 10.14 19.61 -16.24
N MET A 178 9.24 19.35 -15.29
CA MET A 178 8.70 20.41 -14.45
C MET A 178 9.74 20.96 -13.47
N LYS A 179 10.61 20.08 -12.98
CA LYS A 179 11.65 20.49 -12.02
C LYS A 179 12.81 21.22 -12.70
N GLN A 180 13.10 20.85 -13.93
CA GLN A 180 14.19 21.50 -14.65
C GLN A 180 13.67 22.53 -15.64
N ASN A 181 12.43 22.95 -15.44
CA ASN A 181 11.78 23.95 -16.31
C ASN A 181 12.07 23.62 -17.78
N LYS A 182 11.50 22.50 -18.24
CA LYS A 182 11.67 22.04 -19.60
C LYS A 182 10.32 22.09 -20.34
N PHE A 183 10.39 22.13 -21.67
CA PHE A 183 9.18 22.17 -22.48
C PHE A 183 8.50 20.82 -22.58
N ILE A 184 7.18 20.80 -22.42
CA ILE A 184 6.40 19.56 -22.54
C ILE A 184 5.49 19.83 -23.74
N ILE A 185 5.59 18.98 -24.76
CA ILE A 185 4.80 19.19 -25.96
C ILE A 185 3.88 18.02 -26.26
N SER A 186 2.58 18.30 -26.36
CA SER A 186 1.63 17.25 -26.66
C SER A 186 0.36 17.75 -27.36
N LEU A 187 -0.40 16.80 -27.90
CA LEU A 187 -1.65 17.13 -28.57
C LEU A 187 -2.57 15.91 -28.65
N CYS A 188 -3.84 16.18 -28.98
CA CYS A 188 -4.85 15.15 -29.13
C CYS A 188 -5.01 14.26 -27.89
N HIS A 189 -4.71 12.98 -28.03
CA HIS A 189 -4.82 12.04 -26.91
C HIS A 189 -3.51 11.96 -26.12
N GLY A 190 -2.48 12.66 -26.60
CA GLY A 190 -1.19 12.64 -25.92
C GLY A 190 -1.22 13.06 -24.46
N PRO A 191 -2.00 14.10 -24.10
CA PRO A 191 -2.06 14.54 -22.69
C PRO A 191 -2.47 13.46 -21.69
N ALA A 192 -2.97 12.34 -22.18
CA ALA A 192 -3.36 11.25 -21.30
C ALA A 192 -2.11 10.80 -20.53
N ALA A 193 -0.95 11.00 -21.15
CA ALA A 193 0.32 10.63 -20.52
C ALA A 193 0.49 11.37 -19.20
N PHE A 194 -0.08 12.58 -19.11
CA PHE A 194 0.02 13.39 -17.92
C PHE A 194 -0.56 12.73 -16.68
N LEU A 195 -1.56 11.88 -16.87
CA LEU A 195 -2.18 11.19 -15.76
C LEU A 195 -1.16 10.33 -15.03
N ALA A 196 -0.01 10.11 -15.66
CA ALA A 196 1.03 9.28 -15.05
C ALA A 196 1.50 9.83 -13.70
N VAL A 197 1.37 11.15 -13.51
CA VAL A 197 1.80 11.76 -12.26
C VAL A 197 0.95 11.26 -11.10
N GLY A 198 -0.09 10.49 -11.44
CA GLY A 198 -0.96 9.96 -10.40
C GLY A 198 -1.54 11.01 -9.47
N ASP A 199 -1.23 10.89 -8.18
CA ASP A 199 -1.76 11.82 -7.19
C ASP A 199 -0.97 13.11 -6.96
N ASP A 200 0.06 13.35 -7.76
CA ASP A 200 0.88 14.56 -7.62
C ASP A 200 0.13 15.79 -8.13
N PRO A 201 -0.03 16.82 -7.29
CA PRO A 201 -0.72 18.07 -7.61
C PRO A 201 0.19 18.97 -8.48
N LEU A 202 1.05 18.31 -9.23
CA LEU A 202 2.04 18.93 -10.11
C LEU A 202 1.50 19.86 -11.21
N PHE A 203 0.45 19.42 -11.90
CA PHE A 203 -0.13 20.19 -12.99
C PHE A 203 -1.34 21.05 -12.61
N ALA A 204 -1.63 21.14 -11.32
CA ALA A 204 -2.76 21.91 -10.84
C ALA A 204 -2.76 23.30 -11.45
N GLY A 205 -3.89 23.67 -12.05
CA GLY A 205 -4.02 24.99 -12.64
C GLY A 205 -3.65 25.14 -14.10
N TYR A 206 -2.91 24.19 -14.66
CA TYR A 206 -2.50 24.28 -16.06
C TYR A 206 -3.65 24.24 -17.05
N LYS A 207 -3.49 25.00 -18.15
CA LYS A 207 -4.49 25.06 -19.21
C LYS A 207 -3.99 24.34 -20.46
N ILE A 208 -4.73 23.34 -20.91
CA ILE A 208 -4.35 22.59 -22.09
C ILE A 208 -5.54 22.37 -23.02
N VAL A 209 -5.24 21.96 -24.25
CA VAL A 209 -6.27 21.64 -25.22
C VAL A 209 -6.06 20.15 -25.48
N ALA A 210 -7.13 19.41 -25.70
CA ALA A 210 -6.97 17.97 -25.96
C ALA A 210 -8.22 17.49 -26.64
N PHE A 211 -8.15 16.32 -27.25
CA PHE A 211 -9.33 15.77 -27.92
C PHE A 211 -10.51 15.75 -26.93
N PRO A 212 -11.70 16.16 -27.37
CA PRO A 212 -12.90 16.18 -26.52
C PRO A 212 -13.55 14.80 -26.29
N ASP A 213 -13.63 14.36 -25.03
CA ASP A 213 -14.23 13.06 -24.68
C ASP A 213 -15.54 12.77 -25.39
N GLU A 214 -16.38 13.79 -25.50
CA GLU A 214 -17.68 13.67 -26.13
C GLU A 214 -17.56 13.23 -27.58
N MET A 215 -16.45 13.59 -28.23
CA MET A 215 -16.26 13.20 -29.61
C MET A 215 -15.86 11.74 -29.70
N ASP A 216 -15.04 11.27 -28.76
CA ASP A 216 -14.66 9.85 -28.77
C ASP A 216 -15.92 9.01 -28.62
N ALA A 217 -16.89 9.53 -27.88
CA ALA A 217 -18.15 8.83 -27.63
C ALA A 217 -19.03 8.79 -28.87
N GLN A 218 -18.67 9.57 -29.89
CA GLN A 218 -19.47 9.62 -31.10
C GLN A 218 -18.87 8.97 -32.34
N THR A 219 -17.54 9.02 -32.46
CA THR A 219 -16.85 8.47 -33.63
C THR A 219 -17.18 7.01 -34.02
N PRO A 220 -17.45 6.14 -33.03
CA PRO A 220 -17.78 4.75 -33.37
C PRO A 220 -19.05 4.63 -34.25
N SER A 221 -19.90 5.64 -34.17
CA SER A 221 -21.14 5.64 -34.93
C SER A 221 -20.87 5.50 -36.42
N ILE A 222 -19.69 5.90 -36.89
CA ILE A 222 -19.40 5.76 -38.31
C ILE A 222 -18.32 4.72 -38.54
N GLY A 223 -18.14 3.84 -37.56
CA GLY A 223 -17.17 2.77 -37.64
C GLY A 223 -15.72 3.21 -37.57
N TYR A 224 -15.48 4.40 -37.03
CA TYR A 224 -14.13 4.90 -36.92
C TYR A 224 -13.35 3.97 -36.01
N MET A 225 -14.02 3.53 -34.94
CA MET A 225 -13.47 2.61 -33.97
C MET A 225 -14.48 1.48 -33.83
N PRO A 226 -14.01 0.25 -33.59
CA PRO A 226 -14.93 -0.89 -33.45
C PRO A 226 -15.78 -0.92 -32.16
N GLY A 227 -15.74 0.16 -31.38
CA GLY A 227 -16.50 0.21 -30.14
C GLY A 227 -16.17 1.47 -29.37
N HIS A 228 -16.33 1.44 -28.05
CA HIS A 228 -16.05 2.61 -27.23
C HIS A 228 -14.93 2.44 -26.21
N LEU A 229 -14.25 3.55 -25.93
CA LEU A 229 -13.18 3.58 -24.95
C LEU A 229 -13.74 3.10 -23.62
N THR A 230 -12.95 2.37 -22.84
CA THR A 230 -13.43 1.87 -21.55
C THR A 230 -13.36 2.93 -20.46
N TRP A 231 -12.79 4.08 -20.79
CA TRP A 231 -12.68 5.19 -19.85
C TRP A 231 -12.50 6.51 -20.62
N LYS A 232 -12.60 7.64 -19.91
CA LYS A 232 -12.47 8.98 -20.55
C LYS A 232 -11.30 9.79 -19.99
N PHE A 233 -10.23 9.90 -20.77
CA PHE A 233 -9.04 10.62 -20.32
C PHE A 233 -9.30 12.08 -19.98
N GLY A 234 -10.20 12.72 -20.72
CA GLY A 234 -10.52 14.11 -20.48
C GLY A 234 -10.99 14.44 -19.07
N GLU A 235 -11.80 13.56 -18.47
CA GLU A 235 -12.30 13.82 -17.14
C GLU A 235 -11.22 13.58 -16.10
N GLN A 236 -10.36 12.60 -16.37
CA GLN A 236 -9.28 12.28 -15.46
C GLN A 236 -8.30 13.43 -15.36
N LEU A 237 -7.84 13.93 -16.51
CA LEU A 237 -6.90 15.06 -16.53
C LEU A 237 -7.46 16.17 -15.66
N GLN A 238 -8.73 16.48 -15.91
CA GLN A 238 -9.47 17.50 -15.20
C GLN A 238 -9.47 17.17 -13.71
N ALA A 239 -9.58 15.89 -13.40
CA ALA A 239 -9.59 15.43 -12.03
C ALA A 239 -8.30 15.76 -11.27
N ILE A 240 -7.19 15.90 -11.99
CA ILE A 240 -5.92 16.22 -11.35
C ILE A 240 -5.44 17.66 -11.55
N GLY A 241 -6.37 18.58 -11.84
CA GLY A 241 -5.99 19.97 -11.99
C GLY A 241 -6.03 20.67 -13.34
N PHE A 242 -6.01 19.92 -14.45
CA PHE A 242 -6.02 20.53 -15.77
C PHE A 242 -7.33 21.22 -16.14
N GLU A 243 -7.22 22.32 -16.85
CA GLU A 243 -8.39 23.03 -17.31
C GLU A 243 -8.40 22.82 -18.80
N LEU A 244 -9.32 22.00 -19.29
CA LEU A 244 -9.42 21.73 -20.72
C LEU A 244 -10.15 22.91 -21.32
N LEU A 245 -9.49 23.62 -22.22
CA LEU A 245 -10.04 24.81 -22.83
C LEU A 245 -10.98 24.62 -24.02
N ASN A 246 -10.81 23.53 -24.75
CA ASN A 246 -11.63 23.34 -25.93
C ASN A 246 -12.79 22.39 -25.79
N THR A 247 -13.93 22.82 -26.31
CA THR A 247 -15.15 22.02 -26.28
C THR A 247 -15.21 21.20 -27.58
N GLY A 248 -14.66 21.76 -28.65
CA GLY A 248 -14.63 21.06 -29.93
C GLY A 248 -13.20 21.03 -30.45
N ILE A 249 -13.04 20.84 -31.75
CA ILE A 249 -11.71 20.82 -32.35
C ILE A 249 -11.63 21.79 -33.52
N SER A 250 -10.43 22.30 -33.78
CA SER A 250 -10.20 23.22 -34.89
C SER A 250 -8.71 23.30 -35.26
N GLY A 251 -7.90 22.46 -34.63
CA GLY A 251 -6.48 22.46 -34.92
C GLY A 251 -5.75 23.54 -34.16
N GLN A 252 -6.40 24.03 -33.13
CA GLN A 252 -5.88 25.08 -32.26
C GLN A 252 -4.79 24.55 -31.29
N VAL A 253 -4.04 25.47 -30.68
CA VAL A 253 -3.01 25.08 -29.74
C VAL A 253 -2.91 26.14 -28.66
N PHE A 254 -2.26 25.81 -27.56
CA PHE A 254 -2.15 26.76 -26.46
C PHE A 254 -0.85 26.59 -25.70
N GLN A 255 -0.36 27.71 -25.17
CA GLN A 255 0.86 27.71 -24.38
C GLN A 255 0.61 28.24 -22.98
N ASP A 256 0.84 27.41 -21.96
CA ASP A 256 0.69 27.83 -20.59
C ASP A 256 2.07 27.64 -20.02
N ARG A 257 2.83 28.73 -19.96
CA ARG A 257 4.21 28.64 -19.50
C ARG A 257 4.92 27.72 -20.51
N LYS A 258 5.56 26.66 -20.04
CA LYS A 258 6.26 25.79 -20.99
C LYS A 258 5.48 24.55 -21.43
N MET A 259 4.18 24.55 -21.15
CA MET A 259 3.31 23.44 -21.53
C MET A 259 2.62 23.82 -22.84
N LEU A 260 2.98 23.14 -23.92
CA LEU A 260 2.45 23.39 -25.25
C LEU A 260 1.55 22.24 -25.73
N THR A 261 0.30 22.56 -26.09
CA THR A 261 -0.64 21.52 -26.53
C THR A 261 -1.51 21.80 -27.75
N GLY A 262 -1.90 20.73 -28.44
CA GLY A 262 -2.75 20.84 -29.61
C GLY A 262 -4.04 20.08 -29.34
N ASP A 263 -5.13 20.43 -30.02
CA ASP A 263 -6.42 19.78 -29.75
C ASP A 263 -6.85 18.53 -30.52
N SER A 264 -6.20 18.20 -31.64
CA SER A 264 -6.66 17.05 -32.43
C SER A 264 -5.72 16.73 -33.57
N PRO A 265 -6.11 15.81 -34.46
CA PRO A 265 -5.24 15.47 -35.60
C PRO A 265 -5.15 16.66 -36.57
N LEU A 266 -5.81 17.76 -36.23
CA LEU A 266 -5.78 18.96 -37.06
C LEU A 266 -4.74 19.97 -36.53
N ALA A 267 -4.23 19.73 -35.32
CA ALA A 267 -3.28 20.65 -34.68
C ALA A 267 -1.78 20.42 -34.90
N GLY A 268 -1.40 19.42 -35.69
CA GLY A 268 0.02 19.17 -35.88
C GLY A 268 0.87 20.38 -36.29
N ASN A 269 0.56 20.92 -37.45
CA ASN A 269 1.27 22.07 -38.00
C ASN A 269 1.40 23.25 -37.05
N ALA A 270 0.29 23.64 -36.43
CA ALA A 270 0.29 24.76 -35.50
C ALA A 270 1.20 24.48 -34.32
N LEU A 271 1.18 23.24 -33.84
CA LEU A 271 2.02 22.88 -32.70
C LEU A 271 3.50 22.96 -33.09
N GLY A 272 3.83 22.50 -34.29
CA GLY A 272 5.20 22.58 -34.74
C GLY A 272 5.68 24.02 -34.81
N GLN A 273 4.80 24.95 -35.17
CA GLN A 273 5.18 26.35 -35.25
C GLN A 273 5.41 26.90 -33.85
N LEU A 274 4.45 26.66 -32.98
CA LEU A 274 4.51 27.11 -31.59
C LEU A 274 5.79 26.62 -30.88
N ALA A 275 5.99 25.31 -30.87
CA ALA A 275 7.16 24.72 -30.22
C ALA A 275 8.45 25.32 -30.78
N ALA A 276 8.48 25.49 -32.10
CA ALA A 276 9.64 26.04 -32.78
C ALA A 276 9.97 27.45 -32.26
N LYS A 277 8.98 28.33 -32.32
CA LYS A 277 9.14 29.69 -31.87
C LYS A 277 9.51 29.78 -30.40
N ALA A 278 8.85 28.96 -29.59
CA ALA A 278 9.08 28.95 -28.16
C ALA A 278 10.48 28.47 -27.82
N LEU A 279 10.93 27.41 -28.49
CA LEU A 279 12.26 26.90 -28.23
C LEU A 279 13.37 27.78 -28.81
N LEU A 280 13.16 28.31 -30.02
CA LEU A 280 14.18 29.17 -30.61
C LEU A 280 14.40 30.39 -29.70
N ALA A 281 13.32 30.90 -29.12
CA ALA A 281 13.41 32.04 -28.22
C ALA A 281 14.13 31.64 -26.92
N GLU A 282 13.98 30.37 -26.55
CA GLU A 282 14.62 29.87 -25.34
C GLU A 282 16.13 29.83 -25.46
N VAL A 283 16.60 29.29 -26.58
CA VAL A 283 18.03 29.15 -26.84
C VAL A 283 18.72 30.41 -27.36
N GLU A 284 18.05 31.19 -28.20
CA GLU A 284 18.65 32.43 -28.68
C GLU A 284 18.45 33.42 -27.54
N GLN A 285 19.37 33.36 -26.57
CA GLN A 285 19.31 34.22 -25.42
C GLN A 285 20.37 33.78 -24.44
N MET B 5 6.31 -10.81 -57.07
CA MET B 5 5.97 -11.47 -58.38
C MET B 5 6.21 -12.98 -58.33
N ASN B 6 6.20 -13.54 -57.12
CA ASN B 6 6.40 -14.98 -56.94
C ASN B 6 5.89 -15.43 -55.57
N ASP B 7 5.50 -16.70 -55.49
CA ASP B 7 4.95 -17.25 -54.26
C ASP B 7 5.97 -17.48 -53.14
N LYS B 8 7.23 -17.13 -53.39
CA LYS B 8 8.26 -17.29 -52.37
C LYS B 8 8.72 -15.92 -51.87
N HIS B 9 8.00 -14.88 -52.30
CA HIS B 9 8.32 -13.52 -51.87
C HIS B 9 7.51 -13.29 -50.60
N PRO B 10 8.13 -12.68 -49.57
CA PRO B 10 7.44 -12.40 -48.30
C PRO B 10 6.09 -11.68 -48.49
N THR B 11 5.13 -12.03 -47.64
CA THR B 11 3.80 -11.44 -47.76
C THR B 11 3.60 -10.17 -46.92
N PRO B 12 3.37 -9.03 -47.59
CA PRO B 12 3.18 -7.76 -46.90
C PRO B 12 2.10 -7.83 -45.80
N ASP B 13 2.36 -7.15 -44.70
CA ASP B 13 1.43 -7.05 -43.56
C ASP B 13 0.94 -5.60 -43.66
N PRO B 14 -0.38 -5.39 -43.81
CA PRO B 14 -0.87 -4.01 -43.91
C PRO B 14 -0.78 -3.16 -42.64
N ALA B 15 -0.54 -3.77 -41.49
CA ALA B 15 -0.51 -3.01 -40.24
C ALA B 15 0.81 -2.30 -39.96
N GLU B 16 1.92 -2.91 -40.37
CA GLU B 16 3.26 -2.33 -40.18
C GLU B 16 3.98 -2.10 -41.50
N ASP B 17 4.58 -0.93 -41.61
CA ASP B 17 5.34 -0.55 -42.77
C ASP B 17 6.61 -1.40 -42.83
N ASN B 18 6.93 -1.89 -44.03
CA ASN B 18 8.12 -2.68 -44.26
C ASN B 18 8.20 -3.94 -43.42
N ALA B 19 7.06 -4.54 -43.14
CA ALA B 19 7.00 -5.76 -42.35
C ALA B 19 6.33 -6.81 -43.22
N PHE B 20 6.69 -8.08 -43.02
CA PHE B 20 6.14 -9.15 -43.85
C PHE B 20 5.83 -10.44 -43.09
N PHE B 21 4.78 -11.12 -43.53
CA PHE B 21 4.38 -12.42 -43.00
C PHE B 21 5.21 -13.36 -43.86
N PRO B 22 5.17 -14.67 -43.58
CA PRO B 22 5.93 -15.63 -44.39
C PRO B 22 5.31 -15.63 -45.79
N SER B 23 6.04 -16.14 -46.78
CA SER B 23 5.55 -16.21 -48.14
C SER B 23 4.52 -17.32 -48.28
N ALA B 24 3.60 -17.17 -49.23
CA ALA B 24 2.56 -18.17 -49.47
C ALA B 24 3.17 -19.55 -49.51
N TYR B 25 4.28 -19.67 -50.23
CA TYR B 25 4.96 -20.95 -50.35
C TYR B 25 5.38 -21.54 -49.01
N SER B 26 6.08 -20.75 -48.19
CA SER B 26 6.53 -21.25 -46.90
C SER B 26 5.35 -21.68 -46.03
N LEU B 27 4.26 -20.92 -46.11
CA LEU B 27 3.05 -21.21 -45.34
C LEU B 27 2.42 -22.54 -45.69
N SER B 28 2.38 -22.86 -46.98
CA SER B 28 1.78 -24.14 -47.39
C SER B 28 2.63 -25.31 -46.91
N GLN B 29 3.92 -25.06 -46.71
CA GLN B 29 4.84 -26.08 -46.25
C GLN B 29 4.96 -26.16 -44.74
N PHE B 30 4.96 -25.01 -44.06
CA PHE B 30 5.14 -24.97 -42.61
C PHE B 30 3.94 -24.72 -41.71
N THR B 31 2.74 -24.74 -42.27
CA THR B 31 1.53 -24.54 -41.48
C THR B 31 0.46 -25.46 -42.02
N ALA B 32 -0.61 -25.67 -41.25
CA ALA B 32 -1.71 -26.55 -41.66
C ALA B 32 -3.05 -26.09 -41.11
N SER B 33 -4.13 -26.50 -41.77
CA SER B 33 -5.47 -26.12 -41.34
C SER B 33 -5.86 -26.90 -40.08
N LYS B 34 -5.14 -27.99 -39.85
CA LYS B 34 -5.37 -28.83 -38.69
C LYS B 34 -4.06 -29.11 -37.97
N SER B 35 -4.13 -29.38 -36.67
CA SER B 35 -2.94 -29.68 -35.90
C SER B 35 -2.94 -31.18 -35.71
N ASP B 36 -1.93 -31.67 -34.99
CA ASP B 36 -1.88 -33.12 -34.75
C ASP B 36 -2.09 -33.42 -33.27
N LEU B 37 -2.91 -32.61 -32.64
CA LEU B 37 -3.26 -32.81 -31.24
C LEU B 37 -3.77 -34.24 -31.11
N SER B 38 -3.28 -34.96 -30.11
CA SER B 38 -3.73 -36.32 -29.89
C SER B 38 -3.28 -36.86 -28.53
N GLY B 39 -4.03 -37.84 -28.04
CA GLY B 39 -3.75 -38.46 -26.76
C GLY B 39 -3.78 -37.44 -25.65
N ALA B 40 -4.86 -36.68 -25.60
CA ALA B 40 -4.97 -35.64 -24.58
C ALA B 40 -5.96 -36.00 -23.47
N HIS B 41 -6.28 -37.27 -23.32
CA HIS B 41 -7.19 -37.65 -22.25
C HIS B 41 -6.40 -38.26 -21.11
N TYR B 42 -6.70 -37.80 -19.90
CA TYR B 42 -6.02 -38.29 -18.71
C TYR B 42 -7.09 -38.85 -17.77
N PRO B 43 -7.21 -40.18 -17.73
CA PRO B 43 -8.20 -40.86 -16.89
C PRO B 43 -8.21 -40.47 -15.43
N THR B 44 -7.05 -40.11 -14.90
CA THR B 44 -6.96 -39.73 -13.49
C THR B 44 -6.27 -38.38 -13.31
N PRO B 45 -6.93 -37.30 -13.73
CA PRO B 45 -6.42 -35.91 -13.65
C PRO B 45 -6.49 -35.22 -12.29
N TYR B 46 -5.78 -34.10 -12.19
CA TYR B 46 -5.72 -33.28 -10.98
C TYR B 46 -7.06 -32.59 -10.79
N GLN B 47 -7.53 -32.57 -9.55
CA GLN B 47 -8.81 -31.94 -9.25
C GLN B 47 -8.72 -30.99 -8.06
N GLY B 48 -7.51 -30.66 -7.67
CA GLY B 48 -7.29 -29.80 -6.53
C GLY B 48 -7.63 -28.32 -6.69
N GLY B 49 -7.68 -27.82 -7.91
CA GLY B 49 -8.01 -26.43 -8.11
C GLY B 49 -6.93 -25.41 -7.76
N ARG B 50 -5.81 -25.84 -7.18
CA ARG B 50 -4.73 -24.92 -6.81
C ARG B 50 -3.62 -24.77 -7.86
N TRP B 51 -2.90 -25.85 -8.08
CA TRP B 51 -1.79 -25.86 -9.03
C TRP B 51 -2.14 -25.18 -10.35
N LYS B 52 -1.36 -24.15 -10.65
CA LYS B 52 -1.55 -23.34 -11.83
C LYS B 52 -0.23 -23.25 -12.59
N ILE B 53 -0.28 -22.81 -13.84
CA ILE B 53 0.93 -22.67 -14.65
C ILE B 53 1.05 -21.26 -15.24
N LEU B 54 2.21 -20.65 -15.06
CA LEU B 54 2.45 -19.32 -15.58
C LEU B 54 2.93 -19.35 -17.03
N VAL B 55 2.26 -18.62 -17.90
CA VAL B 55 2.64 -18.54 -19.31
C VAL B 55 3.28 -17.18 -19.52
N VAL B 56 4.46 -17.16 -20.14
CA VAL B 56 5.15 -15.90 -20.41
C VAL B 56 5.22 -15.79 -21.94
N GLY B 57 4.31 -15.00 -22.50
CA GLY B 57 4.24 -14.85 -23.95
C GLY B 57 4.90 -13.61 -24.53
N ALA B 58 4.85 -13.54 -25.86
CA ALA B 58 5.45 -12.44 -26.61
C ALA B 58 4.52 -11.24 -26.69
N ASP B 59 5.05 -10.05 -26.41
CA ASP B 59 4.24 -8.82 -26.48
C ASP B 59 4.55 -8.01 -27.73
N GLU B 60 5.55 -8.44 -28.48
CA GLU B 60 5.93 -7.77 -29.72
C GLU B 60 5.80 -8.75 -30.89
N ARG B 61 5.38 -8.22 -32.04
CA ARG B 61 5.19 -9.04 -33.24
C ARG B 61 6.21 -8.75 -34.34
N TYR B 62 6.72 -7.53 -34.37
CA TYR B 62 7.67 -7.14 -35.41
C TYR B 62 9.15 -7.22 -35.04
N LEU B 63 9.83 -8.23 -35.58
CA LEU B 63 11.25 -8.45 -35.35
C LEU B 63 12.12 -7.87 -36.49
N MET B 64 13.12 -7.08 -36.13
CA MET B 64 14.01 -6.47 -37.12
C MET B 64 15.02 -7.46 -37.74
N MET B 65 15.01 -7.56 -39.08
CA MET B 65 15.92 -8.44 -39.81
C MET B 65 17.21 -7.68 -40.15
N ASP B 66 18.20 -8.39 -40.66
CA ASP B 66 19.47 -7.75 -41.02
C ASP B 66 19.36 -6.78 -42.20
N ASN B 67 18.31 -6.92 -43.01
CA ASN B 67 18.15 -6.02 -44.16
C ASN B 67 17.20 -4.86 -43.91
N GLY B 68 16.89 -4.60 -42.65
CA GLY B 68 16.03 -3.49 -42.28
C GLY B 68 14.54 -3.75 -42.20
N THR B 69 14.09 -4.88 -42.76
CA THR B 69 12.66 -5.24 -42.77
C THR B 69 12.21 -5.86 -41.45
N PHE B 70 10.89 -5.88 -41.25
CA PHE B 70 10.28 -6.50 -40.07
C PHE B 70 9.64 -7.82 -40.45
N PHE B 71 9.93 -8.85 -39.65
CA PHE B 71 9.35 -10.16 -39.85
C PHE B 71 8.14 -10.09 -38.94
N SER B 72 6.95 -10.31 -39.51
CA SER B 72 5.69 -10.30 -38.74
C SER B 72 5.60 -11.66 -38.04
N THR B 73 6.11 -11.72 -36.82
CA THR B 73 6.16 -12.97 -36.07
C THR B 73 5.23 -12.97 -34.85
N GLY B 74 5.73 -13.44 -33.71
CA GLY B 74 4.95 -13.52 -32.50
C GLY B 74 5.00 -14.96 -32.02
N ASN B 75 4.29 -15.29 -30.94
CA ASN B 75 4.26 -16.66 -30.42
C ASN B 75 3.64 -17.60 -31.46
N HIS B 76 4.08 -18.86 -31.48
CA HIS B 76 3.53 -19.83 -32.42
C HIS B 76 2.32 -20.44 -31.73
N PRO B 77 1.11 -20.25 -32.31
CA PRO B 77 -0.17 -20.75 -31.79
C PRO B 77 -0.24 -22.25 -31.51
N VAL B 78 0.43 -23.06 -32.33
CA VAL B 78 0.39 -24.50 -32.09
C VAL B 78 1.37 -24.88 -30.99
N GLU B 79 2.55 -24.27 -31.00
CA GLU B 79 3.53 -24.57 -29.98
C GLU B 79 2.94 -24.13 -28.63
N THR B 80 2.13 -23.07 -28.66
CA THR B 80 1.49 -22.49 -27.48
C THR B 80 0.28 -23.27 -26.95
N LEU B 81 -0.66 -23.58 -27.84
CA LEU B 81 -1.90 -24.26 -27.46
C LEU B 81 -1.91 -25.77 -27.33
N LEU B 82 -0.98 -26.47 -27.97
CA LEU B 82 -0.98 -27.91 -27.83
C LEU B 82 -0.54 -28.28 -26.40
N PRO B 83 0.49 -27.62 -25.87
CA PRO B 83 0.94 -27.94 -24.50
C PRO B 83 -0.11 -27.53 -23.50
N MET B 84 -0.77 -26.40 -23.75
CA MET B 84 -1.79 -25.89 -22.85
C MET B 84 -3.00 -26.80 -22.85
N TYR B 85 -3.36 -27.30 -24.03
CA TYR B 85 -4.49 -28.21 -24.13
C TYR B 85 -4.29 -29.45 -23.23
N HIS B 86 -3.17 -30.13 -23.36
CA HIS B 86 -2.93 -31.31 -22.53
C HIS B 86 -2.97 -31.00 -21.03
N LEU B 87 -2.33 -29.90 -20.65
CA LEU B 87 -2.28 -29.51 -19.25
C LEU B 87 -3.65 -29.08 -18.78
N ASP B 88 -4.47 -28.61 -19.72
CA ASP B 88 -5.82 -28.18 -19.38
C ASP B 88 -6.63 -29.43 -19.07
N LYS B 89 -6.44 -30.46 -19.89
CA LYS B 89 -7.13 -31.74 -19.74
C LYS B 89 -6.59 -32.50 -18.56
N ALA B 90 -5.34 -32.21 -18.20
CA ALA B 90 -4.70 -32.87 -17.08
C ALA B 90 -5.29 -32.32 -15.78
N GLY B 91 -5.96 -31.17 -15.88
CA GLY B 91 -6.57 -30.55 -14.71
C GLY B 91 -5.89 -29.28 -14.20
N PHE B 92 -4.94 -28.75 -14.96
CA PHE B 92 -4.22 -27.55 -14.51
C PHE B 92 -4.79 -26.23 -15.04
N SER B 93 -4.51 -25.15 -14.31
CA SER B 93 -4.99 -23.81 -14.68
C SER B 93 -3.82 -22.88 -15.12
N PHE B 94 -4.13 -21.77 -15.78
CA PHE B 94 -3.08 -20.88 -16.27
C PHE B 94 -3.21 -19.40 -15.91
N ASP B 95 -2.05 -18.75 -15.90
CA ASP B 95 -1.95 -17.33 -15.66
C ASP B 95 -1.10 -16.91 -16.86
N ILE B 96 -1.61 -15.99 -17.67
CA ILE B 96 -0.89 -15.54 -18.88
C ILE B 96 -0.29 -14.16 -18.70
N ALA B 97 1.00 -14.03 -18.97
CA ALA B 97 1.69 -12.74 -18.80
C ALA B 97 2.70 -12.31 -19.86
N THR B 98 2.86 -11.00 -19.99
CA THR B 98 3.82 -10.39 -20.91
C THR B 98 4.67 -9.40 -20.12
N LEU B 99 5.87 -9.12 -20.60
CA LEU B 99 6.77 -8.18 -19.93
C LEU B 99 6.13 -6.80 -19.70
N SER B 100 5.53 -6.25 -20.75
CA SER B 100 4.91 -4.93 -20.69
C SER B 100 3.44 -4.92 -20.21
N GLY B 101 2.75 -6.05 -20.34
CA GLY B 101 1.35 -6.09 -19.95
C GLY B 101 0.46 -6.04 -21.18
N ASN B 102 1.09 -5.74 -22.32
CA ASN B 102 0.40 -5.65 -23.60
C ASN B 102 -0.03 -7.01 -24.12
N PRO B 103 -1.03 -7.04 -25.02
CA PRO B 103 -1.54 -8.28 -25.60
C PRO B 103 -0.46 -9.23 -26.17
N VAL B 104 -0.66 -10.53 -25.92
CA VAL B 104 0.21 -11.58 -26.41
C VAL B 104 0.09 -11.59 -27.93
N LYS B 105 1.20 -11.71 -28.64
CA LYS B 105 1.15 -11.71 -30.11
C LYS B 105 1.37 -13.09 -30.70
N PHE B 106 0.39 -13.55 -31.47
CA PHE B 106 0.46 -14.84 -32.13
C PHE B 106 0.73 -14.63 -33.61
N GLU B 107 1.32 -15.65 -34.23
CA GLU B 107 1.56 -15.63 -35.66
C GLU B 107 0.26 -16.28 -36.10
N TRP B 108 -0.74 -15.46 -36.41
CA TRP B 108 -2.04 -15.99 -36.81
C TRP B 108 -2.01 -16.77 -38.12
N TRP B 109 -0.97 -16.56 -38.93
CA TRP B 109 -0.86 -17.29 -40.18
C TRP B 109 -0.50 -18.76 -39.93
N ALA B 110 -0.32 -19.13 -38.67
CA ALA B 110 0.04 -20.51 -38.31
C ALA B 110 -1.08 -21.23 -37.55
N MET B 111 -2.11 -20.48 -37.18
CA MET B 111 -3.24 -21.04 -36.47
C MET B 111 -4.00 -22.02 -37.37
N PRO B 112 -4.22 -23.26 -36.90
CA PRO B 112 -4.94 -24.20 -37.76
C PRO B 112 -6.45 -23.85 -37.71
N ARG B 113 -6.89 -23.12 -38.72
CA ARG B 113 -8.28 -22.67 -38.80
C ARG B 113 -9.38 -23.73 -38.80
N GLU B 114 -9.10 -24.90 -39.33
CA GLU B 114 -10.13 -25.96 -39.37
C GLU B 114 -10.04 -26.91 -38.18
N ASP B 115 -9.30 -26.52 -37.15
CA ASP B 115 -9.14 -27.34 -35.96
C ASP B 115 -10.06 -26.86 -34.83
N GLN B 116 -11.08 -27.64 -34.54
CA GLN B 116 -12.05 -27.29 -33.48
C GLN B 116 -11.44 -27.20 -32.09
N GLU B 117 -10.81 -28.27 -31.64
CA GLU B 117 -10.18 -28.32 -30.31
C GLU B 117 -9.27 -27.12 -30.01
N VAL B 118 -8.26 -26.92 -30.84
CA VAL B 118 -7.29 -25.84 -30.65
C VAL B 118 -7.92 -24.44 -30.70
N ASN B 119 -8.89 -24.25 -31.60
CA ASN B 119 -9.58 -22.97 -31.70
C ASN B 119 -10.44 -22.82 -30.45
N GLY B 120 -10.88 -23.96 -29.92
CA GLY B 120 -11.71 -23.96 -28.74
C GLY B 120 -10.90 -23.55 -27.52
N LEU B 121 -9.69 -24.07 -27.41
CA LEU B 121 -8.83 -23.74 -26.30
C LEU B 121 -8.43 -22.28 -26.34
N TYR B 122 -8.27 -21.75 -27.55
CA TYR B 122 -7.91 -20.36 -27.69
C TYR B 122 -9.07 -19.47 -27.21
N SER B 123 -10.28 -19.81 -27.63
CA SER B 123 -11.45 -19.02 -27.26
C SER B 123 -11.70 -19.08 -25.77
N LYS B 124 -11.23 -20.16 -25.14
CA LYS B 124 -11.43 -20.32 -23.71
C LYS B 124 -10.56 -19.33 -22.94
N TYR B 125 -9.35 -19.08 -23.44
CA TYR B 125 -8.39 -18.17 -22.79
C TYR B 125 -8.21 -16.83 -23.50
N GLN B 126 -8.95 -16.63 -24.59
CA GLN B 126 -8.84 -15.41 -25.38
C GLN B 126 -8.76 -14.10 -24.61
N SER B 127 -9.49 -13.97 -23.51
CA SER B 127 -9.44 -12.72 -22.76
C SER B 127 -8.15 -12.61 -21.95
N SER B 128 -7.52 -13.73 -21.64
CA SER B 128 -6.28 -13.68 -20.89
C SER B 128 -5.13 -13.32 -21.83
N PHE B 129 -5.18 -13.82 -23.07
CA PHE B 129 -4.15 -13.50 -24.04
C PHE B 129 -4.24 -12.02 -24.42
N ARG B 130 -5.45 -11.55 -24.71
CA ARG B 130 -5.67 -10.16 -25.10
C ARG B 130 -5.45 -9.15 -23.99
N GLN B 131 -5.63 -9.56 -22.74
CA GLN B 131 -5.43 -8.70 -21.58
C GLN B 131 -4.66 -9.52 -20.53
N PRO B 132 -3.36 -9.74 -20.77
CA PRO B 132 -2.56 -10.52 -19.81
C PRO B 132 -2.07 -9.76 -18.58
N LEU B 133 -1.41 -10.48 -17.71
CA LEU B 133 -0.85 -9.88 -16.50
C LEU B 133 0.50 -9.30 -16.93
N LYS B 134 1.02 -8.38 -16.14
CA LYS B 134 2.30 -7.77 -16.42
C LYS B 134 3.27 -8.57 -15.57
N LEU B 135 4.36 -9.04 -16.18
CA LEU B 135 5.31 -9.87 -15.44
C LEU B 135 5.83 -9.30 -14.13
N SER B 136 5.88 -7.97 -14.01
CA SER B 136 6.37 -7.37 -12.76
C SER B 136 5.39 -7.65 -11.63
N ASP B 137 4.09 -7.56 -11.93
CA ASP B 137 3.05 -7.79 -10.94
C ASP B 137 3.02 -9.24 -10.46
N VAL B 138 3.38 -10.16 -11.36
CA VAL B 138 3.39 -11.58 -11.02
C VAL B 138 4.54 -11.81 -10.04
N ILE B 139 5.69 -11.28 -10.41
CA ILE B 139 6.91 -11.41 -9.60
C ILE B 139 6.76 -10.79 -8.21
N GLU B 140 5.85 -9.84 -8.09
CA GLU B 140 5.66 -9.16 -6.82
C GLU B 140 4.57 -9.73 -5.92
N THR B 141 3.76 -10.64 -6.44
CA THR B 141 2.68 -11.19 -5.61
C THR B 141 2.37 -12.67 -5.77
N ALA B 142 2.76 -13.27 -6.88
CA ALA B 142 2.43 -14.66 -7.13
C ALA B 142 3.56 -15.69 -7.06
N LEU B 143 4.77 -15.26 -6.70
CA LEU B 143 5.87 -16.21 -6.61
C LEU B 143 6.15 -16.52 -5.14
N GLY B 144 7.40 -16.88 -4.83
CA GLY B 144 7.74 -17.20 -3.46
C GLY B 144 7.64 -18.68 -3.16
N GLU B 145 7.92 -19.03 -1.92
CA GLU B 145 7.87 -20.42 -1.49
C GLU B 145 6.45 -21.00 -1.56
N ASP B 146 5.45 -20.15 -1.35
CA ASP B 146 4.06 -20.60 -1.37
C ASP B 146 3.30 -20.30 -2.66
N SER B 147 4.01 -20.16 -3.76
CA SER B 147 3.37 -19.87 -5.04
C SER B 147 2.45 -21.03 -5.46
N ASP B 148 1.41 -20.69 -6.23
CA ASP B 148 0.48 -21.70 -6.72
C ASP B 148 0.93 -22.20 -8.09
N TYR B 149 2.08 -21.71 -8.55
CA TYR B 149 2.61 -22.12 -9.85
C TYR B 149 3.41 -23.40 -9.69
N ILE B 150 3.06 -24.40 -10.48
CA ILE B 150 3.78 -25.66 -10.42
C ILE B 150 4.79 -25.66 -11.56
N GLY B 151 4.86 -24.54 -12.27
CA GLY B 151 5.80 -24.43 -13.38
C GLY B 151 5.61 -23.20 -14.24
N VAL B 152 6.54 -23.00 -15.18
CA VAL B 152 6.52 -21.87 -16.10
C VAL B 152 6.66 -22.34 -17.55
N PHE B 153 5.76 -21.87 -18.41
CA PHE B 153 5.78 -22.26 -19.82
C PHE B 153 6.12 -21.05 -20.70
N ILE B 154 7.23 -21.15 -21.41
CA ILE B 154 7.64 -20.08 -22.30
C ILE B 154 7.53 -20.58 -23.74
N PRO B 155 6.35 -20.38 -24.37
CA PRO B 155 6.14 -20.83 -25.75
C PRO B 155 7.09 -20.20 -26.77
N GLY B 156 7.25 -20.91 -27.89
CA GLY B 156 8.13 -20.46 -28.94
C GLY B 156 7.54 -19.52 -29.96
N GLY B 157 8.25 -19.40 -31.09
CA GLY B 157 7.87 -18.49 -32.16
C GLY B 157 8.97 -17.46 -32.10
N HIS B 158 9.40 -16.92 -33.23
CA HIS B 158 10.47 -15.92 -33.20
C HIS B 158 10.13 -14.71 -32.33
N GLY B 159 8.89 -14.64 -31.84
CA GLY B 159 8.50 -13.52 -31.01
C GLY B 159 9.18 -13.57 -29.64
N ALA B 160 9.66 -14.75 -29.25
CA ALA B 160 10.29 -14.94 -27.97
C ALA B 160 11.72 -14.41 -28.00
N LEU B 161 12.17 -13.98 -29.17
CA LEU B 161 13.51 -13.44 -29.33
C LEU B 161 13.57 -11.95 -29.01
N MET B 162 12.44 -11.38 -28.58
CA MET B 162 12.38 -9.97 -28.26
C MET B 162 11.97 -9.73 -26.81
N GLY B 163 12.75 -8.88 -26.13
CA GLY B 163 12.46 -8.55 -24.75
C GLY B 163 12.88 -9.65 -23.78
N LEU B 164 12.24 -10.81 -23.92
CA LEU B 164 12.53 -11.93 -23.02
C LEU B 164 14.02 -12.31 -22.83
N PRO B 165 14.81 -12.36 -23.93
CA PRO B 165 16.23 -12.72 -23.84
C PRO B 165 17.14 -11.91 -22.91
N ASP B 166 16.70 -10.73 -22.46
CA ASP B 166 17.54 -9.97 -21.55
C ASP B 166 16.76 -9.15 -20.53
N SER B 167 15.62 -9.69 -20.11
CA SER B 167 14.75 -9.05 -19.14
C SER B 167 15.09 -9.49 -17.71
N GLN B 168 15.27 -8.51 -16.83
CA GLN B 168 15.57 -8.77 -15.43
C GLN B 168 14.40 -9.53 -14.81
N GLU B 169 13.19 -9.10 -15.17
CA GLU B 169 11.98 -9.71 -14.67
C GLU B 169 12.00 -11.21 -14.99
N VAL B 170 12.38 -11.52 -16.23
CA VAL B 170 12.45 -12.91 -16.66
C VAL B 170 13.56 -13.66 -15.90
N LYS B 171 14.71 -13.00 -15.70
CA LYS B 171 15.81 -13.63 -14.97
C LYS B 171 15.33 -14.01 -13.58
N ALA B 172 14.55 -13.12 -12.98
CA ALA B 172 13.99 -13.34 -11.65
C ALA B 172 13.08 -14.56 -11.67
N VAL B 173 12.23 -14.63 -12.68
CA VAL B 173 11.32 -15.76 -12.80
C VAL B 173 12.04 -17.11 -12.96
N LEU B 174 13.08 -17.12 -13.80
CA LEU B 174 13.85 -18.34 -14.03
C LEU B 174 14.66 -18.75 -12.79
N GLN B 175 15.17 -17.78 -12.04
CA GLN B 175 15.91 -18.14 -10.84
C GLN B 175 14.94 -18.70 -9.82
N TRP B 176 13.74 -18.13 -9.77
CA TRP B 176 12.71 -18.59 -8.86
C TRP B 176 12.38 -20.05 -9.17
N ALA B 177 12.07 -20.30 -10.45
CA ALA B 177 11.72 -21.61 -10.92
C ALA B 177 12.77 -22.64 -10.52
N MET B 178 14.03 -22.31 -10.75
CA MET B 178 15.13 -23.20 -10.40
C MET B 178 15.27 -23.30 -8.88
N LYS B 179 15.30 -22.15 -8.21
CA LYS B 179 15.39 -22.05 -6.76
C LYS B 179 14.35 -22.94 -6.10
N GLN B 180 13.10 -22.77 -6.54
CA GLN B 180 11.98 -23.49 -5.98
C GLN B 180 11.77 -24.88 -6.55
N ASN B 181 12.65 -25.30 -7.45
CA ASN B 181 12.56 -26.62 -8.08
C ASN B 181 11.21 -26.85 -8.79
N LYS B 182 10.83 -25.88 -9.60
CA LYS B 182 9.60 -25.92 -10.39
C LYS B 182 9.91 -26.39 -11.81
N PHE B 183 8.86 -26.59 -12.59
CA PHE B 183 9.04 -27.02 -13.97
C PHE B 183 9.21 -25.84 -14.92
N ILE B 184 10.20 -25.93 -15.81
CA ILE B 184 10.41 -24.90 -16.83
C ILE B 184 10.13 -25.62 -18.15
N ILE B 185 9.15 -25.12 -18.91
CA ILE B 185 8.75 -25.73 -20.17
C ILE B 185 8.88 -24.77 -21.34
N SER B 186 9.52 -25.20 -22.41
CA SER B 186 9.67 -24.32 -23.57
C SER B 186 10.08 -25.10 -24.81
N LEU B 187 9.96 -24.48 -25.98
CA LEU B 187 10.35 -25.13 -27.23
C LEU B 187 10.65 -24.10 -28.32
N CYS B 188 11.13 -24.60 -29.46
CA CYS B 188 11.45 -23.77 -30.63
C CYS B 188 12.42 -22.63 -30.24
N HIS B 189 12.03 -21.39 -30.47
CA HIS B 189 12.92 -20.31 -30.08
C HIS B 189 12.66 -19.83 -28.66
N GLY B 190 11.75 -20.50 -27.97
CA GLY B 190 11.43 -20.15 -26.60
C GLY B 190 12.66 -20.13 -25.71
N PRO B 191 13.51 -21.17 -25.78
CA PRO B 191 14.70 -21.15 -24.91
C PRO B 191 15.55 -19.88 -25.03
N ALA B 192 15.22 -19.02 -25.98
CA ALA B 192 15.96 -17.77 -26.15
C ALA B 192 15.86 -16.97 -24.85
N ALA B 193 14.67 -16.99 -24.27
CA ALA B 193 14.41 -16.29 -23.01
C ALA B 193 15.39 -16.66 -21.91
N PHE B 194 15.92 -17.89 -21.95
CA PHE B 194 16.85 -18.33 -20.93
C PHE B 194 18.04 -17.36 -20.81
N LEU B 195 18.39 -16.73 -21.94
CA LEU B 195 19.50 -15.79 -21.99
C LEU B 195 19.34 -14.60 -21.02
N ALA B 196 18.14 -14.45 -20.48
CA ALA B 196 17.87 -13.36 -19.55
C ALA B 196 18.74 -13.48 -18.29
N VAL B 197 19.35 -14.64 -18.10
CA VAL B 197 20.18 -14.85 -16.93
C VAL B 197 21.52 -14.16 -17.05
N GLY B 198 21.93 -13.89 -18.29
CA GLY B 198 23.19 -13.23 -18.54
C GLY B 198 24.38 -14.04 -18.05
N ASP B 199 25.16 -13.41 -17.18
CA ASP B 199 26.37 -14.00 -16.59
C ASP B 199 26.17 -15.24 -15.72
N ASP B 200 25.09 -15.27 -14.95
CA ASP B 200 24.81 -16.36 -14.04
C ASP B 200 24.89 -17.75 -14.70
N PRO B 201 25.79 -18.61 -14.20
CA PRO B 201 26.00 -19.98 -14.71
C PRO B 201 24.93 -20.93 -14.20
N LEU B 202 23.75 -20.37 -13.94
CA LEU B 202 22.60 -21.11 -13.44
C LEU B 202 22.20 -22.36 -14.23
N PHE B 203 22.52 -22.41 -15.52
CA PHE B 203 22.14 -23.55 -16.35
C PHE B 203 23.30 -24.39 -16.84
N ALA B 204 24.48 -24.18 -16.26
CA ALA B 204 25.64 -24.94 -16.68
C ALA B 204 25.31 -26.42 -16.66
N GLY B 205 25.68 -27.10 -17.74
CA GLY B 205 25.44 -28.53 -17.81
C GLY B 205 24.05 -28.99 -18.20
N TYR B 206 23.10 -28.08 -18.34
CA TYR B 206 21.76 -28.50 -18.71
C TYR B 206 21.65 -28.89 -20.19
N LYS B 207 20.88 -29.93 -20.45
CA LYS B 207 20.67 -30.41 -21.82
C LYS B 207 19.27 -30.06 -22.28
N ILE B 208 19.16 -29.51 -23.49
CA ILE B 208 17.87 -29.12 -24.03
C ILE B 208 17.88 -29.28 -25.56
N VAL B 209 16.72 -29.06 -26.14
CA VAL B 209 16.58 -29.07 -27.59
C VAL B 209 15.97 -27.70 -27.91
N ALA B 210 16.29 -27.19 -29.09
CA ALA B 210 15.79 -25.90 -29.54
C ALA B 210 15.99 -25.83 -31.04
N PHE B 211 15.33 -24.87 -31.67
CA PHE B 211 15.41 -24.70 -33.11
C PHE B 211 16.84 -24.38 -33.54
N PRO B 212 17.43 -25.17 -34.45
CA PRO B 212 18.79 -24.97 -34.94
C PRO B 212 19.05 -23.61 -35.61
N ASP B 213 20.10 -22.91 -35.17
CA ASP B 213 20.47 -21.62 -35.75
C ASP B 213 20.57 -21.84 -37.26
N GLU B 214 21.15 -22.98 -37.61
CA GLU B 214 21.34 -23.39 -38.98
C GLU B 214 20.09 -23.25 -39.83
N MET B 215 18.95 -23.65 -39.30
CA MET B 215 17.72 -23.56 -40.09
C MET B 215 17.18 -22.15 -40.23
N ASP B 216 17.46 -21.29 -39.24
CA ASP B 216 17.02 -19.90 -39.33
C ASP B 216 17.78 -19.26 -40.49
N ALA B 217 18.91 -19.86 -40.84
CA ALA B 217 19.72 -19.38 -41.94
C ALA B 217 19.23 -19.90 -43.29
N GLN B 218 18.30 -20.85 -43.28
CA GLN B 218 17.80 -21.42 -44.54
C GLN B 218 16.38 -20.97 -44.91
N THR B 219 15.50 -20.95 -43.92
CA THR B 219 14.12 -20.58 -44.15
C THR B 219 13.92 -19.29 -44.95
N PRO B 220 14.87 -18.36 -44.88
CA PRO B 220 14.63 -17.15 -45.68
C PRO B 220 14.76 -17.39 -47.19
N SER B 221 15.45 -18.46 -47.57
CA SER B 221 15.63 -18.74 -48.99
C SER B 221 14.29 -19.03 -49.67
N ILE B 222 13.28 -19.41 -48.89
CA ILE B 222 11.95 -19.67 -49.46
C ILE B 222 10.93 -18.63 -49.02
N GLY B 223 11.40 -17.54 -48.40
CA GLY B 223 10.51 -16.47 -47.97
C GLY B 223 9.76 -16.62 -46.66
N TYR B 224 10.24 -17.49 -45.78
CA TYR B 224 9.59 -17.69 -44.50
C TYR B 224 9.80 -16.44 -43.65
N MET B 225 10.89 -15.74 -43.93
CA MET B 225 11.25 -14.50 -43.25
C MET B 225 11.71 -13.53 -44.34
N PRO B 226 11.56 -12.21 -44.12
CA PRO B 226 11.98 -11.24 -45.12
C PRO B 226 13.46 -10.88 -45.02
N GLY B 227 14.21 -11.68 -44.26
CA GLY B 227 15.63 -11.44 -44.09
C GLY B 227 16.20 -12.45 -43.13
N HIS B 228 17.40 -12.19 -42.62
CA HIS B 228 18.04 -13.11 -41.68
C HIS B 228 18.12 -12.51 -40.28
N LEU B 229 18.13 -13.37 -39.26
CA LEU B 229 18.23 -12.92 -37.88
C LEU B 229 19.56 -12.17 -37.69
N THR B 230 19.59 -11.20 -36.78
CA THR B 230 20.80 -10.43 -36.54
C THR B 230 21.68 -10.98 -35.44
N TRP B 231 21.44 -12.22 -35.05
CA TRP B 231 22.24 -12.87 -34.02
C TRP B 231 21.74 -14.29 -33.87
N LYS B 232 22.56 -15.18 -33.32
CA LYS B 232 22.18 -16.57 -33.19
C LYS B 232 21.93 -17.00 -31.75
N PHE B 233 20.66 -17.29 -31.42
CA PHE B 233 20.35 -17.68 -30.05
C PHE B 233 20.96 -19.03 -29.62
N GLY B 234 21.22 -19.90 -30.58
CA GLY B 234 21.80 -21.19 -30.26
C GLY B 234 23.22 -21.09 -29.71
N GLU B 235 24.07 -20.36 -30.43
CA GLU B 235 25.45 -20.17 -30.01
C GLU B 235 25.52 -19.44 -28.69
N GLN B 236 24.50 -18.64 -28.41
CA GLN B 236 24.39 -17.87 -27.19
C GLN B 236 24.09 -18.75 -26.00
N LEU B 237 23.18 -19.68 -26.21
CA LEU B 237 22.79 -20.59 -25.15
C LEU B 237 23.97 -21.46 -24.78
N GLN B 238 24.71 -21.90 -25.80
CA GLN B 238 25.86 -22.74 -25.55
C GLN B 238 26.85 -21.95 -24.71
N ALA B 239 26.92 -20.65 -25.00
CA ALA B 239 27.83 -19.75 -24.30
C ALA B 239 27.60 -19.72 -22.79
N ILE B 240 26.36 -19.93 -22.37
CA ILE B 240 26.05 -19.94 -20.94
C ILE B 240 25.82 -21.33 -20.39
N GLY B 241 26.49 -22.32 -20.98
CA GLY B 241 26.41 -23.69 -20.48
C GLY B 241 25.41 -24.72 -20.98
N PHE B 242 24.39 -24.32 -21.72
CA PHE B 242 23.42 -25.30 -22.22
C PHE B 242 24.07 -26.20 -23.26
N GLU B 243 23.53 -27.40 -23.39
CA GLU B 243 24.01 -28.30 -24.42
C GLU B 243 22.78 -28.44 -25.32
N LEU B 244 22.92 -28.07 -26.59
CA LEU B 244 21.80 -28.21 -27.52
C LEU B 244 22.01 -29.59 -28.15
N LEU B 245 21.02 -30.46 -28.06
CA LEU B 245 21.16 -31.84 -28.56
C LEU B 245 20.80 -32.18 -30.02
N ASN B 246 19.84 -31.46 -30.59
CA ASN B 246 19.39 -31.74 -31.95
C ASN B 246 20.05 -30.89 -33.03
N THR B 247 20.44 -31.53 -34.12
CA THR B 247 21.07 -30.85 -35.25
C THR B 247 19.96 -30.45 -36.23
N GLY B 248 18.81 -31.11 -36.09
CA GLY B 248 17.68 -30.82 -36.93
C GLY B 248 16.43 -30.79 -36.06
N ILE B 249 15.28 -31.03 -36.69
CA ILE B 249 14.00 -31.01 -35.97
C ILE B 249 13.16 -32.22 -36.39
N SER B 250 12.43 -32.78 -35.44
CA SER B 250 11.59 -33.96 -35.71
C SER B 250 10.52 -34.17 -34.64
N GLY B 251 10.23 -33.13 -33.88
CA GLY B 251 9.22 -33.24 -32.85
C GLY B 251 9.78 -33.80 -31.57
N GLN B 252 11.09 -33.90 -31.54
CA GLN B 252 11.81 -34.42 -30.38
C GLN B 252 11.60 -33.55 -29.15
N VAL B 253 11.38 -34.18 -28.00
CA VAL B 253 11.24 -33.47 -26.72
C VAL B 253 12.28 -34.02 -25.75
N PHE B 254 12.72 -33.20 -24.81
CA PHE B 254 13.70 -33.68 -23.85
C PHE B 254 13.39 -33.24 -22.42
N GLN B 255 13.84 -34.04 -21.46
CA GLN B 255 13.63 -33.74 -20.05
C GLN B 255 14.94 -33.84 -19.29
N ASP B 256 15.43 -32.71 -18.79
CA ASP B 256 16.65 -32.73 -17.99
C ASP B 256 16.17 -32.27 -16.63
N ARG B 257 15.92 -33.23 -15.74
CA ARG B 257 15.40 -32.93 -14.41
C ARG B 257 14.05 -32.28 -14.63
N LYS B 258 13.90 -31.01 -14.24
CA LYS B 258 12.61 -30.36 -14.45
C LYS B 258 12.56 -29.41 -15.64
N MET B 259 13.58 -29.47 -16.49
CA MET B 259 13.66 -28.63 -17.69
C MET B 259 13.03 -29.44 -18.82
N LEU B 260 11.90 -28.97 -19.34
CA LEU B 260 11.21 -29.67 -20.42
C LEU B 260 11.19 -28.82 -21.68
N THR B 261 11.79 -29.32 -22.77
CA THR B 261 11.87 -28.57 -24.02
C THR B 261 11.55 -29.34 -25.29
N GLY B 262 11.04 -28.60 -26.28
CA GLY B 262 10.69 -29.17 -27.57
C GLY B 262 11.64 -28.53 -28.56
N ASP B 263 11.80 -29.13 -29.74
CA ASP B 263 12.75 -28.60 -30.71
C ASP B 263 12.20 -27.80 -31.88
N SER B 264 10.90 -27.84 -32.09
CA SER B 264 10.36 -27.16 -33.25
C SER B 264 8.85 -27.04 -33.20
N PRO B 265 8.24 -26.50 -34.27
CA PRO B 265 6.79 -26.39 -34.22
C PRO B 265 6.16 -27.78 -34.23
N LEU B 266 6.99 -28.80 -34.47
CA LEU B 266 6.53 -30.18 -34.52
C LEU B 266 6.50 -30.86 -33.14
N ALA B 267 6.95 -30.17 -32.11
CA ALA B 267 7.00 -30.78 -30.78
C ALA B 267 5.86 -30.39 -29.84
N GLY B 268 4.90 -29.64 -30.33
CA GLY B 268 3.78 -29.20 -29.51
C GLY B 268 3.06 -30.30 -28.76
N ASN B 269 2.49 -31.23 -29.50
CA ASN B 269 1.74 -32.32 -28.90
C ASN B 269 2.63 -33.13 -27.95
N ALA B 270 3.79 -33.54 -28.46
CA ALA B 270 4.73 -34.33 -27.67
C ALA B 270 5.11 -33.63 -26.37
N LEU B 271 5.20 -32.30 -26.39
CA LEU B 271 5.55 -31.53 -25.19
C LEU B 271 4.37 -31.46 -24.23
N GLY B 272 3.15 -31.37 -24.77
CA GLY B 272 1.98 -31.31 -23.92
C GLY B 272 1.87 -32.63 -23.17
N GLN B 273 2.18 -33.71 -23.86
CA GLN B 273 2.11 -35.01 -23.25
C GLN B 273 3.16 -35.11 -22.14
N LEU B 274 4.40 -34.77 -22.45
CA LEU B 274 5.49 -34.83 -21.48
C LEU B 274 5.20 -33.99 -20.24
N ALA B 275 4.79 -32.74 -20.45
CA ALA B 275 4.50 -31.83 -19.35
C ALA B 275 3.38 -32.33 -18.46
N ALA B 276 2.34 -32.90 -19.07
CA ALA B 276 1.21 -33.41 -18.33
C ALA B 276 1.60 -34.65 -17.54
N LYS B 277 2.41 -35.51 -18.16
CA LYS B 277 2.85 -36.74 -17.51
C LYS B 277 3.74 -36.37 -16.32
N ALA B 278 4.76 -35.57 -16.58
CA ALA B 278 5.70 -35.14 -15.56
C ALA B 278 5.03 -34.43 -14.40
N LEU B 279 4.08 -33.56 -14.71
CA LEU B 279 3.38 -32.79 -13.69
C LEU B 279 2.38 -33.58 -12.84
N LEU B 280 1.74 -34.57 -13.44
CA LEU B 280 0.77 -35.39 -12.71
C LEU B 280 1.49 -36.25 -11.68
N ALA B 281 2.66 -36.75 -12.03
CA ALA B 281 3.43 -37.57 -11.11
C ALA B 281 3.89 -36.68 -9.96
N GLU B 282 4.22 -35.44 -10.31
CA GLU B 282 4.68 -34.43 -9.36
C GLU B 282 3.64 -34.08 -8.31
N VAL B 283 2.37 -34.32 -8.62
CA VAL B 283 1.29 -34.00 -7.70
C VAL B 283 0.71 -35.21 -6.98
N GLU B 284 1.44 -36.31 -6.98
CA GLU B 284 0.98 -37.52 -6.32
C GLU B 284 2.07 -38.10 -5.41
N GLN B 285 1.79 -38.08 -4.11
CA GLN B 285 2.75 -38.59 -3.14
C GLN B 285 2.25 -39.87 -2.46
N MET C 5 -52.45 -3.73 12.59
CA MET C 5 -51.13 -4.08 13.20
C MET C 5 -50.83 -3.22 14.42
N ASN C 6 -51.63 -3.39 15.46
CA ASN C 6 -51.48 -2.66 16.73
C ASN C 6 -50.78 -3.50 17.78
N ASP C 7 -50.17 -4.61 17.36
CA ASP C 7 -49.47 -5.49 18.28
C ASP C 7 -48.17 -4.89 18.81
N LYS C 8 -48.10 -4.70 20.12
CA LYS C 8 -46.91 -4.12 20.72
C LYS C 8 -45.92 -5.13 21.28
N HIS C 9 -46.07 -6.40 20.91
CA HIS C 9 -45.16 -7.42 21.40
C HIS C 9 -43.95 -7.66 20.49
N PRO C 10 -42.75 -7.70 21.09
CA PRO C 10 -41.54 -7.90 20.29
C PRO C 10 -41.75 -9.11 19.38
N THR C 11 -41.30 -9.02 18.14
CA THR C 11 -41.44 -10.11 17.20
C THR C 11 -40.23 -11.05 17.26
N PRO C 12 -40.46 -12.34 17.54
CA PRO C 12 -39.31 -13.25 17.61
C PRO C 12 -38.51 -13.32 16.30
N ASP C 13 -37.19 -13.39 16.43
CA ASP C 13 -36.28 -13.50 15.27
C ASP C 13 -35.96 -14.99 15.15
N PRO C 14 -36.61 -15.70 14.21
CA PRO C 14 -36.38 -17.13 14.03
C PRO C 14 -34.93 -17.58 13.92
N ALA C 15 -34.05 -16.72 13.43
CA ALA C 15 -32.64 -17.08 13.26
C ALA C 15 -31.84 -17.18 14.56
N GLU C 16 -32.30 -16.51 15.62
CA GLU C 16 -31.59 -16.56 16.88
C GLU C 16 -32.52 -16.86 18.06
N ASP C 17 -31.96 -17.49 19.08
CA ASP C 17 -32.72 -17.85 20.26
C ASP C 17 -32.91 -16.64 21.18
N ASN C 18 -34.15 -16.45 21.64
CA ASN C 18 -34.49 -15.36 22.55
C ASN C 18 -34.03 -14.01 22.02
N ALA C 19 -34.25 -13.82 20.73
CA ALA C 19 -33.92 -12.57 20.04
C ALA C 19 -35.24 -12.07 19.49
N PHE C 20 -35.38 -10.75 19.37
CA PHE C 20 -36.62 -10.20 18.87
C PHE C 20 -36.47 -8.94 17.99
N PHE C 21 -37.23 -8.90 16.88
CA PHE C 21 -37.23 -7.74 16.00
C PHE C 21 -38.17 -6.76 16.70
N PRO C 22 -38.24 -5.51 16.24
CA PRO C 22 -39.14 -4.56 16.89
C PRO C 22 -40.59 -5.02 16.70
N SER C 23 -41.47 -4.66 17.64
CA SER C 23 -42.88 -5.06 17.55
C SER C 23 -43.53 -4.60 16.24
N ALA C 24 -44.60 -5.30 15.84
CA ALA C 24 -45.33 -4.97 14.62
C ALA C 24 -45.90 -3.54 14.70
N TYR C 25 -46.18 -3.11 15.93
CA TYR C 25 -46.71 -1.77 16.13
C TYR C 25 -45.60 -0.73 16.00
N SER C 26 -44.52 -0.92 16.77
CA SER C 26 -43.39 -0.01 16.77
C SER C 26 -42.86 0.15 15.35
N LEU C 27 -42.78 -0.96 14.62
CA LEU C 27 -42.32 -0.93 13.24
C LEU C 27 -43.28 -0.10 12.40
N SER C 28 -44.55 -0.16 12.75
CA SER C 28 -45.57 0.60 12.03
C SER C 28 -45.33 2.10 12.23
N GLN C 29 -44.98 2.47 13.45
CA GLN C 29 -44.73 3.86 13.80
C GLN C 29 -43.39 4.42 13.29
N PHE C 30 -42.32 3.63 13.40
CA PHE C 30 -40.99 4.09 13.00
C PHE C 30 -40.41 3.61 11.67
N THR C 31 -41.24 3.01 10.81
CA THR C 31 -40.76 2.49 9.53
C THR C 31 -41.66 2.83 8.35
N ALA C 32 -41.07 2.94 7.18
CA ALA C 32 -41.81 3.24 5.95
C ALA C 32 -41.34 2.37 4.79
N SER C 33 -42.18 2.24 3.77
CA SER C 33 -41.84 1.44 2.61
C SER C 33 -41.10 2.30 1.59
N LYS C 34 -40.96 3.59 1.91
CA LYS C 34 -40.25 4.51 1.04
C LYS C 34 -39.44 5.49 1.91
N SER C 35 -38.43 6.14 1.34
CA SER C 35 -37.64 7.10 2.10
C SER C 35 -37.95 8.53 1.67
N ASP C 36 -37.30 9.50 2.31
CA ASP C 36 -37.51 10.91 1.99
C ASP C 36 -36.31 11.49 1.24
N LEU C 37 -35.77 10.67 0.35
CA LEU C 37 -34.63 11.04 -0.46
C LEU C 37 -34.97 12.14 -1.46
N SER C 38 -34.11 13.17 -1.53
CA SER C 38 -34.31 14.30 -2.43
C SER C 38 -33.06 15.16 -2.58
N GLY C 39 -33.00 15.92 -3.69
CA GLY C 39 -31.88 16.79 -3.93
C GLY C 39 -30.54 16.08 -4.04
N ALA C 40 -30.56 14.83 -4.50
CA ALA C 40 -29.33 14.08 -4.64
C ALA C 40 -28.76 14.21 -6.06
N HIS C 41 -28.71 15.44 -6.56
CA HIS C 41 -28.20 15.71 -7.90
C HIS C 41 -27.14 16.81 -7.76
N TYR C 42 -26.04 16.68 -8.49
CA TYR C 42 -24.96 17.67 -8.41
C TYR C 42 -24.45 18.05 -9.80
N PRO C 43 -24.53 19.35 -10.15
CA PRO C 43 -24.10 19.90 -11.44
C PRO C 43 -22.65 19.64 -11.85
N THR C 44 -21.70 19.89 -10.95
CA THR C 44 -20.30 19.63 -11.29
C THR C 44 -19.69 18.66 -10.28
N PRO C 45 -20.05 17.37 -10.40
CA PRO C 45 -19.55 16.32 -9.50
C PRO C 45 -18.11 15.87 -9.79
N TYR C 46 -17.48 15.29 -8.78
CA TYR C 46 -16.11 14.77 -8.92
C TYR C 46 -16.14 13.63 -9.93
N GLN C 47 -15.16 13.61 -10.84
CA GLN C 47 -15.11 12.56 -11.84
C GLN C 47 -13.80 11.80 -11.86
N GLY C 48 -12.94 12.09 -10.89
CA GLY C 48 -11.67 11.40 -10.83
C GLY C 48 -11.88 10.02 -10.24
N GLY C 49 -10.81 9.23 -10.19
CA GLY C 49 -10.94 7.89 -9.64
C GLY C 49 -10.19 7.66 -8.35
N ARG C 50 -9.84 8.73 -7.64
CA ARG C 50 -9.10 8.59 -6.40
C ARG C 50 -9.93 8.62 -5.10
N TRP C 51 -10.49 9.78 -4.77
CA TRP C 51 -11.24 9.93 -3.53
C TRP C 51 -12.32 8.88 -3.25
N LYS C 52 -12.36 8.48 -1.98
CA LYS C 52 -13.30 7.49 -1.48
C LYS C 52 -13.67 7.92 -0.07
N ILE C 53 -14.71 7.29 0.47
CA ILE C 53 -15.17 7.53 1.83
C ILE C 53 -15.11 6.15 2.49
N LEU C 54 -14.40 6.05 3.60
CA LEU C 54 -14.28 4.78 4.32
C LEU C 54 -15.51 4.62 5.18
N VAL C 55 -16.32 3.62 4.83
CA VAL C 55 -17.55 3.30 5.53
C VAL C 55 -17.27 2.23 6.59
N VAL C 56 -17.50 2.54 7.85
CA VAL C 56 -17.29 1.56 8.91
C VAL C 56 -18.65 1.06 9.35
N GLY C 57 -18.94 -0.20 9.00
CA GLY C 57 -20.23 -0.79 9.34
C GLY C 57 -20.23 -1.64 10.59
N ALA C 58 -21.41 -2.14 10.95
CA ALA C 58 -21.54 -2.97 12.14
C ALA C 58 -21.53 -4.44 11.70
N ASP C 59 -20.75 -5.27 12.38
CA ASP C 59 -20.71 -6.68 12.00
C ASP C 59 -21.58 -7.62 12.84
N GLU C 60 -22.23 -7.09 13.87
CA GLU C 60 -23.11 -7.92 14.72
C GLU C 60 -24.57 -7.46 14.59
N ARG C 61 -25.50 -8.36 14.86
CA ARG C 61 -26.92 -8.01 14.77
C ARG C 61 -27.61 -8.12 16.12
N TYR C 62 -27.10 -9.00 16.98
CA TYR C 62 -27.71 -9.22 18.29
C TYR C 62 -27.17 -8.40 19.44
N LEU C 63 -27.96 -7.42 19.86
CA LEU C 63 -27.58 -6.54 20.97
C LEU C 63 -28.16 -7.09 22.29
N MET C 64 -27.29 -7.32 23.25
CA MET C 64 -27.70 -7.85 24.54
C MET C 64 -28.38 -6.79 25.40
N MET C 65 -29.62 -7.05 25.77
CA MET C 65 -30.39 -6.13 26.60
C MET C 65 -30.08 -6.44 28.07
N ASP C 66 -30.59 -5.58 28.96
CA ASP C 66 -30.38 -5.75 30.38
C ASP C 66 -31.18 -6.91 30.97
N ASN C 67 -32.16 -7.42 30.22
CA ASN C 67 -32.98 -8.53 30.69
C ASN C 67 -32.59 -9.88 30.12
N GLY C 68 -31.41 -9.94 29.49
CA GLY C 68 -30.95 -11.20 28.93
C GLY C 68 -31.41 -11.48 27.50
N THR C 69 -32.29 -10.65 26.94
CA THR C 69 -32.77 -10.87 25.58
C THR C 69 -31.86 -10.20 24.55
N PHE C 70 -32.04 -10.58 23.29
CA PHE C 70 -31.27 -10.02 22.18
C PHE C 70 -32.14 -9.10 21.37
N PHE C 71 -31.67 -7.89 21.14
CA PHE C 71 -32.39 -6.96 20.28
C PHE C 71 -31.84 -7.27 18.89
N SER C 72 -32.71 -7.63 17.94
CA SER C 72 -32.26 -7.91 16.58
C SER C 72 -32.12 -6.56 15.87
N THR C 73 -30.88 -6.07 15.78
CA THR C 73 -30.64 -4.76 15.19
C THR C 73 -29.64 -4.76 14.02
N GLY C 74 -28.57 -3.97 14.14
CA GLY C 74 -27.58 -3.87 13.10
C GLY C 74 -27.58 -2.44 12.60
N ASN C 75 -26.94 -2.17 11.48
CA ASN C 75 -26.96 -0.82 10.93
C ASN C 75 -28.38 -0.52 10.42
N HIS C 76 -28.78 0.74 10.50
CA HIS C 76 -30.09 1.12 10.00
C HIS C 76 -29.88 1.34 8.50
N PRO C 77 -30.65 0.65 7.66
CA PRO C 77 -30.54 0.77 6.20
C PRO C 77 -30.75 2.18 5.62
N VAL C 78 -31.63 2.97 6.21
CA VAL C 78 -31.88 4.30 5.68
C VAL C 78 -30.78 5.28 6.06
N GLU C 79 -30.33 5.22 7.31
CA GLU C 79 -29.28 6.09 7.80
C GLU C 79 -27.98 5.82 7.05
N THR C 80 -27.86 4.60 6.53
CA THR C 80 -26.67 4.18 5.82
C THR C 80 -26.63 4.50 4.33
N LEU C 81 -27.66 4.07 3.62
CA LEU C 81 -27.73 4.23 2.18
C LEU C 81 -28.04 5.63 1.62
N LEU C 82 -28.69 6.49 2.39
CA LEU C 82 -28.96 7.82 1.86
C LEU C 82 -27.72 8.72 1.85
N PRO C 83 -26.94 8.72 2.95
CA PRO C 83 -25.74 9.58 2.92
C PRO C 83 -24.85 9.09 1.77
N MET C 84 -24.82 7.77 1.60
CA MET C 84 -24.03 7.12 0.57
C MET C 84 -24.57 7.44 -0.82
N TYR C 85 -25.88 7.65 -0.93
CA TYR C 85 -26.49 7.96 -2.21
C TYR C 85 -25.92 9.30 -2.73
N HIS C 86 -26.15 10.39 -2.00
CA HIS C 86 -25.65 11.71 -2.40
C HIS C 86 -24.15 11.69 -2.73
N LEU C 87 -23.35 11.11 -1.84
CA LEU C 87 -21.92 11.04 -2.06
C LEU C 87 -21.59 10.27 -3.34
N ASP C 88 -22.46 9.31 -3.69
CA ASP C 88 -22.29 8.52 -4.91
C ASP C 88 -22.57 9.45 -6.08
N LYS C 89 -23.78 10.01 -6.11
CA LYS C 89 -24.16 10.91 -7.18
C LYS C 89 -23.17 12.07 -7.27
N ALA C 90 -22.58 12.43 -6.13
CA ALA C 90 -21.60 13.50 -6.08
C ALA C 90 -20.29 13.05 -6.77
N GLY C 91 -20.18 11.73 -7.00
CA GLY C 91 -19.01 11.19 -7.68
C GLY C 91 -17.92 10.54 -6.85
N PHE C 92 -18.21 10.15 -5.62
CA PHE C 92 -17.19 9.52 -4.77
C PHE C 92 -17.41 8.00 -4.70
N SER C 93 -16.42 7.27 -4.21
CA SER C 93 -16.52 5.82 -4.08
C SER C 93 -16.48 5.42 -2.62
N PHE C 94 -16.62 4.13 -2.36
CA PHE C 94 -16.64 3.64 -0.99
C PHE C 94 -15.83 2.39 -0.73
N ASP C 95 -15.20 2.35 0.43
CA ASP C 95 -14.46 1.17 0.86
C ASP C 95 -15.22 0.79 2.12
N ILE C 96 -15.84 -0.39 2.12
CA ILE C 96 -16.63 -0.83 3.27
C ILE C 96 -15.90 -1.82 4.18
N ALA C 97 -15.83 -1.47 5.47
CA ALA C 97 -15.15 -2.31 6.43
C ALA C 97 -15.90 -2.56 7.73
N THR C 98 -15.61 -3.70 8.35
CA THR C 98 -16.17 -4.06 9.63
C THR C 98 -14.97 -4.47 10.48
N LEU C 99 -15.11 -4.48 11.79
CA LEU C 99 -14.00 -4.87 12.63
C LEU C 99 -13.52 -6.28 12.31
N SER C 100 -14.45 -7.23 12.32
CA SER C 100 -14.12 -8.62 12.05
C SER C 100 -13.90 -8.93 10.58
N GLY C 101 -14.50 -8.15 9.69
CA GLY C 101 -14.34 -8.45 8.28
C GLY C 101 -15.53 -9.29 7.85
N ASN C 102 -16.39 -9.60 8.81
CA ASN C 102 -17.61 -10.35 8.56
C ASN C 102 -18.65 -9.44 7.92
N PRO C 103 -19.68 -10.01 7.29
CA PRO C 103 -20.75 -9.26 6.64
C PRO C 103 -21.37 -8.14 7.46
N VAL C 104 -21.62 -7.00 6.82
CA VAL C 104 -22.25 -5.86 7.47
C VAL C 104 -23.68 -6.31 7.80
N LYS C 105 -24.18 -5.88 8.96
CA LYS C 105 -25.52 -6.27 9.40
C LYS C 105 -26.54 -5.14 9.39
N PHE C 106 -27.66 -5.35 8.70
CA PHE C 106 -28.71 -4.35 8.59
C PHE C 106 -29.98 -4.74 9.30
N GLU C 107 -30.74 -3.71 9.69
CA GLU C 107 -32.03 -3.90 10.32
C GLU C 107 -32.94 -3.91 9.08
N TRP C 108 -33.05 -5.07 8.45
CA TRP C 108 -33.84 -5.19 7.23
C TRP C 108 -35.31 -4.87 7.43
N TRP C 109 -35.76 -4.86 8.68
CA TRP C 109 -37.14 -4.53 8.98
C TRP C 109 -37.37 -3.03 8.81
N ALA C 110 -36.27 -2.29 8.56
CA ALA C 110 -36.34 -0.84 8.38
C ALA C 110 -36.04 -0.46 6.93
N MET C 111 -35.70 -1.45 6.12
CA MET C 111 -35.40 -1.18 4.73
C MET C 111 -36.68 -0.80 4.01
N PRO C 112 -36.70 0.37 3.34
CA PRO C 112 -37.89 0.83 2.60
C PRO C 112 -38.02 -0.05 1.35
N ARG C 113 -38.77 -1.13 1.48
CA ARG C 113 -38.93 -2.10 0.40
C ARG C 113 -39.45 -1.63 -0.95
N GLU C 114 -40.19 -0.53 -0.98
CA GLU C 114 -40.74 -0.03 -2.23
C GLU C 114 -40.06 1.22 -2.77
N ASP C 115 -38.83 1.47 -2.33
CA ASP C 115 -38.07 2.63 -2.76
C ASP C 115 -37.01 2.15 -3.75
N GLN C 116 -37.30 2.26 -5.05
CA GLN C 116 -36.38 1.82 -6.10
C GLN C 116 -35.00 2.42 -5.94
N GLU C 117 -34.97 3.69 -5.57
CA GLU C 117 -33.72 4.41 -5.38
C GLU C 117 -32.80 3.72 -4.37
N VAL C 118 -33.27 3.60 -3.14
CA VAL C 118 -32.49 3.00 -2.06
C VAL C 118 -32.13 1.53 -2.31
N ASN C 119 -33.06 0.75 -2.83
CA ASN C 119 -32.79 -0.66 -3.11
C ASN C 119 -31.79 -0.81 -4.25
N GLY C 120 -31.81 0.15 -5.18
CA GLY C 120 -30.89 0.11 -6.30
C GLY C 120 -29.45 0.35 -5.87
N LEU C 121 -29.27 1.22 -4.89
CA LEU C 121 -27.94 1.55 -4.40
C LEU C 121 -27.32 0.41 -3.59
N TYR C 122 -28.12 -0.26 -2.78
CA TYR C 122 -27.65 -1.36 -1.95
C TYR C 122 -27.19 -2.47 -2.90
N SER C 123 -28.02 -2.70 -3.91
CA SER C 123 -27.76 -3.70 -4.93
C SER C 123 -26.39 -3.47 -5.55
N LYS C 124 -26.05 -2.20 -5.71
CA LYS C 124 -24.79 -1.78 -6.30
C LYS C 124 -23.59 -2.07 -5.40
N TYR C 125 -23.73 -1.80 -4.11
CA TYR C 125 -22.63 -2.00 -3.16
C TYR C 125 -22.77 -3.24 -2.33
N GLN C 126 -23.75 -4.08 -2.66
CA GLN C 126 -24.00 -5.28 -1.89
C GLN C 126 -22.81 -6.23 -1.74
N SER C 127 -22.02 -6.39 -2.79
CA SER C 127 -20.87 -7.28 -2.73
C SER C 127 -19.89 -6.79 -1.67
N SER C 128 -19.83 -5.49 -1.46
CA SER C 128 -18.93 -4.92 -0.49
C SER C 128 -19.53 -5.04 0.91
N PHE C 129 -20.84 -4.85 1.01
CA PHE C 129 -21.54 -4.95 2.27
C PHE C 129 -21.45 -6.38 2.76
N ARG C 130 -21.67 -7.32 1.84
CA ARG C 130 -21.64 -8.74 2.16
C ARG C 130 -20.24 -9.31 2.36
N GLN C 131 -19.27 -8.73 1.67
CA GLN C 131 -17.87 -9.16 1.79
C GLN C 131 -17.07 -7.88 2.03
N PRO C 132 -17.10 -7.35 3.26
CA PRO C 132 -16.39 -6.12 3.62
C PRO C 132 -14.92 -6.35 3.93
N LEU C 133 -14.19 -5.24 3.97
CA LEU C 133 -12.78 -5.29 4.29
C LEU C 133 -12.66 -5.36 5.80
N LYS C 134 -11.50 -5.80 6.27
CA LYS C 134 -11.28 -5.89 7.69
C LYS C 134 -10.57 -4.59 8.08
N LEU C 135 -11.10 -3.88 9.06
CA LEU C 135 -10.52 -2.60 9.45
C LEU C 135 -9.02 -2.58 9.77
N SER C 136 -8.56 -3.59 10.53
CA SER C 136 -7.14 -3.66 10.89
C SER C 136 -6.26 -3.69 9.64
N ASP C 137 -6.84 -4.13 8.53
CA ASP C 137 -6.11 -4.22 7.26
C ASP C 137 -6.10 -2.93 6.48
N VAL C 138 -7.17 -2.15 6.60
CA VAL C 138 -7.25 -0.86 5.92
C VAL C 138 -6.34 0.09 6.67
N ILE C 139 -6.25 -0.11 7.98
CA ILE C 139 -5.44 0.70 8.88
C ILE C 139 -3.95 0.73 8.53
N GLU C 140 -3.43 -0.39 8.04
CA GLU C 140 -2.01 -0.45 7.72
C GLU C 140 -1.73 -0.39 6.23
N THR C 141 -2.75 -0.14 5.41
CA THR C 141 -2.55 -0.10 3.97
C THR C 141 -3.13 1.12 3.24
N ALA C 142 -4.33 1.53 3.61
CA ALA C 142 -4.98 2.64 2.92
C ALA C 142 -5.06 4.01 3.61
N LEU C 143 -4.25 4.24 4.64
CA LEU C 143 -4.27 5.53 5.31
C LEU C 143 -2.96 6.29 5.06
N GLY C 144 -2.44 6.96 6.09
CA GLY C 144 -1.20 7.69 5.92
C GLY C 144 -1.36 9.15 5.52
N GLU C 145 -0.32 9.74 4.94
CA GLU C 145 -0.36 11.13 4.51
C GLU C 145 -0.95 11.34 3.12
N ASP C 146 -0.93 10.33 2.27
CA ASP C 146 -1.52 10.48 0.96
C ASP C 146 -2.52 9.39 0.65
N SER C 147 -3.47 9.26 1.58
CA SER C 147 -4.55 8.29 1.51
C SER C 147 -5.55 8.67 0.40
N ASP C 148 -6.32 7.70 -0.08
CA ASP C 148 -7.29 8.02 -1.12
C ASP C 148 -8.65 8.36 -0.50
N TYR C 149 -8.79 8.17 0.81
CA TYR C 149 -10.02 8.49 1.51
C TYR C 149 -10.09 9.97 1.79
N ILE C 150 -11.22 10.59 1.46
CA ILE C 150 -11.41 12.00 1.70
C ILE C 150 -12.13 12.20 3.03
N GLY C 151 -12.71 11.13 3.55
CA GLY C 151 -13.44 11.19 4.81
C GLY C 151 -13.82 9.79 5.30
N VAL C 152 -14.41 9.72 6.50
CA VAL C 152 -14.81 8.45 7.09
C VAL C 152 -16.25 8.54 7.59
N PHE C 153 -17.10 7.59 7.18
CA PHE C 153 -18.53 7.57 7.57
C PHE C 153 -18.88 6.34 8.37
N ILE C 154 -19.56 6.56 9.50
CA ILE C 154 -20.00 5.50 10.40
C ILE C 154 -21.50 5.63 10.55
N PRO C 155 -22.29 4.85 9.80
CA PRO C 155 -23.75 4.99 9.95
C PRO C 155 -24.25 4.56 11.34
N GLY C 156 -25.52 4.86 11.60
CA GLY C 156 -26.12 4.55 12.87
C GLY C 156 -26.77 3.18 12.99
N GLY C 157 -27.77 3.09 13.85
CA GLY C 157 -28.45 1.83 14.11
C GLY C 157 -27.86 1.38 15.44
N HIS C 158 -28.60 0.59 16.24
CA HIS C 158 -28.04 0.15 17.51
C HIS C 158 -26.91 -0.85 17.27
N GLY C 159 -26.65 -1.17 15.99
CA GLY C 159 -25.59 -2.10 15.68
C GLY C 159 -24.23 -1.47 15.95
N ALA C 160 -24.18 -0.14 15.90
CA ALA C 160 -22.94 0.60 16.11
C ALA C 160 -22.54 0.65 17.58
N LEU C 161 -23.39 0.08 18.44
CA LEU C 161 -23.12 0.08 19.89
C LEU C 161 -22.17 -1.04 20.32
N MET C 162 -21.90 -1.96 19.39
CA MET C 162 -21.03 -3.10 19.67
C MET C 162 -19.68 -3.01 18.97
N GLY C 163 -18.63 -3.38 19.71
CA GLY C 163 -17.28 -3.35 19.16
C GLY C 163 -16.68 -1.97 18.97
N LEU C 164 -17.20 -1.23 18.00
CA LEU C 164 -16.71 0.12 17.69
C LEU C 164 -16.34 1.00 18.89
N PRO C 165 -17.24 1.14 19.88
CA PRO C 165 -16.97 1.98 21.06
C PRO C 165 -15.69 1.67 21.84
N ASP C 166 -15.16 0.46 21.70
CA ASP C 166 -13.93 0.05 22.38
C ASP C 166 -12.89 -0.45 21.41
N SER C 167 -13.05 -0.13 20.13
CA SER C 167 -12.10 -0.60 19.12
C SER C 167 -10.84 0.25 18.97
N GLN C 168 -9.71 -0.43 19.01
CA GLN C 168 -8.40 0.19 18.86
C GLN C 168 -8.24 0.60 17.39
N GLU C 169 -8.88 -0.15 16.49
CA GLU C 169 -8.82 0.13 15.05
C GLU C 169 -9.58 1.42 14.74
N VAL C 170 -10.81 1.50 15.23
CA VAL C 170 -11.64 2.67 15.02
C VAL C 170 -10.91 3.90 15.56
N LYS C 171 -10.11 3.69 16.60
CA LYS C 171 -9.38 4.79 17.22
C LYS C 171 -8.27 5.30 16.31
N ALA C 172 -7.57 4.38 15.67
CA ALA C 172 -6.50 4.76 14.75
C ALA C 172 -7.11 5.57 13.63
N VAL C 173 -8.29 5.15 13.16
CA VAL C 173 -8.98 5.83 12.08
C VAL C 173 -9.32 7.26 12.48
N LEU C 174 -9.95 7.39 13.65
CA LEU C 174 -10.35 8.70 14.15
C LEU C 174 -9.18 9.64 14.41
N GLN C 175 -8.04 9.09 14.85
CA GLN C 175 -6.86 9.92 15.10
C GLN C 175 -6.26 10.32 13.75
N TRP C 176 -6.30 9.39 12.80
CA TRP C 176 -5.76 9.66 11.47
C TRP C 176 -6.55 10.79 10.82
N ALA C 177 -7.87 10.70 10.90
CA ALA C 177 -8.76 11.70 10.31
C ALA C 177 -8.60 13.09 10.92
N MET C 178 -8.48 13.17 12.24
CA MET C 178 -8.30 14.44 12.91
C MET C 178 -6.94 15.05 12.59
N LYS C 179 -5.93 14.19 12.46
CA LYS C 179 -4.56 14.61 12.17
C LYS C 179 -4.31 15.01 10.72
N GLN C 180 -4.96 14.30 9.80
CA GLN C 180 -4.79 14.58 8.37
C GLN C 180 -5.89 15.54 7.90
N ASN C 181 -6.69 16.01 8.85
CA ASN C 181 -7.79 16.94 8.59
C ASN C 181 -8.79 16.38 7.57
N LYS C 182 -9.39 15.25 7.92
CA LYS C 182 -10.37 14.55 7.07
C LYS C 182 -11.75 14.64 7.71
N PHE C 183 -12.79 14.56 6.89
CA PHE C 183 -14.16 14.63 7.40
C PHE C 183 -14.56 13.37 8.16
N ILE C 184 -15.44 13.55 9.14
CA ILE C 184 -15.96 12.43 9.92
C ILE C 184 -17.48 12.59 9.94
N ILE C 185 -18.15 11.76 9.13
CA ILE C 185 -19.62 11.76 8.98
C ILE C 185 -20.27 10.62 9.80
N SER C 186 -21.22 10.97 10.67
CA SER C 186 -21.90 9.96 11.50
C SER C 186 -23.28 10.43 12.04
N LEU C 187 -24.17 9.51 12.41
CA LEU C 187 -25.48 9.92 12.94
C LEU C 187 -26.16 8.88 13.83
N CYS C 188 -27.29 9.27 14.41
CA CYS C 188 -28.06 8.40 15.28
C CYS C 188 -27.16 7.84 16.38
N HIS C 189 -26.95 6.53 16.39
CA HIS C 189 -26.07 5.93 17.40
C HIS C 189 -24.63 5.80 16.91
N GLY C 190 -24.40 6.16 15.64
CA GLY C 190 -23.07 6.10 15.06
C GLY C 190 -22.00 6.74 15.93
N PRO C 191 -22.24 7.96 16.45
CA PRO C 191 -21.26 8.67 17.30
C PRO C 191 -20.81 7.88 18.55
N ALA C 192 -21.34 6.67 18.73
CA ALA C 192 -20.96 5.84 19.87
C ALA C 192 -19.52 5.39 19.63
N ALA C 193 -19.15 5.30 18.35
CA ALA C 193 -17.83 4.89 17.92
C ALA C 193 -16.73 5.85 18.34
N PHE C 194 -17.03 7.16 18.32
CA PHE C 194 -16.04 8.18 18.70
C PHE C 194 -15.46 7.89 20.08
N LEU C 195 -16.18 7.03 20.80
CA LEU C 195 -15.84 6.63 22.15
C LEU C 195 -14.60 5.74 22.20
N ALA C 196 -14.18 5.26 21.03
CA ALA C 196 -13.02 4.39 20.92
C ALA C 196 -11.70 5.08 21.21
N VAL C 197 -11.73 6.40 21.35
CA VAL C 197 -10.52 7.17 21.59
C VAL C 197 -10.01 7.03 23.02
N GLY C 198 -10.79 6.38 23.89
CA GLY C 198 -10.37 6.23 25.27
C GLY C 198 -10.24 7.55 26.02
N ASP C 199 -9.13 7.71 26.74
CA ASP C 199 -8.87 8.92 27.52
C ASP C 199 -8.21 10.02 26.72
N ASP C 200 -7.98 9.75 25.44
CA ASP C 200 -7.39 10.71 24.52
C ASP C 200 -8.39 11.86 24.35
N PRO C 201 -8.14 13.03 24.96
CA PRO C 201 -9.03 14.20 24.89
C PRO C 201 -9.16 14.74 23.47
N LEU C 202 -9.10 13.82 22.51
CA LEU C 202 -9.19 14.11 21.10
C LEU C 202 -10.39 14.97 20.66
N PHE C 203 -11.59 14.59 21.07
CA PHE C 203 -12.79 15.31 20.68
C PHE C 203 -13.27 16.37 21.65
N ALA C 204 -12.46 16.69 22.64
CA ALA C 204 -12.85 17.69 23.63
C ALA C 204 -13.32 18.98 22.95
N GLY C 205 -14.48 19.46 23.36
CA GLY C 205 -15.02 20.67 22.80
C GLY C 205 -15.99 20.54 21.63
N TYR C 206 -15.82 19.51 20.82
CA TYR C 206 -16.68 19.30 19.65
C TYR C 206 -18.17 19.22 19.91
N LYS C 207 -18.94 19.74 18.96
CA LYS C 207 -20.38 19.72 19.07
C LYS C 207 -20.96 18.78 18.03
N ILE C 208 -21.87 17.92 18.47
CA ILE C 208 -22.53 16.97 17.61
C ILE C 208 -24.02 16.88 18.00
N VAL C 209 -24.79 16.20 17.16
CA VAL C 209 -26.19 15.94 17.47
C VAL C 209 -26.19 14.42 17.47
N ALA C 210 -27.00 13.82 18.33
CA ALA C 210 -27.05 12.37 18.37
C ALA C 210 -28.40 11.91 18.93
N PHE C 211 -28.76 10.66 18.65
CA PHE C 211 -30.03 10.11 19.13
C PHE C 211 -30.04 10.24 20.65
N PRO C 212 -31.10 10.85 21.23
CA PRO C 212 -31.22 11.03 22.68
C PRO C 212 -31.33 9.76 23.51
N ASP C 213 -30.64 9.73 24.66
CA ASP C 213 -30.71 8.56 25.54
C ASP C 213 -32.13 8.44 26.11
N GLU C 214 -32.80 9.57 26.27
CA GLU C 214 -34.16 9.61 26.81
C GLU C 214 -35.14 8.80 25.99
N MET C 215 -35.02 8.83 24.66
CA MET C 215 -35.92 8.07 23.83
C MET C 215 -35.59 6.57 23.85
N ASP C 216 -34.31 6.21 24.01
CA ASP C 216 -33.94 4.80 24.08
C ASP C 216 -34.56 4.20 25.35
N ALA C 217 -34.76 5.04 26.37
CA ALA C 217 -35.35 4.59 27.62
C ALA C 217 -36.85 4.38 27.44
N GLN C 218 -37.43 5.06 26.44
CA GLN C 218 -38.87 4.98 26.21
C GLN C 218 -39.35 4.00 25.15
N THR C 219 -38.59 3.82 24.07
CA THR C 219 -39.03 2.91 23.02
C THR C 219 -39.34 1.49 23.46
N PRO C 220 -38.74 1.03 24.57
CA PRO C 220 -39.09 -0.36 24.94
C PRO C 220 -40.55 -0.48 25.40
N SER C 221 -41.18 0.66 25.67
CA SER C 221 -42.57 0.65 26.12
C SER C 221 -43.54 0.20 25.03
N ILE C 222 -43.20 0.44 23.76
CA ILE C 222 -44.07 -0.01 22.68
C ILE C 222 -43.46 -1.21 21.95
N GLY C 223 -42.58 -1.94 22.65
CA GLY C 223 -41.96 -3.13 22.09
C GLY C 223 -40.99 -3.00 20.92
N TYR C 224 -40.27 -1.88 20.87
CA TYR C 224 -39.31 -1.65 19.80
C TYR C 224 -38.06 -2.50 20.03
N MET C 225 -37.67 -2.65 21.30
CA MET C 225 -36.52 -3.46 21.70
C MET C 225 -37.09 -4.42 22.73
N PRO C 226 -36.53 -5.64 22.85
CA PRO C 226 -37.08 -6.58 23.83
C PRO C 226 -36.68 -6.29 25.29
N GLY C 227 -36.03 -5.16 25.52
CA GLY C 227 -35.61 -4.80 26.86
C GLY C 227 -34.94 -3.45 26.86
N HIS C 228 -34.14 -3.16 27.87
CA HIS C 228 -33.45 -1.86 27.92
C HIS C 228 -31.95 -2.02 27.71
N LEU C 229 -31.30 -0.97 27.22
CA LEU C 229 -29.86 -1.01 26.97
C LEU C 229 -29.09 -1.05 28.30
N THR C 230 -27.95 -1.72 28.29
CA THR C 230 -27.12 -1.84 29.49
C THR C 230 -26.24 -0.62 29.76
N TRP C 231 -26.24 0.35 28.84
CA TRP C 231 -25.47 1.59 29.01
C TRP C 231 -25.98 2.68 28.09
N LYS C 232 -25.69 3.94 28.44
CA LYS C 232 -26.13 5.09 27.65
C LYS C 232 -24.96 5.75 26.93
N PHE C 233 -24.89 5.59 25.60
CA PHE C 233 -23.80 6.17 24.84
C PHE C 233 -23.78 7.71 24.91
N GLY C 234 -24.94 8.31 25.17
CA GLY C 234 -25.02 9.75 25.25
C GLY C 234 -24.16 10.34 26.35
N GLU C 235 -24.36 9.89 27.59
CA GLU C 235 -23.55 10.40 28.71
C GLU C 235 -22.08 10.18 28.45
N GLN C 236 -21.74 9.02 27.91
CA GLN C 236 -20.35 8.68 27.63
C GLN C 236 -19.72 9.76 26.77
N LEU C 237 -20.35 10.10 25.66
CA LEU C 237 -19.82 11.11 24.76
C LEU C 237 -19.65 12.44 25.50
N GLN C 238 -20.65 12.80 26.29
CA GLN C 238 -20.60 14.04 27.05
C GLN C 238 -19.47 13.98 28.06
N ALA C 239 -19.10 12.76 28.42
CA ALA C 239 -18.06 12.52 29.40
C ALA C 239 -16.66 12.70 28.85
N ILE C 240 -16.50 12.60 27.55
CA ILE C 240 -15.16 12.76 26.98
C ILE C 240 -15.04 14.06 26.17
N GLY C 241 -15.80 15.08 26.57
CA GLY C 241 -15.73 16.36 25.90
C GLY C 241 -16.82 16.81 24.93
N PHE C 242 -17.62 15.88 24.43
CA PHE C 242 -18.69 16.24 23.49
C PHE C 242 -19.84 16.98 24.13
N GLU C 243 -20.42 17.90 23.37
CA GLU C 243 -21.62 18.64 23.81
C GLU C 243 -22.71 18.08 22.90
N LEU C 244 -23.80 17.58 23.49
CA LEU C 244 -24.91 17.06 22.68
C LEU C 244 -25.90 18.19 22.46
N LEU C 245 -25.99 18.67 21.23
CA LEU C 245 -26.89 19.77 20.93
C LEU C 245 -28.39 19.46 21.06
N ASN C 246 -28.82 18.26 20.65
CA ASN C 246 -30.25 17.93 20.70
C ASN C 246 -30.76 17.12 21.89
N THR C 247 -32.02 17.36 22.25
CA THR C 247 -32.67 16.63 23.34
C THR C 247 -33.72 15.71 22.74
N GLY C 248 -34.12 16.03 21.51
CA GLY C 248 -35.11 15.24 20.81
C GLY C 248 -34.62 15.00 19.40
N ILE C 249 -35.47 14.47 18.53
CA ILE C 249 -35.07 14.21 17.17
C ILE C 249 -35.94 15.00 16.20
N SER C 250 -35.41 15.28 15.02
CA SER C 250 -36.16 16.03 14.02
C SER C 250 -35.49 15.93 12.66
N GLY C 251 -34.38 15.21 12.57
CA GLY C 251 -33.67 15.07 11.31
C GLY C 251 -32.59 16.12 11.19
N GLN C 252 -32.25 16.73 12.32
CA GLN C 252 -31.24 17.79 12.39
C GLN C 252 -29.83 17.26 12.11
N VAL C 253 -29.04 18.06 11.39
CA VAL C 253 -27.65 17.72 11.08
C VAL C 253 -26.83 18.90 11.57
N PHE C 254 -25.55 18.67 11.85
CA PHE C 254 -24.72 19.77 12.34
C PHE C 254 -23.29 19.65 11.89
N GLN C 255 -22.63 20.78 11.68
CA GLN C 255 -21.22 20.78 11.29
C GLN C 255 -20.43 21.66 12.26
N ASP C 256 -19.37 21.08 12.82
CA ASP C 256 -18.46 21.75 13.73
C ASP C 256 -17.14 21.40 13.08
N ARG C 257 -16.53 22.38 12.42
CA ARG C 257 -15.28 22.14 11.70
C ARG C 257 -15.58 20.97 10.75
N LYS C 258 -14.81 19.90 10.81
CA LYS C 258 -15.07 18.77 9.91
C LYS C 258 -15.82 17.55 10.44
N MET C 259 -16.52 17.71 11.56
CA MET C 259 -17.32 16.61 12.14
C MET C 259 -18.75 16.83 11.60
N LEU C 260 -19.30 15.85 10.90
CA LEU C 260 -20.65 15.98 10.33
C LEU C 260 -21.61 14.94 10.90
N THR C 261 -22.56 15.39 11.72
CA THR C 261 -23.49 14.48 12.35
C THR C 261 -24.97 14.70 12.06
N GLY C 262 -25.75 13.65 12.31
CA GLY C 262 -27.19 13.69 12.13
C GLY C 262 -27.75 13.18 13.44
N ASP C 263 -29.04 13.33 13.69
CA ASP C 263 -29.58 12.89 14.98
C ASP C 263 -30.40 11.60 15.00
N SER C 264 -30.85 11.13 13.85
CA SER C 264 -31.68 9.94 13.85
C SER C 264 -31.97 9.43 12.44
N PRO C 265 -32.86 8.42 12.32
CA PRO C 265 -33.21 7.87 11.00
C PRO C 265 -33.84 8.95 10.13
N LEU C 266 -34.14 10.09 10.75
CA LEU C 266 -34.76 11.20 10.04
C LEU C 266 -33.74 12.11 9.37
N ALA C 267 -32.50 12.04 9.82
CA ALA C 267 -31.45 12.90 9.27
C ALA C 267 -30.68 12.28 8.10
N GLY C 268 -31.10 11.11 7.65
CA GLY C 268 -30.39 10.47 6.56
C GLY C 268 -30.18 11.36 5.33
N ASN C 269 -31.26 11.98 4.86
CA ASN C 269 -31.18 12.82 3.67
C ASN C 269 -30.39 14.12 3.85
N ALA C 270 -30.61 14.79 4.97
CA ALA C 270 -29.92 16.05 5.24
C ALA C 270 -28.42 15.84 5.37
N LEU C 271 -28.03 14.76 6.03
CA LEU C 271 -26.62 14.44 6.23
C LEU C 271 -25.96 14.12 4.90
N GLY C 272 -26.72 13.56 3.97
CA GLY C 272 -26.18 13.24 2.66
C GLY C 272 -25.89 14.50 1.86
N GLN C 273 -26.75 15.50 1.97
CA GLN C 273 -26.55 16.75 1.27
C GLN C 273 -25.40 17.55 1.84
N LEU C 274 -25.34 17.64 3.17
CA LEU C 274 -24.29 18.35 3.88
C LEU C 274 -22.92 17.76 3.53
N ALA C 275 -22.80 16.45 3.69
CA ALA C 275 -21.54 15.75 3.40
C ALA C 275 -21.11 15.98 1.96
N ALA C 276 -22.04 15.78 1.02
CA ALA C 276 -21.75 15.95 -0.40
C ALA C 276 -21.20 17.32 -0.75
N LYS C 277 -21.86 18.38 -0.33
CA LYS C 277 -21.38 19.72 -0.63
C LYS C 277 -20.08 20.03 0.09
N ALA C 278 -19.93 19.55 1.33
CA ALA C 278 -18.72 19.80 2.08
C ALA C 278 -17.51 19.16 1.37
N LEU C 279 -17.67 17.91 0.94
CA LEU C 279 -16.61 17.19 0.25
C LEU C 279 -16.28 17.73 -1.14
N LEU C 280 -17.31 18.11 -1.91
CA LEU C 280 -17.08 18.64 -3.25
C LEU C 280 -16.31 19.95 -3.22
N ALA C 281 -16.61 20.78 -2.22
CA ALA C 281 -15.95 22.07 -2.07
C ALA C 281 -14.52 21.80 -1.61
N GLU C 282 -14.34 20.69 -0.91
CA GLU C 282 -13.03 20.30 -0.42
C GLU C 282 -12.15 19.97 -1.61
N VAL C 283 -12.76 19.43 -2.66
CA VAL C 283 -12.02 19.07 -3.86
C VAL C 283 -12.12 20.13 -4.94
N GLU C 284 -12.51 21.35 -4.57
CA GLU C 284 -12.60 22.42 -5.56
C GLU C 284 -11.47 23.43 -5.42
N GLN C 285 -11.14 24.08 -6.53
CA GLN C 285 -10.09 25.08 -6.55
C GLN C 285 -10.26 26.06 -7.69
N MET D 5 -44.55 -29.05 2.79
CA MET D 5 -43.95 -29.16 4.16
C MET D 5 -42.63 -29.92 4.10
N ASN D 6 -42.38 -30.53 2.95
CA ASN D 6 -41.14 -31.27 2.72
C ASN D 6 -40.56 -30.85 1.38
N ASP D 7 -40.59 -29.54 1.17
CA ASP D 7 -40.08 -28.89 -0.03
C ASP D 7 -38.55 -28.92 -0.01
N LYS D 8 -37.95 -28.97 -1.20
CA LYS D 8 -36.50 -28.99 -1.29
C LYS D 8 -35.87 -27.62 -1.47
N HIS D 9 -36.69 -26.61 -1.70
CA HIS D 9 -36.18 -25.25 -1.87
C HIS D 9 -35.66 -24.70 -0.54
N PRO D 10 -34.54 -23.97 -0.57
CA PRO D 10 -34.00 -23.40 0.66
C PRO D 10 -35.05 -22.55 1.38
N THR D 11 -34.87 -22.41 2.69
CA THR D 11 -35.81 -21.64 3.50
C THR D 11 -35.30 -20.23 3.75
N PRO D 12 -36.03 -19.22 3.27
CA PRO D 12 -35.64 -17.83 3.46
C PRO D 12 -35.52 -17.46 4.93
N ASP D 13 -34.38 -16.88 5.30
CA ASP D 13 -34.12 -16.45 6.67
C ASP D 13 -34.62 -15.02 6.66
N PRO D 14 -35.64 -14.71 7.45
CA PRO D 14 -36.13 -13.33 7.43
C PRO D 14 -35.25 -12.26 8.09
N ALA D 15 -34.14 -12.66 8.68
CA ALA D 15 -33.25 -11.71 9.34
C ALA D 15 -32.19 -11.11 8.43
N GLU D 16 -31.84 -11.83 7.37
CA GLU D 16 -30.81 -11.37 6.44
C GLU D 16 -31.29 -11.56 5.01
N ASP D 17 -30.98 -10.61 4.12
CA ASP D 17 -31.43 -10.76 2.74
C ASP D 17 -30.62 -11.80 1.96
N ASN D 18 -31.29 -12.45 1.00
CA ASN D 18 -30.68 -13.46 0.16
C ASN D 18 -29.96 -14.49 1.05
N ALA D 19 -30.60 -14.79 2.17
CA ALA D 19 -30.08 -15.74 3.14
C ALA D 19 -31.05 -16.91 3.22
N PHE D 20 -30.53 -18.12 3.45
CA PHE D 20 -31.41 -19.30 3.48
C PHE D 20 -31.04 -20.40 4.48
N PHE D 21 -32.01 -20.87 5.24
CA PHE D 21 -31.78 -21.97 6.16
C PHE D 21 -31.87 -23.20 5.25
N PRO D 22 -31.68 -24.40 5.82
CA PRO D 22 -31.76 -25.63 5.01
C PRO D 22 -33.21 -25.84 4.57
N SER D 23 -33.41 -26.60 3.51
CA SER D 23 -34.76 -26.87 3.00
C SER D 23 -35.48 -27.86 3.91
N ALA D 24 -36.79 -27.65 4.09
CA ALA D 24 -37.62 -28.51 4.92
C ALA D 24 -37.33 -29.98 4.67
N TYR D 25 -37.22 -30.36 3.41
CA TYR D 25 -36.92 -31.74 3.05
C TYR D 25 -35.60 -32.17 3.71
N SER D 26 -34.55 -31.38 3.53
CA SER D 26 -33.25 -31.70 4.10
C SER D 26 -33.24 -31.65 5.64
N LEU D 27 -34.07 -30.81 6.24
CA LEU D 27 -34.14 -30.71 7.69
C LEU D 27 -34.72 -31.96 8.36
N SER D 28 -35.79 -32.50 7.78
CA SER D 28 -36.41 -33.69 8.33
C SER D 28 -35.51 -34.90 8.14
N GLN D 29 -34.59 -34.80 7.18
CA GLN D 29 -33.66 -35.88 6.90
C GLN D 29 -32.44 -35.79 7.82
N PHE D 30 -31.92 -34.58 8.00
CA PHE D 30 -30.71 -34.37 8.79
C PHE D 30 -30.88 -33.89 10.23
N THR D 31 -32.11 -33.61 10.66
CA THR D 31 -32.31 -33.17 12.04
C THR D 31 -33.42 -33.98 12.69
N ALA D 32 -33.30 -34.17 14.00
CA ALA D 32 -34.27 -34.92 14.77
C ALA D 32 -34.58 -34.11 16.01
N SER D 33 -35.76 -34.30 16.57
CA SER D 33 -36.15 -33.56 17.78
C SER D 33 -35.36 -33.91 19.04
N LYS D 34 -34.69 -35.07 19.05
CA LYS D 34 -33.87 -35.47 20.21
C LYS D 34 -32.49 -35.90 19.73
N SER D 35 -31.50 -35.87 20.61
CA SER D 35 -30.15 -36.27 20.23
C SER D 35 -29.95 -37.73 20.63
N ASP D 36 -28.81 -38.30 20.26
CA ASP D 36 -28.51 -39.69 20.59
C ASP D 36 -27.50 -39.71 21.73
N LEU D 37 -27.70 -38.79 22.67
CA LEU D 37 -26.85 -38.64 23.86
C LEU D 37 -26.99 -39.87 24.75
N SER D 38 -25.87 -40.47 25.13
CA SER D 38 -25.91 -41.64 25.99
C SER D 38 -24.54 -41.96 26.58
N GLY D 39 -24.53 -42.79 27.62
CA GLY D 39 -23.29 -43.18 28.24
C GLY D 39 -22.49 -42.05 28.86
N ALA D 40 -23.20 -41.05 29.39
CA ALA D 40 -22.52 -39.92 30.05
C ALA D 40 -22.47 -40.26 31.53
N HIS D 41 -21.87 -41.41 31.83
CA HIS D 41 -21.76 -41.92 33.19
C HIS D 41 -20.30 -42.05 33.59
N TYR D 42 -19.87 -41.24 34.54
CA TYR D 42 -18.48 -41.29 34.98
C TYR D 42 -18.40 -41.52 36.49
N PRO D 43 -18.24 -42.79 36.89
CA PRO D 43 -18.14 -43.25 38.29
C PRO D 43 -17.18 -42.43 39.13
N THR D 44 -16.20 -41.82 38.50
CA THR D 44 -15.24 -41.03 39.26
C THR D 44 -14.80 -39.78 38.50
N PRO D 45 -15.68 -38.76 38.45
CA PRO D 45 -15.35 -37.51 37.74
C PRO D 45 -14.36 -36.63 38.47
N TYR D 46 -13.71 -35.75 37.71
CA TYR D 46 -12.73 -34.82 38.23
C TYR D 46 -13.45 -33.80 39.12
N GLN D 47 -13.03 -33.69 40.38
CA GLN D 47 -13.64 -32.74 41.31
C GLN D 47 -12.70 -31.60 41.66
N GLY D 48 -11.54 -31.55 40.99
CA GLY D 48 -10.56 -30.51 41.27
C GLY D 48 -10.97 -29.08 40.94
N GLY D 49 -11.96 -28.94 40.06
CA GLY D 49 -12.44 -27.61 39.68
C GLY D 49 -11.45 -26.72 38.94
N ARG D 50 -10.25 -27.21 38.67
CA ARG D 50 -9.27 -26.39 37.96
C ARG D 50 -9.32 -26.48 36.44
N TRP D 51 -9.02 -27.66 35.93
CA TRP D 51 -8.98 -27.89 34.49
C TRP D 51 -10.26 -27.60 33.71
N LYS D 52 -10.10 -26.78 32.68
CA LYS D 52 -11.18 -26.40 31.81
C LYS D 52 -10.77 -26.51 30.35
N ILE D 53 -11.73 -26.32 29.46
CA ILE D 53 -11.45 -26.42 28.05
C ILE D 53 -11.83 -25.15 27.33
N LEU D 54 -10.91 -24.64 26.52
CA LEU D 54 -11.15 -23.42 25.76
C LEU D 54 -11.95 -23.76 24.50
N VAL D 55 -13.21 -23.33 24.45
CA VAL D 55 -14.07 -23.57 23.28
C VAL D 55 -13.94 -22.40 22.31
N VAL D 56 -13.59 -22.70 21.06
CA VAL D 56 -13.46 -21.66 20.05
C VAL D 56 -14.64 -21.84 19.09
N GLY D 57 -15.61 -20.94 19.20
CA GLY D 57 -16.79 -21.03 18.37
C GLY D 57 -16.90 -20.06 17.22
N ALA D 58 -17.98 -20.22 16.45
CA ALA D 58 -18.22 -19.39 15.28
C ALA D 58 -18.97 -18.10 15.63
N ASP D 59 -18.38 -16.97 15.22
CA ASP D 59 -18.99 -15.68 15.48
C ASP D 59 -19.79 -15.14 14.28
N GLU D 60 -19.94 -15.96 13.24
CA GLU D 60 -20.70 -15.55 12.07
C GLU D 60 -21.65 -16.65 11.62
N ARG D 61 -22.86 -16.24 11.22
CA ARG D 61 -23.92 -17.14 10.76
C ARG D 61 -24.08 -17.22 9.24
N TYR D 62 -23.68 -16.18 8.52
CA TYR D 62 -23.84 -16.15 7.07
C TYR D 62 -22.59 -16.48 6.26
N LEU D 63 -22.57 -17.66 5.67
CA LEU D 63 -21.45 -18.10 4.84
C LEU D 63 -21.76 -17.84 3.36
N MET D 64 -20.87 -17.10 2.69
CA MET D 64 -21.05 -16.78 1.27
C MET D 64 -20.93 -18.02 0.39
N MET D 65 -21.98 -18.28 -0.39
CA MET D 65 -22.00 -19.41 -1.30
C MET D 65 -21.39 -18.97 -2.63
N ASP D 66 -21.19 -19.93 -3.54
CA ASP D 66 -20.61 -19.63 -4.82
C ASP D 66 -21.59 -18.92 -5.76
N ASN D 67 -22.88 -19.04 -5.50
CA ASN D 67 -23.86 -18.38 -6.37
C ASN D 67 -24.27 -17.04 -5.77
N GLY D 68 -23.52 -16.61 -4.76
CA GLY D 68 -23.77 -15.33 -4.11
C GLY D 68 -24.74 -15.33 -2.95
N THR D 69 -25.35 -16.47 -2.67
CA THR D 69 -26.30 -16.53 -1.56
C THR D 69 -25.62 -16.87 -0.24
N PHE D 70 -26.22 -16.43 0.86
CA PHE D 70 -25.67 -16.75 2.16
C PHE D 70 -26.32 -18.04 2.61
N PHE D 71 -25.52 -18.90 3.25
CA PHE D 71 -26.05 -20.13 3.81
C PHE D 71 -26.20 -19.69 5.26
N SER D 72 -27.41 -19.81 5.82
CA SER D 72 -27.60 -19.43 7.22
C SER D 72 -27.11 -20.64 8.00
N THR D 73 -25.87 -20.56 8.47
CA THR D 73 -25.23 -21.66 9.19
C THR D 73 -24.77 -21.31 10.61
N GLY D 74 -23.57 -21.75 10.96
CA GLY D 74 -23.01 -21.49 12.28
C GLY D 74 -22.57 -22.80 12.88
N ASN D 75 -22.30 -22.83 14.17
CA ASN D 75 -21.91 -24.08 14.83
C ASN D 75 -23.11 -25.03 14.94
N HIS D 76 -22.88 -26.32 14.73
CA HIS D 76 -23.96 -27.29 14.85
C HIS D 76 -24.22 -27.47 16.37
N PRO D 77 -25.46 -27.18 16.82
CA PRO D 77 -25.82 -27.29 18.24
C PRO D 77 -25.51 -28.64 18.87
N VAL D 78 -25.82 -29.70 18.16
CA VAL D 78 -25.57 -31.05 18.65
C VAL D 78 -24.07 -31.36 18.73
N GLU D 79 -23.33 -31.05 17.66
CA GLU D 79 -21.89 -31.30 17.64
C GLU D 79 -21.19 -30.57 18.78
N THR D 80 -21.77 -29.44 19.17
CA THR D 80 -21.21 -28.60 20.21
C THR D 80 -21.62 -29.01 21.61
N LEU D 81 -22.92 -29.26 21.79
CA LEU D 81 -23.46 -29.59 23.10
C LEU D 81 -23.25 -31.00 23.65
N LEU D 82 -23.34 -32.03 22.81
CA LEU D 82 -23.12 -33.38 23.33
C LEU D 82 -21.70 -33.53 23.90
N PRO D 83 -20.69 -33.07 23.14
CA PRO D 83 -19.32 -33.20 23.65
C PRO D 83 -19.14 -32.48 24.98
N MET D 84 -19.72 -31.29 25.10
CA MET D 84 -19.64 -30.50 26.32
C MET D 84 -20.43 -31.19 27.43
N TYR D 85 -21.51 -31.87 27.08
CA TYR D 85 -22.32 -32.55 28.07
C TYR D 85 -21.55 -33.70 28.72
N HIS D 86 -20.78 -34.42 27.91
CA HIS D 86 -20.01 -35.51 28.49
C HIS D 86 -18.89 -34.95 29.36
N LEU D 87 -18.18 -33.96 28.84
CA LEU D 87 -17.09 -33.36 29.60
C LEU D 87 -17.61 -32.73 30.90
N ASP D 88 -18.75 -32.06 30.82
CA ASP D 88 -19.37 -31.45 32.00
C ASP D 88 -19.55 -32.51 33.09
N LYS D 89 -20.13 -33.65 32.72
CA LYS D 89 -20.35 -34.74 33.66
C LYS D 89 -19.01 -35.32 34.11
N ALA D 90 -18.03 -35.32 33.22
CA ALA D 90 -16.71 -35.83 33.53
C ALA D 90 -16.06 -34.95 34.59
N GLY D 91 -16.65 -33.77 34.80
CA GLY D 91 -16.14 -32.85 35.81
C GLY D 91 -15.37 -31.65 35.33
N PHE D 92 -15.50 -31.32 34.04
CA PHE D 92 -14.80 -30.20 33.44
C PHE D 92 -15.67 -29.00 33.09
N SER D 93 -15.05 -27.81 33.12
CA SER D 93 -15.74 -26.57 32.78
C SER D 93 -15.19 -26.01 31.48
N PHE D 94 -15.85 -24.98 30.96
CA PHE D 94 -15.45 -24.36 29.70
C PHE D 94 -15.43 -22.84 29.70
N ASP D 95 -14.52 -22.29 28.92
CA ASP D 95 -14.43 -20.86 28.71
C ASP D 95 -14.80 -20.84 27.24
N ILE D 96 -15.54 -19.83 26.81
CA ILE D 96 -15.93 -19.79 25.42
C ILE D 96 -15.46 -18.50 24.76
N ALA D 97 -14.85 -18.65 23.58
CA ALA D 97 -14.33 -17.50 22.88
C ALA D 97 -14.58 -17.51 21.39
N THR D 98 -14.68 -16.31 20.83
CA THR D 98 -14.85 -16.11 19.40
C THR D 98 -13.77 -15.10 19.06
N LEU D 99 -13.45 -14.98 17.76
CA LEU D 99 -12.40 -14.05 17.35
C LEU D 99 -12.73 -12.60 17.63
N SER D 100 -13.98 -12.22 17.40
CA SER D 100 -14.40 -10.85 17.61
C SER D 100 -14.96 -10.57 19.00
N GLY D 101 -15.47 -11.60 19.67
CA GLY D 101 -16.07 -11.39 20.97
C GLY D 101 -17.57 -11.33 20.75
N ASN D 102 -17.97 -11.41 19.48
CA ASN D 102 -19.38 -11.41 19.15
C ASN D 102 -19.89 -12.78 19.60
N PRO D 103 -21.19 -12.88 19.90
CA PRO D 103 -21.77 -14.15 20.35
C PRO D 103 -21.70 -15.35 19.42
N VAL D 104 -21.48 -16.53 20.00
CA VAL D 104 -21.43 -17.75 19.21
C VAL D 104 -22.73 -17.89 18.39
N LYS D 105 -22.60 -18.29 17.13
CA LYS D 105 -23.78 -18.43 16.27
C LYS D 105 -24.09 -19.91 16.00
N PHE D 106 -25.25 -20.37 16.44
CA PHE D 106 -25.67 -21.76 16.24
C PHE D 106 -26.65 -21.93 15.07
N GLU D 107 -26.76 -23.17 14.60
CA GLU D 107 -27.72 -23.48 13.54
C GLU D 107 -28.89 -24.02 14.37
N TRP D 108 -29.76 -23.12 14.81
CA TRP D 108 -30.88 -23.55 15.63
C TRP D 108 -31.84 -24.48 14.91
N TRP D 109 -31.77 -24.55 13.59
CA TRP D 109 -32.65 -25.45 12.86
C TRP D 109 -32.24 -26.90 13.10
N ALA D 110 -31.08 -27.10 13.71
CA ALA D 110 -30.56 -28.42 13.99
C ALA D 110 -30.63 -28.75 15.49
N MET D 111 -31.25 -27.87 16.26
CA MET D 111 -31.35 -28.08 17.71
C MET D 111 -32.41 -29.08 18.12
N PRO D 112 -32.04 -30.08 18.93
CA PRO D 112 -33.04 -31.07 19.36
C PRO D 112 -33.92 -30.44 20.46
N ARG D 113 -34.95 -29.72 20.05
CA ARG D 113 -35.85 -29.03 20.98
C ARG D 113 -36.46 -29.87 22.10
N GLU D 114 -36.68 -31.16 21.85
CA GLU D 114 -37.27 -32.05 22.85
C GLU D 114 -36.23 -32.67 23.77
N ASP D 115 -34.97 -32.53 23.42
CA ASP D 115 -33.93 -33.11 24.27
C ASP D 115 -33.75 -32.18 25.44
N GLN D 116 -34.33 -32.54 26.58
CA GLN D 116 -34.23 -31.72 27.78
C GLN D 116 -32.84 -31.77 28.39
N GLU D 117 -32.09 -32.82 28.09
CA GLU D 117 -30.74 -32.94 28.62
C GLU D 117 -29.84 -31.97 27.88
N VAL D 118 -29.98 -31.94 26.56
CA VAL D 118 -29.20 -31.04 25.72
C VAL D 118 -29.62 -29.60 26.04
N ASN D 119 -30.92 -29.36 26.14
CA ASN D 119 -31.40 -28.02 26.44
C ASN D 119 -30.86 -27.59 27.81
N GLY D 120 -30.83 -28.52 28.76
CA GLY D 120 -30.34 -28.20 30.09
C GLY D 120 -28.91 -27.71 30.12
N LEU D 121 -28.03 -28.38 29.39
CA LEU D 121 -26.63 -27.96 29.37
C LEU D 121 -26.45 -26.65 28.63
N TYR D 122 -27.38 -26.32 27.73
CA TYR D 122 -27.29 -25.07 26.99
C TYR D 122 -27.61 -23.87 27.93
N SER D 123 -28.55 -24.06 28.85
CA SER D 123 -28.88 -22.98 29.78
C SER D 123 -27.67 -22.72 30.66
N LYS D 124 -27.10 -23.78 31.21
CA LYS D 124 -25.92 -23.65 32.05
C LYS D 124 -24.93 -22.66 31.45
N TYR D 125 -24.82 -22.69 30.12
CA TYR D 125 -23.85 -21.86 29.39
C TYR D 125 -24.36 -20.78 28.43
N GLN D 126 -25.67 -20.55 28.36
CA GLN D 126 -26.20 -19.54 27.44
C GLN D 126 -25.55 -18.18 27.60
N SER D 127 -25.28 -17.78 28.84
CA SER D 127 -24.68 -16.47 29.10
C SER D 127 -23.29 -16.35 28.52
N SER D 128 -22.57 -17.48 28.47
CA SER D 128 -21.22 -17.51 27.90
C SER D 128 -21.30 -17.55 26.38
N PHE D 129 -22.24 -18.30 25.85
CA PHE D 129 -22.39 -18.40 24.40
C PHE D 129 -22.83 -17.06 23.81
N ARG D 130 -23.61 -16.31 24.56
CA ARG D 130 -24.10 -15.04 24.08
C ARG D 130 -23.22 -13.85 24.44
N GLN D 131 -22.30 -14.05 25.37
CA GLN D 131 -21.34 -13.02 25.76
C GLN D 131 -20.01 -13.73 25.95
N PRO D 132 -19.41 -14.23 24.85
CA PRO D 132 -18.13 -14.93 24.88
C PRO D 132 -16.94 -14.03 25.06
N LEU D 133 -15.80 -14.64 25.38
CA LEU D 133 -14.56 -13.91 25.54
C LEU D 133 -14.02 -13.64 24.14
N LYS D 134 -13.13 -12.65 24.02
CA LYS D 134 -12.51 -12.33 22.74
C LYS D 134 -11.21 -13.14 22.74
N LEU D 135 -11.04 -14.04 21.78
CA LEU D 135 -9.85 -14.88 21.73
C LEU D 135 -8.54 -14.16 22.03
N SER D 136 -8.38 -12.94 21.53
CA SER D 136 -7.16 -12.19 21.76
C SER D 136 -6.93 -11.92 23.25
N ASP D 137 -8.01 -11.80 24.02
CA ASP D 137 -7.84 -11.57 25.44
C ASP D 137 -7.35 -12.86 26.09
N VAL D 138 -7.91 -13.98 25.67
CA VAL D 138 -7.52 -15.28 26.20
C VAL D 138 -6.03 -15.52 25.94
N ILE D 139 -5.60 -15.18 24.73
CA ILE D 139 -4.23 -15.36 24.30
C ILE D 139 -3.20 -14.55 25.08
N GLU D 140 -3.58 -13.35 25.51
CA GLU D 140 -2.68 -12.49 26.26
C GLU D 140 -2.64 -12.81 27.75
N THR D 141 -3.70 -13.43 28.28
CA THR D 141 -3.76 -13.68 29.72
C THR D 141 -4.05 -15.06 30.30
N ALA D 142 -4.44 -16.04 29.48
CA ALA D 142 -4.75 -17.36 30.03
C ALA D 142 -4.01 -18.57 29.46
N LEU D 143 -3.01 -18.32 28.62
CA LEU D 143 -2.26 -19.44 28.07
C LEU D 143 -0.94 -19.57 28.84
N GLY D 144 0.20 -19.52 28.19
CA GLY D 144 1.45 -19.64 28.93
C GLY D 144 1.79 -21.09 29.25
N GLU D 145 2.76 -21.27 30.14
CA GLU D 145 3.22 -22.60 30.50
C GLU D 145 2.57 -23.34 31.68
N ASP D 146 1.60 -22.71 32.31
CA ASP D 146 0.85 -23.34 33.40
C ASP D 146 -0.57 -22.78 33.35
N SER D 147 -1.18 -22.95 32.18
CA SER D 147 -2.54 -22.50 31.93
C SER D 147 -3.52 -23.42 32.65
N ASP D 148 -4.76 -22.97 32.79
CA ASP D 148 -5.79 -23.78 33.43
C ASP D 148 -6.50 -24.66 32.41
N TYR D 149 -6.24 -24.42 31.12
CA TYR D 149 -6.87 -25.21 30.07
C TYR D 149 -6.13 -26.53 29.89
N ILE D 150 -6.89 -27.61 29.80
CA ILE D 150 -6.31 -28.94 29.59
C ILE D 150 -6.50 -29.30 28.12
N GLY D 151 -7.19 -28.45 27.39
CA GLY D 151 -7.43 -28.70 25.98
C GLY D 151 -8.22 -27.60 25.30
N VAL D 152 -8.32 -27.70 23.99
CA VAL D 152 -9.06 -26.74 23.17
C VAL D 152 -10.12 -27.49 22.36
N PHE D 153 -11.35 -27.02 22.39
CA PHE D 153 -12.43 -27.65 21.63
C PHE D 153 -12.92 -26.68 20.55
N ILE D 154 -12.85 -27.13 19.29
CA ILE D 154 -13.31 -26.30 18.19
C ILE D 154 -14.44 -27.06 17.53
N PRO D 155 -15.69 -26.74 17.91
CA PRO D 155 -16.91 -27.37 17.38
C PRO D 155 -17.13 -27.21 15.87
N GLY D 156 -17.86 -28.15 15.30
CA GLY D 156 -18.14 -28.15 13.87
C GLY D 156 -19.28 -27.27 13.41
N GLY D 157 -19.67 -27.47 12.16
CA GLY D 157 -20.73 -26.66 11.54
C GLY D 157 -20.05 -25.78 10.52
N HIS D 158 -20.68 -25.49 9.39
CA HIS D 158 -20.04 -24.64 8.38
C HIS D 158 -19.72 -23.26 8.94
N GLY D 159 -20.07 -23.03 10.21
CA GLY D 159 -19.76 -21.75 10.82
C GLY D 159 -18.28 -21.65 11.13
N ALA D 160 -17.62 -22.79 11.26
CA ALA D 160 -16.18 -22.85 11.56
C ALA D 160 -15.28 -22.60 10.34
N LEU D 161 -15.91 -22.42 9.17
CA LEU D 161 -15.17 -22.17 7.93
C LEU D 161 -14.89 -20.67 7.72
N MET D 162 -15.35 -19.83 8.65
CA MET D 162 -15.14 -18.39 8.54
C MET D 162 -14.28 -17.88 9.70
N GLY D 163 -13.29 -17.05 9.39
CA GLY D 163 -12.43 -16.51 10.42
C GLY D 163 -11.34 -17.44 10.93
N LEU D 164 -11.73 -18.60 11.43
CA LEU D 164 -10.80 -19.58 11.99
C LEU D 164 -9.70 -20.17 11.07
N PRO D 165 -10.03 -20.48 9.79
CA PRO D 165 -9.03 -21.04 8.89
C PRO D 165 -7.75 -20.22 8.65
N ASP D 166 -7.84 -18.91 8.70
CA ASP D 166 -6.65 -18.09 8.48
C ASP D 166 -6.43 -17.06 9.58
N SER D 167 -6.80 -17.42 10.81
CA SER D 167 -6.63 -16.54 11.95
C SER D 167 -5.25 -16.69 12.59
N GLN D 168 -4.49 -15.60 12.65
CA GLN D 168 -3.18 -15.63 13.26
C GLN D 168 -3.33 -15.96 14.74
N GLU D 169 -4.52 -15.69 15.28
CA GLU D 169 -4.81 -15.95 16.68
C GLU D 169 -5.10 -17.43 16.93
N VAL D 170 -5.74 -18.08 15.96
CA VAL D 170 -6.05 -19.50 16.06
C VAL D 170 -4.74 -20.28 15.94
N LYS D 171 -3.83 -19.77 15.13
CA LYS D 171 -2.53 -20.40 14.92
C LYS D 171 -1.75 -20.37 16.24
N ALA D 172 -1.81 -19.23 16.93
CA ALA D 172 -1.11 -19.06 18.21
C ALA D 172 -1.68 -20.03 19.24
N VAL D 173 -3.00 -20.15 19.28
CA VAL D 173 -3.68 -21.04 20.20
C VAL D 173 -3.27 -22.50 19.91
N LEU D 174 -3.19 -22.84 18.63
CA LEU D 174 -2.81 -24.20 18.26
C LEU D 174 -1.32 -24.49 18.49
N GLN D 175 -0.44 -23.56 18.11
CA GLN D 175 1.00 -23.77 18.33
C GLN D 175 1.22 -23.93 19.83
N TRP D 176 0.41 -23.23 20.61
CA TRP D 176 0.49 -23.31 22.06
C TRP D 176 0.07 -24.72 22.52
N ALA D 177 -1.10 -25.19 22.07
CA ALA D 177 -1.58 -26.51 22.44
C ALA D 177 -0.50 -27.58 22.18
N MET D 178 0.11 -27.53 21.00
CA MET D 178 1.15 -28.48 20.63
C MET D 178 2.38 -28.31 21.54
N LYS D 179 2.88 -27.09 21.60
CA LYS D 179 4.04 -26.83 22.44
C LYS D 179 3.78 -27.28 23.87
N GLN D 180 2.65 -26.88 24.44
CA GLN D 180 2.34 -27.25 25.82
C GLN D 180 1.64 -28.59 26.00
N ASN D 181 1.66 -29.42 24.97
CA ASN D 181 1.05 -30.74 25.00
C ASN D 181 -0.37 -30.78 25.60
N LYS D 182 -1.28 -30.03 24.99
CA LYS D 182 -2.67 -29.97 25.42
C LYS D 182 -3.58 -30.67 24.40
N PHE D 183 -4.78 -31.03 24.81
CA PHE D 183 -5.71 -31.69 23.89
C PHE D 183 -6.33 -30.71 22.90
N ILE D 184 -6.58 -31.18 21.69
CA ILE D 184 -7.22 -30.40 20.65
C ILE D 184 -8.39 -31.28 20.17
N ILE D 185 -9.62 -30.78 20.37
CA ILE D 185 -10.83 -31.52 20.02
C ILE D 185 -11.69 -30.81 18.96
N SER D 186 -12.07 -31.55 17.91
CA SER D 186 -12.86 -30.97 16.85
C SER D 186 -13.52 -32.07 16.02
N LEU D 187 -14.50 -31.70 15.21
CA LEU D 187 -15.19 -32.69 14.38
C LEU D 187 -15.90 -32.00 13.22
N CYS D 188 -16.36 -32.80 12.26
CA CYS D 188 -17.06 -32.27 11.10
C CYS D 188 -16.17 -31.24 10.37
N HIS D 189 -16.67 -30.01 10.19
CA HIS D 189 -15.89 -28.98 9.51
C HIS D 189 -14.97 -28.24 10.50
N GLY D 190 -15.01 -28.65 11.77
CA GLY D 190 -14.19 -28.03 12.79
C GLY D 190 -12.73 -27.98 12.41
N PRO D 191 -12.15 -29.05 11.82
CA PRO D 191 -10.74 -29.08 11.43
C PRO D 191 -10.29 -27.99 10.43
N ALA D 192 -11.23 -27.24 9.86
CA ALA D 192 -10.82 -26.18 8.92
C ALA D 192 -9.99 -25.14 9.70
N ALA D 193 -10.27 -25.04 11.00
CA ALA D 193 -9.57 -24.12 11.89
C ALA D 193 -8.06 -24.40 11.95
N PHE D 194 -7.68 -25.65 11.68
CA PHE D 194 -6.29 -26.04 11.71
C PHE D 194 -5.48 -25.38 10.60
N LEU D 195 -6.17 -24.95 9.55
CA LEU D 195 -5.52 -24.32 8.43
C LEU D 195 -4.90 -22.98 8.83
N ALA D 196 -5.15 -22.56 10.06
CA ALA D 196 -4.64 -21.29 10.55
C ALA D 196 -3.13 -21.28 10.74
N VAL D 197 -2.50 -22.45 10.59
CA VAL D 197 -1.04 -22.54 10.76
C VAL D 197 -0.35 -22.16 9.47
N GLY D 198 -1.14 -21.96 8.42
CA GLY D 198 -0.58 -21.59 7.14
C GLY D 198 0.32 -22.65 6.56
N ASP D 199 1.58 -22.27 6.35
CA ASP D 199 2.60 -23.14 5.77
C ASP D 199 3.29 -24.02 6.81
N ASP D 200 3.02 -23.79 8.09
CA ASP D 200 3.64 -24.54 9.16
C ASP D 200 3.29 -26.03 9.12
N PRO D 201 4.30 -26.90 9.21
CA PRO D 201 4.08 -28.35 9.18
C PRO D 201 4.02 -29.00 10.56
N LEU D 202 3.46 -28.32 11.55
CA LEU D 202 3.39 -28.91 12.88
C LEU D 202 2.34 -30.00 13.00
N PHE D 203 1.45 -30.10 12.02
CA PHE D 203 0.41 -31.14 12.03
C PHE D 203 0.76 -32.22 11.02
N ALA D 204 1.91 -32.07 10.39
CA ALA D 204 2.39 -33.01 9.39
C ALA D 204 2.32 -34.45 9.85
N GLY D 205 1.63 -35.28 9.07
CA GLY D 205 1.53 -36.70 9.42
C GLY D 205 0.48 -37.06 10.46
N TYR D 206 -0.33 -36.09 10.87
CA TYR D 206 -1.38 -36.34 11.85
C TYR D 206 -2.61 -36.99 11.22
N LYS D 207 -3.24 -37.87 11.97
CA LYS D 207 -4.43 -38.56 11.50
C LYS D 207 -5.68 -38.00 12.15
N ILE D 208 -6.70 -37.76 11.34
CA ILE D 208 -7.98 -37.23 11.84
C ILE D 208 -9.10 -37.64 10.91
N VAL D 209 -10.33 -37.41 11.35
CA VAL D 209 -11.49 -37.66 10.50
C VAL D 209 -12.09 -36.26 10.36
N ALA D 210 -12.85 -36.04 9.30
CA ALA D 210 -13.49 -34.75 9.05
C ALA D 210 -14.62 -34.96 8.06
N PHE D 211 -15.54 -34.00 7.97
CA PHE D 211 -16.64 -34.12 7.03
C PHE D 211 -16.02 -34.13 5.63
N PRO D 212 -16.35 -35.15 4.82
CA PRO D 212 -15.81 -35.27 3.47
C PRO D 212 -16.22 -34.15 2.49
N ASP D 213 -15.24 -33.65 1.76
CA ASP D 213 -15.47 -32.59 0.78
C ASP D 213 -16.49 -33.02 -0.26
N GLU D 214 -16.53 -34.31 -0.55
CA GLU D 214 -17.45 -34.81 -1.55
C GLU D 214 -18.89 -34.82 -1.10
N MET D 215 -19.13 -34.84 0.21
CA MET D 215 -20.50 -34.83 0.69
C MET D 215 -21.03 -33.40 0.73
N ASP D 216 -20.12 -32.43 0.80
CA ASP D 216 -20.52 -31.02 0.78
C ASP D 216 -20.89 -30.68 -0.66
N ALA D 217 -20.25 -31.34 -1.59
CA ALA D 217 -20.49 -31.11 -3.01
C ALA D 217 -21.88 -31.60 -3.44
N GLN D 218 -22.45 -32.50 -2.67
CA GLN D 218 -23.77 -33.07 -2.99
C GLN D 218 -24.95 -32.54 -2.19
N THR D 219 -24.75 -32.21 -0.91
CA THR D 219 -25.85 -31.71 -0.08
C THR D 219 -26.64 -30.54 -0.68
N PRO D 220 -26.05 -29.78 -1.62
CA PRO D 220 -26.86 -28.68 -2.15
C PRO D 220 -28.01 -29.15 -3.07
N SER D 221 -27.85 -30.32 -3.68
CA SER D 221 -28.89 -30.82 -4.59
C SER D 221 -30.22 -31.19 -3.94
N ILE D 222 -30.30 -31.09 -2.61
CA ILE D 222 -31.56 -31.37 -1.93
C ILE D 222 -31.95 -30.16 -1.08
N GLY D 223 -31.36 -29.01 -1.41
CA GLY D 223 -31.66 -27.78 -0.70
C GLY D 223 -31.12 -27.65 0.70
N TYR D 224 -30.02 -28.34 1.01
CA TYR D 224 -29.44 -28.25 2.32
C TYR D 224 -28.75 -26.90 2.47
N MET D 225 -28.12 -26.45 1.39
CA MET D 225 -27.46 -25.16 1.35
C MET D 225 -27.96 -24.47 0.09
N PRO D 226 -28.10 -23.13 0.13
CA PRO D 226 -28.57 -22.39 -1.05
C PRO D 226 -27.60 -22.37 -2.24
N GLY D 227 -26.47 -23.05 -2.10
CA GLY D 227 -25.46 -23.12 -3.14
C GLY D 227 -24.26 -23.96 -2.72
N HIS D 228 -23.16 -23.91 -3.46
CA HIS D 228 -21.98 -24.69 -3.12
C HIS D 228 -20.85 -23.85 -2.46
N LEU D 229 -20.00 -24.50 -1.67
CA LEU D 229 -18.90 -23.82 -1.01
C LEU D 229 -17.89 -23.32 -2.04
N THR D 230 -17.11 -22.29 -1.68
CA THR D 230 -16.13 -21.75 -2.62
C THR D 230 -14.73 -22.34 -2.51
N TRP D 231 -14.50 -23.22 -1.56
CA TRP D 231 -13.19 -23.87 -1.42
C TRP D 231 -13.36 -25.16 -0.66
N LYS D 232 -12.39 -26.06 -0.77
CA LYS D 232 -12.52 -27.35 -0.09
C LYS D 232 -11.50 -27.52 1.03
N PHE D 233 -11.96 -27.40 2.26
CA PHE D 233 -11.10 -27.50 3.45
C PHE D 233 -10.36 -28.84 3.51
N GLY D 234 -11.06 -29.91 3.17
CA GLY D 234 -10.45 -31.23 3.21
C GLY D 234 -9.15 -31.32 2.43
N GLU D 235 -9.17 -30.83 1.20
CA GLU D 235 -7.99 -30.85 0.35
C GLU D 235 -6.87 -30.03 0.95
N GLN D 236 -7.21 -28.86 1.49
CA GLN D 236 -6.18 -28.02 2.08
C GLN D 236 -5.64 -28.60 3.37
N LEU D 237 -6.43 -29.40 4.07
CA LEU D 237 -5.94 -30.04 5.29
C LEU D 237 -4.89 -31.08 4.88
N GLN D 238 -5.09 -31.67 3.70
CA GLN D 238 -4.14 -32.66 3.20
C GLN D 238 -2.88 -31.96 2.71
N ALA D 239 -3.03 -30.71 2.27
CA ALA D 239 -1.89 -29.95 1.79
C ALA D 239 -0.94 -29.56 2.92
N ILE D 240 -1.34 -29.76 4.17
CA ILE D 240 -0.48 -29.39 5.29
C ILE D 240 -0.01 -30.53 6.18
N GLY D 241 -0.16 -31.77 5.70
CA GLY D 241 0.30 -32.91 6.49
C GLY D 241 -0.74 -33.92 6.97
N PHE D 242 -2.00 -33.50 7.05
CA PHE D 242 -3.07 -34.39 7.54
C PHE D 242 -3.41 -35.58 6.66
N GLU D 243 -3.81 -36.66 7.33
CA GLU D 243 -4.27 -37.85 6.63
C GLU D 243 -5.73 -37.94 7.07
N LEU D 244 -6.65 -37.66 6.17
CA LEU D 244 -8.08 -37.74 6.48
C LEU D 244 -8.42 -39.23 6.46
N LEU D 245 -8.89 -39.76 7.58
CA LEU D 245 -9.19 -41.18 7.64
C LEU D 245 -10.48 -41.66 6.97
N ASN D 246 -11.53 -40.85 7.01
CA ASN D 246 -12.81 -41.23 6.43
C ASN D 246 -13.11 -40.67 5.05
N THR D 247 -13.98 -41.36 4.31
CA THR D 247 -14.38 -40.89 2.98
C THR D 247 -15.89 -40.71 3.03
N GLY D 248 -16.49 -41.23 4.09
CA GLY D 248 -17.93 -41.11 4.30
C GLY D 248 -18.13 -40.67 5.74
N ILE D 249 -19.35 -40.74 6.24
CA ILE D 249 -19.63 -40.33 7.62
C ILE D 249 -20.47 -41.37 8.34
N SER D 250 -20.20 -41.57 9.64
CA SER D 250 -20.95 -42.55 10.40
C SER D 250 -20.88 -42.41 11.92
N GLY D 251 -20.34 -41.32 12.43
CA GLY D 251 -20.24 -41.15 13.87
C GLY D 251 -18.88 -41.59 14.34
N GLN D 252 -17.97 -41.66 13.38
CA GLN D 252 -16.60 -42.07 13.64
C GLN D 252 -15.76 -41.02 14.35
N VAL D 253 -15.01 -41.45 15.38
CA VAL D 253 -14.11 -40.55 16.09
C VAL D 253 -12.72 -41.17 16.08
N PHE D 254 -11.68 -40.37 16.29
CA PHE D 254 -10.35 -40.92 16.27
C PHE D 254 -9.33 -40.19 17.15
N GLN D 255 -8.39 -40.95 17.71
CA GLN D 255 -7.37 -40.35 18.56
C GLN D 255 -5.98 -40.61 18.01
N ASP D 256 -5.25 -39.54 17.76
CA ASP D 256 -3.88 -39.65 17.30
C ASP D 256 -3.14 -38.78 18.29
N ARG D 257 -2.53 -39.41 19.28
CA ARG D 257 -1.84 -38.65 20.31
C ARG D 257 -2.89 -37.78 21.00
N LYS D 258 -2.75 -36.47 20.98
CA LYS D 258 -3.76 -35.63 21.64
C LYS D 258 -4.79 -34.95 20.72
N MET D 259 -4.76 -35.28 19.43
CA MET D 259 -5.72 -34.72 18.49
C MET D 259 -6.95 -35.61 18.58
N LEU D 260 -8.10 -35.02 18.90
CA LEU D 260 -9.34 -35.81 18.99
C LEU D 260 -10.36 -35.25 18.00
N THR D 261 -10.79 -36.08 17.05
CA THR D 261 -11.74 -35.63 16.04
C THR D 261 -12.94 -36.55 15.79
N GLY D 262 -14.07 -35.93 15.43
CA GLY D 262 -15.29 -36.66 15.11
C GLY D 262 -15.51 -36.41 13.62
N ASP D 263 -16.32 -37.21 12.94
CA ASP D 263 -16.49 -37.01 11.51
C ASP D 263 -17.66 -36.17 10.98
N SER D 264 -18.74 -36.07 11.75
CA SER D 264 -19.91 -35.35 11.29
C SER D 264 -20.89 -35.10 12.43
N PRO D 265 -22.10 -34.61 12.11
CA PRO D 265 -23.10 -34.37 13.16
C PRO D 265 -23.46 -35.68 13.88
N LEU D 266 -23.13 -36.80 13.27
CA LEU D 266 -23.42 -38.11 13.86
C LEU D 266 -22.39 -38.51 14.91
N ALA D 267 -21.28 -37.77 15.02
CA ALA D 267 -20.22 -38.14 15.95
C ALA D 267 -20.12 -37.31 17.24
N GLY D 268 -21.14 -36.50 17.51
CA GLY D 268 -21.10 -35.70 18.70
C GLY D 268 -20.98 -36.57 19.95
N ASN D 269 -21.94 -37.45 20.14
CA ASN D 269 -21.94 -38.32 21.31
C ASN D 269 -20.62 -39.07 21.49
N ALA D 270 -20.16 -39.73 20.42
CA ALA D 270 -18.92 -40.49 20.49
C ALA D 270 -17.73 -39.65 20.90
N LEU D 271 -17.69 -38.41 20.42
CA LEU D 271 -16.57 -37.52 20.74
C LEU D 271 -16.59 -37.17 22.23
N GLY D 272 -17.78 -37.02 22.79
CA GLY D 272 -17.89 -36.69 24.20
C GLY D 272 -17.22 -37.74 25.07
N GLN D 273 -17.57 -39.00 24.85
CA GLN D 273 -17.02 -40.12 25.61
C GLN D 273 -15.50 -40.24 25.44
N LEU D 274 -15.03 -40.15 24.20
CA LEU D 274 -13.60 -40.24 23.93
C LEU D 274 -12.85 -39.14 24.68
N ALA D 275 -13.38 -37.92 24.59
CA ALA D 275 -12.76 -36.76 25.22
C ALA D 275 -12.78 -36.94 26.73
N ALA D 276 -13.93 -37.32 27.26
CA ALA D 276 -14.06 -37.52 28.70
C ALA D 276 -13.10 -38.64 29.14
N LYS D 277 -12.95 -39.64 28.29
CA LYS D 277 -12.08 -40.78 28.53
C LYS D 277 -10.61 -40.37 28.57
N ALA D 278 -10.18 -39.73 27.48
CA ALA D 278 -8.80 -39.29 27.33
C ALA D 278 -8.39 -38.22 28.33
N LEU D 279 -9.26 -37.25 28.59
CA LEU D 279 -8.93 -36.20 29.53
C LEU D 279 -8.86 -36.69 30.97
N LEU D 280 -9.73 -37.63 31.31
CA LEU D 280 -9.76 -38.19 32.66
C LEU D 280 -8.51 -39.00 33.00
N ALA D 281 -7.91 -39.62 31.99
CA ALA D 281 -6.71 -40.42 32.22
C ALA D 281 -5.54 -39.49 32.48
N GLU D 282 -5.58 -38.33 31.84
CA GLU D 282 -4.53 -37.31 31.96
C GLU D 282 -4.51 -36.78 33.38
N VAL D 283 -5.70 -36.60 33.96
CA VAL D 283 -5.85 -36.07 35.30
C VAL D 283 -5.81 -37.12 36.42
N GLU D 284 -5.59 -38.37 36.05
CA GLU D 284 -5.48 -39.47 37.01
C GLU D 284 -4.02 -39.91 37.02
N GLN D 285 -3.73 -41.04 37.66
CA GLN D 285 -2.35 -41.51 37.69
C GLN D 285 -1.83 -41.93 39.05
N MET E 5 39.74 33.71 13.01
CA MET E 5 40.85 34.17 12.13
C MET E 5 40.33 35.06 11.00
N ASN E 6 41.14 35.18 9.95
CA ASN E 6 40.81 35.97 8.78
C ASN E 6 40.58 35.00 7.63
N ASP E 7 40.40 33.73 8.01
CA ASP E 7 40.20 32.61 7.11
C ASP E 7 38.78 32.55 6.53
N LYS E 8 38.66 32.49 5.20
CA LYS E 8 37.35 32.43 4.56
C LYS E 8 36.93 31.01 4.19
N HIS E 9 37.63 30.01 4.72
CA HIS E 9 37.32 28.61 4.44
C HIS E 9 36.24 28.07 5.36
N PRO E 10 35.22 27.38 4.79
CA PRO E 10 34.15 26.82 5.62
C PRO E 10 34.76 25.91 6.68
N THR E 11 34.13 25.80 7.83
CA THR E 11 34.65 24.96 8.91
C THR E 11 34.02 23.57 8.96
N PRO E 12 34.86 22.51 8.99
CA PRO E 12 34.25 21.19 9.04
C PRO E 12 33.54 20.97 10.38
N ASP E 13 32.40 20.28 10.32
CA ASP E 13 31.64 19.93 11.51
C ASP E 13 31.89 18.44 11.66
N PRO E 14 32.72 18.05 12.64
CA PRO E 14 33.07 16.65 12.90
C PRO E 14 31.93 15.70 13.25
N ALA E 15 30.78 16.25 13.63
CA ALA E 15 29.63 15.42 14.01
C ALA E 15 28.86 14.85 12.83
N GLU E 16 28.98 15.47 11.65
CA GLU E 16 28.24 15.02 10.48
C GLU E 16 29.00 15.17 9.16
N ASP E 17 29.33 14.05 8.53
CA ASP E 17 30.07 14.08 7.26
C ASP E 17 29.52 15.06 6.22
N ASN E 18 30.45 15.75 5.56
CA ASN E 18 30.13 16.74 4.52
C ASN E 18 29.52 18.01 5.06
N ALA E 19 29.47 18.16 6.38
CA ALA E 19 28.87 19.34 6.98
C ALA E 19 29.91 20.36 7.33
N PHE E 20 29.51 21.63 7.25
CA PHE E 20 30.40 22.76 7.54
C PHE E 20 29.66 23.93 8.20
N PHE E 21 30.26 24.49 9.24
CA PHE E 21 29.71 25.66 9.91
C PHE E 21 30.26 26.81 9.08
N PRO E 22 29.84 28.04 9.36
CA PRO E 22 30.35 29.19 8.59
C PRO E 22 31.88 29.33 8.78
N SER E 23 32.54 30.12 7.93
CA SER E 23 33.97 30.33 8.04
C SER E 23 34.32 31.23 9.23
N ALA E 24 35.58 31.17 9.68
CA ALA E 24 36.02 31.98 10.81
C ALA E 24 35.79 33.46 10.50
N TYR E 25 36.12 33.85 9.28
CA TYR E 25 35.96 35.24 8.86
C TYR E 25 34.49 35.66 8.88
N SER E 26 33.63 34.93 8.17
CA SER E 26 32.21 35.28 8.16
C SER E 26 31.59 35.27 9.55
N LEU E 27 32.05 34.37 10.42
CA LEU E 27 31.53 34.32 11.78
C LEU E 27 31.88 35.61 12.51
N SER E 28 33.09 36.12 12.27
CA SER E 28 33.55 37.35 12.91
C SER E 28 32.96 38.59 12.25
N GLN E 29 32.08 38.38 11.27
CA GLN E 29 31.44 39.47 10.54
C GLN E 29 29.92 39.45 10.70
N PHE E 30 29.37 38.30 11.05
CA PHE E 30 27.91 38.18 11.17
C PHE E 30 27.38 37.80 12.55
N THR E 31 28.27 37.58 13.52
CA THR E 31 27.81 37.21 14.85
C THR E 31 28.61 38.00 15.89
N ALA E 32 28.03 38.18 17.07
CA ALA E 32 28.70 38.95 18.12
C ALA E 32 28.63 38.28 19.49
N SER E 33 29.40 38.82 20.42
CA SER E 33 29.47 38.31 21.78
C SER E 33 28.27 38.77 22.63
N LYS E 34 27.68 39.89 22.25
CA LYS E 34 26.52 40.44 22.96
C LYS E 34 25.35 40.60 21.98
N SER E 35 24.13 40.66 22.51
CA SER E 35 22.96 40.83 21.67
C SER E 35 22.68 42.32 21.40
N ASP E 36 21.49 42.59 20.92
CA ASP E 36 21.08 43.93 20.55
C ASP E 36 19.90 44.37 21.44
N LEU E 37 19.52 43.47 22.34
CA LEU E 37 18.40 43.67 23.26
C LEU E 37 18.32 45.05 23.89
N SER E 38 17.15 45.68 23.79
CA SER E 38 16.92 47.00 24.37
C SER E 38 15.44 47.39 24.36
N GLY E 39 15.05 48.23 25.30
CA GLY E 39 13.66 48.67 25.38
C GLY E 39 12.71 47.59 25.84
N ALA E 40 13.25 46.49 26.32
CA ALA E 40 12.43 45.37 26.77
C ALA E 40 11.82 45.55 28.16
N HIS E 41 10.90 46.51 28.27
CA HIS E 41 10.19 46.75 29.51
C HIS E 41 8.81 47.29 29.17
N TYR E 42 7.80 46.75 29.84
CA TYR E 42 6.43 47.16 29.60
C TYR E 42 5.77 47.44 30.96
N PRO E 43 5.54 48.74 31.25
CA PRO E 43 4.92 49.25 32.48
C PRO E 43 3.64 48.57 32.92
N THR E 44 2.74 48.31 31.99
CA THR E 44 1.46 47.66 32.30
C THR E 44 1.31 46.37 31.49
N PRO E 45 2.04 45.32 31.86
CA PRO E 45 1.99 44.03 31.16
C PRO E 45 0.79 43.15 31.49
N TYR E 46 0.43 42.29 30.54
CA TYR E 46 -0.67 41.36 30.70
C TYR E 46 -0.39 40.46 31.91
N GLN E 47 -1.42 40.11 32.66
CA GLN E 47 -1.24 39.24 33.84
C GLN E 47 -2.37 38.23 34.00
N GLY E 48 -3.15 38.03 32.94
CA GLY E 48 -4.25 37.09 32.98
C GLY E 48 -3.77 35.65 33.01
N GLY E 49 -2.55 35.42 32.54
CA GLY E 49 -2.01 34.08 32.54
C GLY E 49 -2.73 33.09 31.63
N ARG E 50 -3.35 33.57 30.55
CA ARG E 50 -4.03 32.66 29.64
C ARG E 50 -3.44 32.64 28.23
N TRP E 51 -3.25 33.82 27.66
CA TRP E 51 -2.72 33.91 26.30
C TRP E 51 -1.25 33.52 26.16
N LYS E 52 -1.00 32.55 25.29
CA LYS E 52 0.35 32.10 25.05
C LYS E 52 0.68 32.35 23.59
N ILE E 53 1.90 31.97 23.22
CA ILE E 53 2.34 32.14 21.86
C ILE E 53 2.95 30.82 21.43
N LEU E 54 2.58 30.35 20.24
CA LEU E 54 3.12 29.10 19.75
C LEU E 54 4.40 29.34 19.00
N VAL E 55 5.49 28.74 19.49
CA VAL E 55 6.78 28.86 18.85
C VAL E 55 6.99 27.59 18.04
N VAL E 56 7.20 27.75 16.74
CA VAL E 56 7.43 26.60 15.87
C VAL E 56 8.92 26.60 15.48
N GLY E 57 9.67 25.65 16.03
CA GLY E 57 11.09 25.60 15.75
C GLY E 57 11.53 24.58 14.73
N ALA E 58 12.80 24.66 14.37
CA ALA E 58 13.41 23.75 13.41
C ALA E 58 13.98 22.57 14.17
N ASP E 59 13.58 21.35 13.81
CA ASP E 59 14.12 20.18 14.48
C ASP E 59 15.27 19.55 13.68
N GLU E 60 15.71 20.25 12.65
CA GLU E 60 16.80 19.79 11.77
C GLU E 60 17.94 20.80 11.70
N ARG E 61 19.17 20.30 11.67
CA ARG E 61 20.36 21.14 11.61
C ARG E 61 21.15 21.08 10.31
N TYR E 62 21.14 19.94 9.64
CA TYR E 62 21.90 19.78 8.42
C TYR E 62 21.12 19.99 7.13
N LEU E 63 21.51 21.03 6.41
CA LEU E 63 20.90 21.43 5.14
C LEU E 63 21.79 21.09 3.97
N MET E 64 21.23 20.49 2.92
CA MET E 64 21.99 20.14 1.73
C MET E 64 22.16 21.36 0.84
N MET E 65 23.39 21.57 0.35
CA MET E 65 23.71 22.70 -0.50
C MET E 65 23.72 22.18 -1.95
N ASP E 66 23.65 23.09 -2.92
CA ASP E 66 23.61 22.69 -4.32
C ASP E 66 24.80 21.85 -4.77
N ASN E 67 25.83 21.75 -3.92
CA ASN E 67 27.02 20.98 -4.24
C ASN E 67 27.27 19.78 -3.32
N GLY E 68 26.19 19.21 -2.78
CA GLY E 68 26.34 18.04 -1.93
C GLY E 68 26.82 18.18 -0.50
N THR E 69 27.28 19.36 -0.09
CA THR E 69 27.72 19.53 1.28
C THR E 69 26.52 19.93 2.14
N PHE E 70 26.64 19.78 3.44
CA PHE E 70 25.56 20.16 4.33
C PHE E 70 26.00 21.39 5.09
N PHE E 71 25.10 22.37 5.18
CA PHE E 71 25.40 23.56 5.94
C PHE E 71 24.96 23.20 7.36
N SER E 72 25.82 23.48 8.34
CA SER E 72 25.48 23.20 9.72
C SER E 72 24.76 24.45 10.23
N THR E 73 23.43 24.39 10.15
CA THR E 73 22.59 25.50 10.54
C THR E 73 21.59 25.13 11.63
N GLY E 74 20.34 25.53 11.42
CA GLY E 74 19.26 25.30 12.37
C GLY E 74 18.63 26.66 12.65
N ASN E 75 18.03 26.83 13.83
CA ASN E 75 17.39 28.09 14.20
C ASN E 75 18.45 29.10 14.68
N HIS E 76 18.27 30.35 14.30
CA HIS E 76 19.18 31.40 14.70
C HIS E 76 18.84 31.81 16.13
N PRO E 77 19.75 31.56 17.09
CA PRO E 77 19.52 31.89 18.50
C PRO E 77 19.07 33.32 18.80
N VAL E 78 19.65 34.29 18.11
CA VAL E 78 19.30 35.68 18.36
C VAL E 78 17.98 36.09 17.72
N GLU E 79 17.66 35.52 16.57
CA GLU E 79 16.39 35.83 15.91
C GLU E 79 15.29 35.22 16.76
N THR E 80 15.67 34.16 17.47
CA THR E 80 14.76 33.41 18.33
C THR E 80 14.52 34.00 19.72
N LEU E 81 15.60 34.15 20.49
CA LEU E 81 15.53 34.65 21.85
C LEU E 81 15.12 36.11 22.08
N LEU E 82 15.47 37.02 21.18
CA LEU E 82 15.09 38.40 21.38
C LEU E 82 13.58 38.60 21.32
N PRO E 83 12.92 38.12 20.26
CA PRO E 83 11.47 38.31 20.22
C PRO E 83 10.78 37.65 21.43
N MET E 84 11.22 36.43 21.76
CA MET E 84 10.67 35.70 22.89
C MET E 84 10.87 36.49 24.18
N TYR E 85 11.94 37.25 24.21
CA TYR E 85 12.29 38.04 25.37
C TYR E 85 11.33 39.21 25.61
N HIS E 86 11.04 39.98 24.57
CA HIS E 86 10.13 41.11 24.72
C HIS E 86 8.76 40.61 25.15
N LEU E 87 8.29 39.54 24.53
CA LEU E 87 6.99 38.99 24.85
C LEU E 87 6.98 38.37 26.25
N ASP E 88 8.14 37.94 26.73
CA ASP E 88 8.23 37.36 28.08
C ASP E 88 7.94 38.50 29.05
N LYS E 89 8.65 39.60 28.84
CA LYS E 89 8.48 40.78 29.67
C LYS E 89 7.08 41.38 29.56
N ALA E 90 6.50 41.28 28.36
CA ALA E 90 5.16 41.82 28.12
C ALA E 90 4.10 41.04 28.90
N GLY E 91 4.50 39.91 29.48
CA GLY E 91 3.57 39.12 30.26
C GLY E 91 2.92 37.92 29.59
N PHE E 92 3.50 37.46 28.49
CA PHE E 92 2.94 36.30 27.77
C PHE E 92 3.81 35.05 28.02
N SER E 93 3.25 33.87 27.79
CA SER E 93 4.00 32.64 27.97
C SER E 93 4.16 32.00 26.60
N PHE E 94 4.96 30.94 26.52
CA PHE E 94 5.21 30.27 25.25
C PHE E 94 5.00 28.77 25.25
N ASP E 95 4.76 28.23 24.06
CA ASP E 95 4.60 26.79 23.84
C ASP E 95 5.57 26.52 22.70
N ILE E 96 6.55 25.66 22.95
CA ILE E 96 7.53 25.36 21.92
C ILE E 96 7.20 24.04 21.23
N ALA E 97 7.15 24.09 19.90
CA ALA E 97 6.85 22.92 19.10
C ALA E 97 7.78 22.75 17.91
N THR E 98 8.01 21.50 17.53
CA THR E 98 8.82 21.15 16.37
C THR E 98 7.94 20.13 15.65
N LEU E 99 8.15 19.92 14.35
CA LEU E 99 7.31 18.96 13.64
C LEU E 99 7.46 17.54 14.19
N SER E 100 8.69 17.12 14.46
CA SER E 100 8.98 15.79 14.99
C SER E 100 8.74 15.63 16.48
N GLY E 101 8.91 16.73 17.21
CA GLY E 101 8.74 16.66 18.65
C GLY E 101 10.13 16.52 19.25
N ASN E 102 11.14 16.45 18.38
CA ASN E 102 12.54 16.34 18.78
C ASN E 102 13.09 17.73 19.10
N PRO E 103 14.21 17.81 19.84
CA PRO E 103 14.84 19.07 20.25
C PRO E 103 14.93 20.13 19.16
N VAL E 104 14.89 21.40 19.60
CA VAL E 104 15.03 22.52 18.68
C VAL E 104 16.53 22.57 18.35
N LYS E 105 16.87 22.82 17.09
CA LYS E 105 18.25 22.88 16.66
C LYS E 105 18.72 24.32 16.49
N PHE E 106 19.73 24.70 17.26
CA PHE E 106 20.24 26.06 17.20
C PHE E 106 21.55 26.15 16.47
N GLU E 107 21.80 27.28 15.83
CA GLU E 107 23.07 27.52 15.18
C GLU E 107 23.88 28.08 16.37
N TRP E 108 24.50 27.21 17.16
CA TRP E 108 25.24 27.71 18.31
C TRP E 108 26.31 28.75 17.97
N TRP E 109 26.95 28.63 16.83
CA TRP E 109 27.98 29.56 16.44
C TRP E 109 27.56 31.04 16.40
N ALA E 110 26.25 31.30 16.53
CA ALA E 110 25.76 32.68 16.49
C ALA E 110 25.18 33.16 17.83
N MET E 111 25.30 32.31 18.85
CA MET E 111 24.81 32.61 20.19
C MET E 111 25.75 33.58 20.90
N PRO E 112 25.26 34.76 21.29
CA PRO E 112 26.13 35.73 21.98
C PRO E 112 26.47 35.26 23.39
N ARG E 113 27.62 34.60 23.51
CA ARG E 113 28.06 34.04 24.79
C ARG E 113 28.15 35.02 25.96
N GLU E 114 28.47 36.28 25.70
CA GLU E 114 28.60 37.25 26.79
C GLU E 114 27.32 37.96 27.18
N ASP E 115 26.22 37.62 26.53
CA ASP E 115 24.95 38.27 26.84
C ASP E 115 24.16 37.56 27.94
N GLN E 116 24.27 38.11 29.15
CA GLN E 116 23.63 37.56 30.32
C GLN E 116 22.12 37.49 30.12
N GLU E 117 21.60 38.51 29.44
CA GLU E 117 20.17 38.63 29.15
C GLU E 117 19.67 37.48 28.29
N VAL E 118 20.25 37.34 27.12
CA VAL E 118 19.90 36.30 26.17
C VAL E 118 20.16 34.92 26.77
N ASN E 119 21.32 34.76 27.41
CA ASN E 119 21.66 33.45 28.01
C ASN E 119 20.77 33.09 29.19
N GLY E 120 20.26 34.09 29.90
CA GLY E 120 19.39 33.81 31.03
C GLY E 120 18.02 33.35 30.57
N LEU E 121 17.49 34.01 29.55
CA LEU E 121 16.18 33.66 29.02
C LEU E 121 16.28 32.26 28.43
N TYR E 122 17.45 31.93 27.89
CA TYR E 122 17.63 30.61 27.33
C TYR E 122 17.59 29.60 28.47
N SER E 123 18.29 29.90 29.57
CA SER E 123 18.29 29.01 30.70
C SER E 123 16.87 28.76 31.14
N LYS E 124 16.02 29.77 30.99
CA LYS E 124 14.63 29.65 31.39
C LYS E 124 13.80 28.71 30.54
N TYR E 125 13.92 28.84 29.21
CA TYR E 125 13.17 28.03 28.26
C TYR E 125 13.94 26.87 27.67
N GLN E 126 15.05 26.54 28.32
CA GLN E 126 15.94 25.47 27.91
C GLN E 126 15.29 24.08 27.81
N SER E 127 14.70 23.63 28.91
CA SER E 127 14.06 22.31 28.92
C SER E 127 12.94 22.24 27.89
N SER E 128 12.40 23.40 27.54
CA SER E 128 11.32 23.45 26.57
C SER E 128 11.84 23.24 25.14
N PHE E 129 13.05 23.73 24.85
CA PHE E 129 13.64 23.53 23.53
C PHE E 129 14.13 22.09 23.39
N ARG E 130 14.60 21.52 24.50
CA ARG E 130 15.09 20.15 24.52
C ARG E 130 13.95 19.13 24.44
N GLN E 131 12.77 19.53 24.87
CA GLN E 131 11.59 18.66 24.83
C GLN E 131 10.38 19.45 24.32
N PRO E 132 10.35 19.73 23.02
CA PRO E 132 9.20 20.49 22.52
C PRO E 132 7.97 19.63 22.24
N LEU E 133 6.83 20.28 22.13
CA LEU E 133 5.60 19.56 21.85
C LEU E 133 5.66 19.17 20.37
N LYS E 134 4.91 18.14 20.00
CA LYS E 134 4.86 17.70 18.61
C LYS E 134 3.73 18.55 18.02
N LEU E 135 3.99 19.18 16.88
CA LEU E 135 3.00 20.04 16.27
C LEU E 135 1.65 19.39 16.02
N SER E 136 1.67 18.13 15.57
CA SER E 136 0.43 17.42 15.28
C SER E 136 -0.51 17.34 16.50
N ASP E 137 0.06 17.21 17.69
CA ASP E 137 -0.74 17.14 18.90
C ASP E 137 -1.39 18.49 19.22
N VAL E 138 -0.68 19.56 18.90
CA VAL E 138 -1.16 20.91 19.13
C VAL E 138 -2.34 21.23 18.23
N ILE E 139 -2.26 20.78 16.98
CA ILE E 139 -3.31 21.02 15.99
C ILE E 139 -4.59 20.27 16.30
N GLU E 140 -4.49 19.19 17.06
CA GLU E 140 -5.64 18.36 17.42
C GLU E 140 -6.30 18.77 18.72
N THR E 141 -5.58 19.43 19.61
CA THR E 141 -6.14 19.79 20.89
C THR E 141 -5.98 21.24 21.37
N ALA E 142 -5.05 21.99 20.78
CA ALA E 142 -4.81 23.35 21.23
C ALA E 142 -5.20 24.49 20.27
N LEU E 143 -5.89 24.16 19.18
CA LEU E 143 -6.30 25.19 18.25
C LEU E 143 -7.82 25.39 18.33
N GLY E 144 -8.46 25.49 17.16
CA GLY E 144 -9.90 25.69 17.13
C GLY E 144 -10.24 27.15 17.38
N GLU E 145 -11.15 27.41 18.32
CA GLU E 145 -11.56 28.78 18.61
C GLU E 145 -11.36 29.21 20.06
N ASP E 146 -11.46 28.26 20.99
CA ASP E 146 -11.25 28.59 22.40
C ASP E 146 -9.77 28.45 22.70
N SER E 147 -8.98 28.53 21.64
CA SER E 147 -7.54 28.43 21.72
C SER E 147 -6.99 29.40 22.77
N ASP E 148 -5.87 29.03 23.39
CA ASP E 148 -5.26 29.90 24.38
C ASP E 148 -4.17 30.70 23.68
N TYR E 149 -3.89 30.34 22.43
CA TYR E 149 -2.88 31.03 21.63
C TYR E 149 -3.41 32.35 21.11
N ILE E 150 -2.56 33.37 21.18
CA ILE E 150 -2.94 34.69 20.70
C ILE E 150 -2.11 34.97 19.45
N GLY E 151 -1.22 34.03 19.13
CA GLY E 151 -0.38 34.17 17.97
C GLY E 151 0.66 33.07 17.91
N VAL E 152 1.24 32.93 16.72
CA VAL E 152 2.25 31.91 16.50
C VAL E 152 3.52 32.61 16.02
N PHE E 153 4.67 32.15 16.53
CA PHE E 153 5.96 32.74 16.19
C PHE E 153 6.90 31.73 15.51
N ILE E 154 7.36 32.08 14.31
CA ILE E 154 8.27 31.23 13.55
C ILE E 154 9.60 31.97 13.35
N PRO E 155 10.64 31.57 14.10
CA PRO E 155 11.95 32.23 13.96
C PRO E 155 12.81 31.80 12.76
N GLY E 156 13.81 32.62 12.45
CA GLY E 156 14.67 32.36 11.33
C GLY E 156 15.89 31.47 11.53
N GLY E 157 16.77 31.51 10.54
CA GLY E 157 17.95 30.67 10.53
C GLY E 157 17.64 29.78 9.35
N HIS E 158 18.63 29.16 8.72
CA HIS E 158 18.30 28.33 7.57
C HIS E 158 17.62 27.02 7.90
N GLY E 159 17.45 26.76 9.19
CA GLY E 159 16.81 25.53 9.60
C GLY E 159 15.33 25.54 9.26
N ALA E 160 14.77 26.74 9.16
CA ALA E 160 13.35 26.88 8.84
C ALA E 160 13.03 26.48 7.40
N LEU E 161 14.07 26.41 6.57
CA LEU E 161 13.91 26.05 5.16
C LEU E 161 13.68 24.54 4.98
N MET E 162 13.80 23.79 6.06
CA MET E 162 13.61 22.33 6.04
C MET E 162 12.35 21.95 6.80
N GLY E 163 11.55 21.06 6.23
CA GLY E 163 10.32 20.62 6.88
C GLY E 163 9.15 21.62 6.91
N LEU E 164 9.38 22.78 7.52
CA LEU E 164 8.35 23.81 7.64
C LEU E 164 7.65 24.25 6.34
N PRO E 165 8.42 24.61 5.31
CA PRO E 165 7.87 25.06 4.04
C PRO E 165 6.81 24.15 3.42
N ASP E 166 6.89 22.85 3.70
CA ASP E 166 5.88 21.96 3.13
C ASP E 166 5.21 21.10 4.18
N SER E 167 5.16 21.60 5.41
CA SER E 167 4.53 20.86 6.49
C SER E 167 3.01 20.98 6.46
N GLN E 168 2.37 19.83 6.33
CA GLN E 168 0.93 19.74 6.31
C GLN E 168 0.39 20.22 7.67
N GLU E 169 1.21 20.13 8.72
CA GLU E 169 0.82 20.57 10.06
C GLU E 169 0.93 22.09 10.15
N VAL E 170 1.91 22.65 9.45
CA VAL E 170 2.11 24.10 9.46
C VAL E 170 0.98 24.76 8.70
N LYS E 171 0.61 24.22 7.55
CA LYS E 171 -0.46 24.82 6.79
C LYS E 171 -1.71 24.89 7.68
N ALA E 172 -1.91 23.86 8.49
CA ALA E 172 -3.06 23.82 9.36
C ALA E 172 -3.03 25.01 10.31
N VAL E 173 -1.92 25.16 11.02
CA VAL E 173 -1.78 26.25 11.99
C VAL E 173 -1.93 27.63 11.35
N LEU E 174 -1.49 27.78 10.10
CA LEU E 174 -1.58 29.05 9.40
C LEU E 174 -3.01 29.44 9.02
N GLN E 175 -3.81 28.47 8.58
CA GLN E 175 -5.19 28.77 8.23
C GLN E 175 -5.95 29.12 9.51
N TRP E 176 -5.76 28.31 10.55
CA TRP E 176 -6.39 28.54 11.85
C TRP E 176 -6.11 30.00 12.22
N ALA E 177 -4.82 30.34 12.20
CA ALA E 177 -4.36 31.68 12.51
C ALA E 177 -5.18 32.74 11.77
N MET E 178 -5.17 32.66 10.45
CA MET E 178 -5.94 33.61 9.63
C MET E 178 -7.44 33.51 9.90
N LYS E 179 -7.92 32.29 10.18
CA LYS E 179 -9.34 32.09 10.44
C LYS E 179 -9.80 32.75 11.72
N GLN E 180 -9.11 32.47 12.82
CA GLN E 180 -9.45 33.04 14.11
C GLN E 180 -8.79 34.41 14.29
N ASN E 181 -8.31 34.95 13.18
CA ASN E 181 -7.64 36.26 13.17
C ASN E 181 -6.63 36.37 14.31
N LYS E 182 -5.61 35.51 14.24
CA LYS E 182 -4.54 35.47 15.24
C LYS E 182 -3.29 36.12 14.68
N PHE E 183 -2.33 36.42 15.57
CA PHE E 183 -1.08 37.04 15.19
C PHE E 183 -0.04 36.05 14.64
N ILE E 184 0.60 36.44 13.55
CA ILE E 184 1.65 35.65 12.93
C ILE E 184 2.95 36.47 13.01
N ILE E 185 3.96 35.91 13.66
CA ILE E 185 5.24 36.60 13.84
C ILE E 185 6.40 35.75 13.34
N SER E 186 7.21 36.32 12.45
CA SER E 186 8.35 35.58 11.90
C SER E 186 9.36 36.57 11.36
N LEU E 187 10.57 36.09 11.06
CA LEU E 187 11.61 36.94 10.51
C LEU E 187 12.63 36.09 9.74
N CYS E 188 13.41 36.75 8.89
CA CYS E 188 14.45 36.10 8.08
C CYS E 188 13.90 34.97 7.22
N HIS E 189 14.49 33.78 7.32
CA HIS E 189 14.04 32.64 6.54
C HIS E 189 12.80 31.96 7.12
N GLY E 190 12.37 32.43 8.30
CA GLY E 190 11.19 31.87 8.94
C GLY E 190 9.96 31.90 8.03
N PRO E 191 9.76 32.98 7.25
CA PRO E 191 8.61 33.08 6.34
C PRO E 191 8.57 32.02 5.22
N ALA E 192 9.60 31.17 5.17
CA ALA E 192 9.63 30.10 4.18
C ALA E 192 8.54 29.13 4.60
N ALA E 193 8.24 29.16 5.90
CA ALA E 193 7.23 28.30 6.48
C ALA E 193 5.84 28.64 5.94
N PHE E 194 5.65 29.90 5.56
CA PHE E 194 4.35 30.31 5.04
C PHE E 194 4.00 29.54 3.78
N LEU E 195 5.03 29.12 3.04
CA LEU E 195 4.85 28.35 1.79
C LEU E 195 4.08 27.04 2.00
N ALA E 196 3.93 26.63 3.25
CA ALA E 196 3.22 25.41 3.58
C ALA E 196 1.76 25.40 3.13
N VAL E 197 1.22 26.57 2.81
CA VAL E 197 -0.18 26.66 2.37
C VAL E 197 -0.37 26.12 0.96
N GLY E 198 0.72 25.87 0.26
CA GLY E 198 0.63 25.36 -1.10
C GLY E 198 -0.06 26.30 -2.06
N ASP E 199 -1.20 25.89 -2.59
CA ASP E 199 -1.95 26.71 -3.55
C ASP E 199 -3.06 27.59 -2.98
N ASP E 200 -3.28 27.56 -1.66
CA ASP E 200 -4.31 28.40 -1.05
C ASP E 200 -3.86 29.84 -1.25
N PRO E 201 -4.78 30.72 -1.70
CA PRO E 201 -4.42 32.13 -1.91
C PRO E 201 -4.71 33.07 -0.73
N LEU E 202 -4.77 32.51 0.48
CA LEU E 202 -5.05 33.30 1.67
C LEU E 202 -4.05 34.41 1.95
N PHE E 203 -2.80 34.22 1.52
CA PHE E 203 -1.78 35.23 1.77
C PHE E 203 -1.51 36.21 0.63
N ALA E 204 -2.36 36.19 -0.39
CA ALA E 204 -2.18 37.11 -1.52
C ALA E 204 -2.37 38.56 -1.05
N GLY E 205 -1.55 39.47 -1.58
CA GLY E 205 -1.66 40.87 -1.20
C GLY E 205 -0.78 41.28 -0.02
N TYR E 206 -0.58 40.37 0.93
CA TYR E 206 0.22 40.64 2.12
C TYR E 206 1.63 41.11 1.86
N LYS E 207 2.03 42.12 2.62
CA LYS E 207 3.37 42.68 2.55
C LYS E 207 4.16 42.19 3.77
N ILE E 208 5.36 41.70 3.52
CA ILE E 208 6.23 41.21 4.59
C ILE E 208 7.67 41.49 4.21
N VAL E 209 8.58 41.23 5.14
CA VAL E 209 10.01 41.38 4.90
C VAL E 209 10.65 40.03 5.19
N ALA E 210 11.72 39.71 4.49
CA ALA E 210 12.41 38.44 4.67
C ALA E 210 13.84 38.57 4.17
N PHE E 211 14.69 37.62 4.52
CA PHE E 211 16.07 37.67 4.08
C PHE E 211 16.03 37.65 2.56
N PRO E 212 16.80 38.54 1.91
CA PRO E 212 16.86 38.64 0.43
C PRO E 212 17.63 37.49 -0.24
N ASP E 213 17.01 36.88 -1.25
CA ASP E 213 17.63 35.79 -2.02
C ASP E 213 19.00 36.18 -2.55
N GLU E 214 19.10 37.40 -3.06
CA GLU E 214 20.34 37.92 -3.64
C GLU E 214 21.51 37.91 -2.66
N MET E 215 21.20 37.94 -1.37
CA MET E 215 22.24 37.93 -0.35
C MET E 215 22.62 36.49 0.03
N ASP E 216 21.68 35.55 -0.07
CA ASP E 216 22.00 34.17 0.25
C ASP E 216 23.00 33.70 -0.82
N ALA E 217 22.87 34.29 -2.00
CA ALA E 217 23.74 33.96 -3.13
C ALA E 217 25.10 34.59 -3.02
N GLN E 218 25.25 35.51 -2.08
CA GLN E 218 26.51 36.20 -1.89
C GLN E 218 27.32 35.78 -0.67
N THR E 219 26.64 35.35 0.40
CA THR E 219 27.35 34.93 1.61
C THR E 219 28.31 33.76 1.43
N PRO E 220 28.05 32.87 0.44
CA PRO E 220 28.99 31.75 0.30
C PRO E 220 30.40 32.18 -0.14
N SER E 221 30.51 33.38 -0.70
CA SER E 221 31.81 33.88 -1.17
C SER E 221 32.81 34.22 -0.06
N ILE E 222 32.33 34.48 1.16
CA ILE E 222 33.24 34.76 2.27
C ILE E 222 33.18 33.59 3.23
N GLY E 223 32.74 32.44 2.71
CA GLY E 223 32.66 31.23 3.49
C GLY E 223 31.53 31.05 4.51
N TYR E 224 30.46 31.83 4.40
CA TYR E 224 29.35 31.70 5.34
C TYR E 224 28.72 30.30 5.30
N MET E 225 28.57 29.78 4.09
CA MET E 225 28.01 28.44 3.91
C MET E 225 28.95 27.71 2.96
N PRO E 226 28.93 26.35 2.98
CA PRO E 226 29.80 25.55 2.10
C PRO E 226 29.32 25.39 0.65
N GLY E 227 28.17 25.97 0.34
CA GLY E 227 27.65 25.88 -1.00
C GLY E 227 26.58 26.93 -1.16
N HIS E 228 25.72 26.75 -2.15
CA HIS E 228 24.61 27.67 -2.39
C HIS E 228 23.32 26.87 -2.16
N LEU E 229 22.27 27.57 -1.75
CA LEU E 229 21.00 26.90 -1.51
C LEU E 229 20.48 26.28 -2.81
N THR E 230 19.57 25.33 -2.69
CA THR E 230 19.03 24.65 -3.86
C THR E 230 17.75 25.32 -4.37
N TRP E 231 17.23 26.28 -3.62
CA TRP E 231 16.04 27.01 -4.06
C TRP E 231 15.99 28.40 -3.44
N LYS E 232 15.10 29.23 -3.96
CA LYS E 232 14.95 30.60 -3.48
C LYS E 232 13.54 30.81 -2.95
N PHE E 233 13.42 30.83 -1.62
CA PHE E 233 12.13 30.99 -0.95
C PHE E 233 11.54 32.36 -1.25
N GLY E 234 12.43 33.32 -1.50
CA GLY E 234 11.99 34.66 -1.80
C GLY E 234 11.02 34.70 -2.95
N GLU E 235 11.40 34.10 -4.08
CA GLU E 235 10.55 34.08 -5.26
C GLU E 235 9.36 33.14 -5.08
N GLN E 236 9.55 32.13 -4.24
CA GLN E 236 8.49 31.16 -3.96
C GLN E 236 7.34 31.85 -3.25
N LEU E 237 7.68 32.71 -2.30
CA LEU E 237 6.66 33.43 -1.53
C LEU E 237 5.93 34.41 -2.43
N GLN E 238 6.69 35.14 -3.24
CA GLN E 238 6.11 36.11 -4.16
C GLN E 238 5.14 35.36 -5.06
N ALA E 239 5.56 34.19 -5.52
CA ALA E 239 4.76 33.36 -6.40
C ALA E 239 3.41 33.02 -5.76
N ILE E 240 3.35 33.04 -4.44
CA ILE E 240 2.08 32.72 -3.79
C ILE E 240 1.33 33.92 -3.25
N GLY E 241 1.65 35.12 -3.74
CA GLY E 241 0.95 36.33 -3.30
C GLY E 241 1.68 37.36 -2.44
N PHE E 242 2.70 36.93 -1.71
CA PHE E 242 3.48 37.82 -0.83
C PHE E 242 4.26 38.91 -1.55
N GLU E 243 4.30 40.09 -0.95
CA GLU E 243 5.06 41.18 -1.50
C GLU E 243 6.27 41.34 -0.59
N LEU E 244 7.45 41.03 -1.12
CA LEU E 244 8.70 41.16 -0.36
C LEU E 244 9.06 42.64 -0.43
N LEU E 245 9.08 43.31 0.72
CA LEU E 245 9.36 44.75 0.76
C LEU E 245 10.83 45.16 0.78
N ASN E 246 11.74 44.21 0.99
CA ASN E 246 13.14 44.58 1.04
C ASN E 246 14.05 43.80 0.10
N THR E 247 15.18 44.42 -0.22
CA THR E 247 16.17 43.82 -1.11
C THR E 247 17.52 43.81 -0.41
N GLY E 248 17.56 44.47 0.74
CA GLY E 248 18.77 44.55 1.56
C GLY E 248 18.36 44.30 2.99
N ILE E 249 19.29 44.33 3.92
CA ILE E 249 18.90 44.09 5.30
C ILE E 249 19.30 45.28 6.17
N SER E 250 18.41 45.67 7.07
CA SER E 250 18.67 46.81 7.94
C SER E 250 18.15 46.69 9.36
N GLY E 251 17.32 45.68 9.61
CA GLY E 251 16.75 45.49 10.92
C GLY E 251 15.28 45.87 10.88
N GLN E 252 14.81 46.16 9.67
CA GLN E 252 13.43 46.56 9.42
C GLN E 252 12.40 45.51 9.84
N VAL E 253 11.24 45.98 10.30
CA VAL E 253 10.15 45.09 10.69
C VAL E 253 8.87 45.71 10.17
N PHE E 254 8.01 44.91 9.55
CA PHE E 254 6.77 45.45 9.00
C PHE E 254 5.52 44.79 9.57
N GLN E 255 4.42 45.53 9.54
CA GLN E 255 3.15 45.02 10.03
C GLN E 255 2.06 45.27 9.01
N ASP E 256 1.43 44.19 8.57
CA ASP E 256 0.32 44.27 7.65
C ASP E 256 -0.76 43.51 8.37
N ARG E 257 -1.72 44.24 8.93
CA ARG E 257 -2.78 43.60 9.70
C ARG E 257 -2.15 42.85 10.87
N LYS E 258 -2.19 41.52 10.84
CA LYS E 258 -1.60 40.74 11.93
C LYS E 258 -0.37 39.94 11.54
N MET E 259 0.16 40.24 10.35
CA MET E 259 1.38 39.59 9.87
C MET E 259 2.51 40.49 10.32
N LEU E 260 3.40 39.97 11.17
CA LEU E 260 4.53 40.75 11.70
C LEU E 260 5.85 40.10 11.30
N THR E 261 6.58 40.71 10.37
CA THR E 261 7.84 40.13 9.91
C THR E 261 9.12 40.93 10.21
N GLY E 262 10.25 40.26 10.01
CA GLY E 262 11.56 40.87 10.23
C GLY E 262 12.46 40.48 9.08
N ASP E 263 13.31 41.40 8.63
CA ASP E 263 14.16 41.12 7.49
C ASP E 263 15.38 40.25 7.68
N SER E 264 16.00 40.30 8.86
CA SER E 264 17.23 39.55 9.05
C SER E 264 17.60 39.41 10.52
N PRO E 265 18.79 38.85 10.79
CA PRO E 265 19.22 38.68 12.18
C PRO E 265 19.27 40.03 12.89
N LEU E 266 19.18 41.11 12.11
CA LEU E 266 19.24 42.47 12.64
C LEU E 266 17.88 43.00 13.07
N ALA E 267 16.84 42.20 12.90
CA ALA E 267 15.49 42.63 13.24
C ALA E 267 14.95 42.02 14.54
N GLY E 268 15.79 41.25 15.21
CA GLY E 268 15.36 40.60 16.43
C GLY E 268 14.77 41.50 17.50
N ASN E 269 15.48 42.59 17.82
CA ASN E 269 15.01 43.50 18.85
C ASN E 269 13.77 44.28 18.42
N ALA E 270 13.70 44.66 17.14
CA ALA E 270 12.55 45.43 16.65
C ALA E 270 11.29 44.58 16.59
N LEU E 271 11.41 43.36 16.07
CA LEU E 271 10.28 42.46 15.95
C LEU E 271 9.72 42.21 17.35
N GLY E 272 10.61 42.13 18.33
CA GLY E 272 10.21 41.90 19.71
C GLY E 272 9.32 43.04 20.20
N GLN E 273 9.82 44.27 20.08
CA GLN E 273 9.06 45.43 20.51
C GLN E 273 7.73 45.52 19.76
N LEU E 274 7.76 45.28 18.45
CA LEU E 274 6.54 45.34 17.64
C LEU E 274 5.51 44.31 18.06
N ALA E 275 5.90 43.04 18.15
CA ALA E 275 4.94 42.01 18.53
C ALA E 275 4.36 42.34 19.91
N ALA E 276 5.20 42.85 20.81
CA ALA E 276 4.77 43.20 22.16
C ALA E 276 3.70 44.29 22.16
N LYS E 277 3.91 45.35 21.38
CA LYS E 277 2.94 46.44 21.30
C LYS E 277 1.63 45.99 20.67
N ALA E 278 1.73 45.22 19.60
CA ALA E 278 0.54 44.73 18.90
C ALA E 278 -0.27 43.77 19.78
N LEU E 279 0.42 42.85 20.45
CA LEU E 279 -0.27 41.89 21.28
C LEU E 279 -0.85 42.49 22.55
N LEU E 280 -0.11 43.42 23.18
CA LEU E 280 -0.64 44.04 24.39
C LEU E 280 -1.88 44.84 24.05
N ALA E 281 -1.82 45.61 22.97
CA ALA E 281 -2.94 46.43 22.52
C ALA E 281 -4.18 45.56 22.30
N GLU E 282 -3.98 44.41 21.66
CA GLU E 282 -5.08 43.49 21.41
C GLU E 282 -5.68 43.04 22.74
N VAL E 283 -4.79 42.69 23.66
CA VAL E 283 -5.17 42.25 24.99
C VAL E 283 -5.88 43.37 25.77
N GLU E 284 -5.27 44.55 25.75
CA GLU E 284 -5.79 45.71 26.47
C GLU E 284 -7.08 46.30 25.90
N GLN E 285 -8.09 45.47 25.72
CA GLN E 285 -9.35 45.95 25.20
C GLN E 285 -10.34 46.14 26.34
N MET F 5 49.19 9.39 21.12
CA MET F 5 48.59 10.33 22.10
C MET F 5 47.07 10.17 22.20
N ASN F 6 46.61 9.53 23.27
CA ASN F 6 45.18 9.31 23.47
C ASN F 6 44.68 9.58 24.89
N ASP F 7 44.02 10.72 25.04
CA ASP F 7 43.45 11.19 26.30
C ASP F 7 42.10 10.51 26.59
N LYS F 8 41.65 10.56 27.85
CA LYS F 8 40.39 9.94 28.22
C LYS F 8 39.25 10.93 28.49
N HIS F 9 39.50 12.21 28.25
CA HIS F 9 38.48 13.23 28.49
C HIS F 9 37.50 13.31 27.32
N PRO F 10 36.19 13.40 27.63
CA PRO F 10 35.17 13.49 26.59
C PRO F 10 35.50 14.60 25.60
N THR F 11 35.54 14.26 24.32
CA THR F 11 35.85 15.26 23.30
C THR F 11 34.65 16.15 23.03
N PRO F 12 34.85 17.47 23.05
CA PRO F 12 33.76 18.43 22.80
C PRO F 12 33.18 18.35 21.38
N ASP F 13 31.87 18.48 21.28
CA ASP F 13 31.21 18.48 19.99
C ASP F 13 30.69 19.90 19.78
N PRO F 14 31.26 20.63 18.81
CA PRO F 14 30.84 22.00 18.54
C PRO F 14 29.40 22.21 18.06
N ALA F 15 28.90 21.31 17.22
CA ALA F 15 27.54 21.42 16.68
C ALA F 15 26.49 21.67 17.75
N GLU F 16 26.71 21.13 18.94
CA GLU F 16 25.76 21.27 20.02
C GLU F 16 26.44 21.65 21.33
N ASP F 17 25.74 22.46 22.11
CA ASP F 17 26.23 22.96 23.39
C ASP F 17 26.20 21.87 24.46
N ASN F 18 27.31 21.77 25.20
CA ASN F 18 27.45 20.80 26.28
C ASN F 18 27.35 19.35 25.81
N ALA F 19 27.75 19.10 24.56
CA ALA F 19 27.71 17.77 23.97
C ALA F 19 29.14 17.22 23.85
N PHE F 20 29.28 15.90 23.80
CA PHE F 20 30.61 15.30 23.71
C PHE F 20 30.72 13.99 22.95
N PHE F 21 31.76 13.87 22.13
CA PHE F 21 31.99 12.63 21.40
C PHE F 21 32.73 11.74 22.40
N PRO F 22 33.01 10.48 22.05
CA PRO F 22 33.73 9.63 23.00
C PRO F 22 35.20 10.09 23.14
N SER F 23 35.80 9.84 24.30
CA SER F 23 37.20 10.25 24.52
C SER F 23 38.10 9.66 23.45
N ALA F 24 39.26 10.28 23.23
CA ALA F 24 40.18 9.77 22.22
C ALA F 24 40.61 8.34 22.57
N TYR F 25 40.83 8.08 23.86
CA TYR F 25 41.25 6.74 24.28
C TYR F 25 40.18 5.71 23.92
N SER F 26 38.93 6.01 24.25
CA SER F 26 37.84 5.10 23.93
C SER F 26 37.74 4.84 22.44
N LEU F 27 37.93 5.87 21.62
CA LEU F 27 37.86 5.70 20.16
C LEU F 27 38.92 4.72 19.66
N SER F 28 40.14 4.84 20.18
CA SER F 28 41.23 3.96 19.77
C SER F 28 40.99 2.53 20.24
N GLN F 29 40.30 2.42 21.37
CA GLN F 29 39.96 1.13 21.98
C GLN F 29 38.73 0.45 21.35
N PHE F 30 37.68 1.21 21.07
CA PHE F 30 36.45 0.65 20.53
C PHE F 30 36.06 0.84 19.07
N THR F 31 36.93 1.46 18.26
CA THR F 31 36.61 1.62 16.84
C THR F 31 37.84 1.27 16.02
N ALA F 32 37.63 1.00 14.73
CA ALA F 32 38.73 0.63 13.85
C ALA F 32 38.55 1.19 12.45
N SER F 33 39.66 1.32 11.71
CA SER F 33 39.62 1.85 10.36
C SER F 33 38.86 0.91 9.41
N LYS F 34 38.78 -0.36 9.82
CA LYS F 34 38.09 -1.37 9.03
C LYS F 34 37.29 -2.27 9.97
N SER F 35 36.25 -2.91 9.42
CA SER F 35 35.42 -3.81 10.23
C SER F 35 35.94 -5.24 10.12
N ASP F 36 35.15 -6.20 10.57
CA ASP F 36 35.56 -7.60 10.50
C ASP F 36 34.57 -8.42 9.70
N LEU F 37 34.02 -7.80 8.68
CA LEU F 37 33.07 -8.45 7.78
C LEU F 37 33.69 -9.72 7.22
N SER F 38 32.89 -10.77 7.13
CA SER F 38 33.39 -12.04 6.62
C SER F 38 32.28 -13.06 6.42
N GLY F 39 32.53 -14.02 5.54
CA GLY F 39 31.56 -15.06 5.26
C GLY F 39 30.25 -14.51 4.75
N ALA F 40 30.31 -13.55 3.83
CA ALA F 40 29.10 -12.96 3.28
C ALA F 40 28.86 -13.54 1.88
N HIS F 41 29.13 -14.83 1.75
CA HIS F 41 28.95 -15.55 0.49
C HIS F 41 27.71 -16.43 0.56
N TYR F 42 26.77 -16.19 -0.34
CA TYR F 42 25.52 -16.95 -0.40
C TYR F 42 25.26 -17.35 -1.83
N PRO F 43 25.69 -18.56 -2.22
CA PRO F 43 25.51 -19.09 -3.58
C PRO F 43 24.06 -19.22 -4.04
N THR F 44 23.15 -19.38 -3.07
CA THR F 44 21.73 -19.52 -3.38
C THR F 44 20.95 -18.33 -2.79
N PRO F 45 21.27 -17.11 -3.26
CA PRO F 45 20.61 -15.89 -2.77
C PRO F 45 19.22 -15.67 -3.35
N TYR F 46 18.33 -15.12 -2.53
CA TYR F 46 16.98 -14.81 -2.97
C TYR F 46 17.08 -13.79 -4.09
N GLN F 47 16.20 -13.93 -5.07
CA GLN F 47 16.16 -13.02 -6.21
C GLN F 47 14.72 -13.04 -6.72
N GLY F 48 13.80 -12.78 -5.80
CA GLY F 48 12.39 -12.78 -6.12
C GLY F 48 11.85 -11.37 -6.24
N GLY F 49 12.69 -10.39 -5.95
CA GLY F 49 12.28 -9.00 -6.05
C GLY F 49 10.95 -8.63 -5.42
N ARG F 50 10.86 -8.76 -4.11
CA ARG F 50 9.64 -8.40 -3.39
C ARG F 50 9.95 -8.22 -1.91
N TRP F 51 10.44 -9.29 -1.29
CA TRP F 51 10.79 -9.29 0.13
C TRP F 51 11.78 -8.18 0.51
N LYS F 52 11.33 -7.33 1.44
CA LYS F 52 12.10 -6.19 1.93
C LYS F 52 12.27 -6.26 3.44
N ILE F 53 13.21 -5.45 3.95
CA ILE F 53 13.44 -5.39 5.38
C ILE F 53 13.31 -3.95 5.87
N LEU F 54 12.38 -3.72 6.78
CA LEU F 54 12.17 -2.39 7.32
C LEU F 54 13.27 -2.08 8.35
N VAL F 55 14.02 -1.03 8.08
CA VAL F 55 15.06 -0.57 8.97
C VAL F 55 14.56 0.62 9.79
N VAL F 56 14.36 0.41 11.09
CA VAL F 56 13.93 1.49 11.97
C VAL F 56 15.19 2.11 12.58
N GLY F 57 15.66 3.21 12.00
CA GLY F 57 16.86 3.86 12.49
C GLY F 57 16.60 5.01 13.44
N ALA F 58 17.64 5.42 14.18
CA ALA F 58 17.52 6.51 15.13
C ALA F 58 17.65 7.85 14.41
N ASP F 59 16.81 8.82 14.79
CA ASP F 59 16.83 10.14 14.17
C ASP F 59 17.30 11.24 15.14
N GLU F 60 17.82 10.84 16.29
CA GLU F 60 18.33 11.80 17.27
C GLU F 60 19.81 11.49 17.54
N ARG F 61 20.58 12.52 17.87
CA ARG F 61 22.02 12.35 18.15
C ARG F 61 22.46 12.71 19.58
N TYR F 62 21.76 13.63 20.22
CA TYR F 62 22.14 14.09 21.54
C TYR F 62 21.37 13.55 22.73
N LEU F 63 21.93 12.51 23.34
CA LEU F 63 21.30 11.85 24.48
C LEU F 63 21.58 12.57 25.80
N MET F 64 20.52 12.83 26.55
CA MET F 64 20.65 13.48 27.85
C MET F 64 21.38 12.55 28.83
N MET F 65 22.42 13.07 29.46
CA MET F 65 23.17 12.29 30.44
C MET F 65 22.69 12.68 31.84
N ASP F 66 23.01 11.87 32.84
CA ASP F 66 22.58 12.15 34.21
C ASP F 66 23.24 13.37 34.86
N ASN F 67 24.15 14.02 34.16
CA ASN F 67 24.79 15.21 34.71
C ASN F 67 24.62 16.46 33.86
N GLY F 68 23.63 16.46 32.96
CA GLY F 68 23.38 17.62 32.13
C GLY F 68 24.07 17.58 30.77
N THR F 69 25.13 16.81 30.66
CA THR F 69 25.87 16.70 29.42
C THR F 69 25.07 15.90 28.39
N PHE F 70 25.55 15.92 27.15
CA PHE F 70 24.92 15.18 26.06
C PHE F 70 25.92 14.26 25.44
N PHE F 71 25.50 13.03 25.19
CA PHE F 71 26.37 12.06 24.54
C PHE F 71 26.11 12.27 23.05
N SER F 72 27.16 12.53 22.28
CA SER F 72 27.00 12.73 20.85
C SER F 72 27.00 11.35 20.22
N THR F 73 25.85 10.69 20.31
CA THR F 73 25.69 9.33 19.82
C THR F 73 24.91 9.19 18.49
N GLY F 74 24.02 8.20 18.43
CA GLY F 74 23.24 7.93 17.24
C GLY F 74 23.30 6.43 16.94
N ASN F 75 23.10 6.04 15.69
CA ASN F 75 23.18 4.63 15.33
C ASN F 75 24.63 4.23 15.13
N HIS F 76 24.99 3.00 15.53
CA HIS F 76 26.35 2.53 15.33
C HIS F 76 26.43 2.07 13.88
N PRO F 77 27.31 2.67 13.08
CA PRO F 77 27.43 2.28 11.67
C PRO F 77 27.76 0.81 11.44
N VAL F 78 28.72 0.28 12.18
CA VAL F 78 29.09 -1.12 12.02
C VAL F 78 27.88 -2.01 12.31
N GLU F 79 27.23 -1.76 13.45
CA GLU F 79 26.05 -2.55 13.82
C GLU F 79 24.95 -2.45 12.76
N THR F 80 24.86 -1.28 12.13
CA THR F 80 23.86 -1.05 11.10
C THR F 80 24.22 -1.67 9.76
N LEU F 81 25.34 -1.22 9.19
CA LEU F 81 25.78 -1.68 7.88
C LEU F 81 26.22 -3.15 7.71
N LEU F 82 26.93 -3.69 8.71
CA LEU F 82 27.37 -5.09 8.62
C LEU F 82 26.18 -6.03 8.36
N PRO F 83 25.20 -6.06 9.28
CA PRO F 83 24.02 -6.93 9.11
C PRO F 83 23.35 -6.68 7.75
N MET F 84 23.27 -5.40 7.37
CA MET F 84 22.67 -5.02 6.09
C MET F 84 23.46 -5.58 4.92
N TYR F 85 24.78 -5.69 5.08
CA TYR F 85 25.63 -6.22 4.03
C TYR F 85 25.29 -7.68 3.71
N HIS F 86 25.31 -8.53 4.72
CA HIS F 86 25.00 -9.95 4.51
C HIS F 86 23.64 -10.15 3.86
N LEU F 87 22.63 -9.42 4.35
CA LEU F 87 21.28 -9.53 3.82
C LEU F 87 21.20 -9.01 2.39
N ASP F 88 21.99 -7.99 2.08
CA ASP F 88 22.03 -7.42 0.74
C ASP F 88 22.58 -8.49 -0.19
N LYS F 89 23.72 -9.05 0.19
CA LYS F 89 24.33 -10.10 -0.60
C LYS F 89 23.44 -11.32 -0.62
N ALA F 90 22.59 -11.44 0.40
CA ALA F 90 21.67 -12.58 0.50
C ALA F 90 20.49 -12.39 -0.47
N GLY F 91 20.41 -11.23 -1.10
CA GLY F 91 19.34 -10.98 -2.07
C GLY F 91 18.18 -10.09 -1.64
N PHE F 92 18.19 -9.65 -0.38
CA PHE F 92 17.12 -8.82 0.17
C PHE F 92 17.43 -7.33 0.12
N SER F 93 16.40 -6.49 -0.01
CA SER F 93 16.59 -5.04 -0.08
C SER F 93 16.10 -4.38 1.22
N PHE F 94 16.33 -3.07 1.32
CA PHE F 94 15.94 -2.34 2.53
C PHE F 94 15.16 -1.04 2.34
N ASP F 95 14.37 -0.71 3.36
CA ASP F 95 13.62 0.53 3.41
C ASP F 95 14.13 1.17 4.71
N ILE F 96 14.50 2.44 4.65
CA ILE F 96 15.00 3.13 5.82
C ILE F 96 13.94 4.06 6.39
N ALA F 97 13.58 3.87 7.65
CA ALA F 97 12.58 4.71 8.30
C ALA F 97 12.99 5.19 9.68
N THR F 98 12.51 6.40 10.03
CA THR F 98 12.75 7.02 11.33
C THR F 98 11.41 7.57 11.80
N LEU F 99 11.28 7.81 13.10
CA LEU F 99 10.04 8.33 13.65
C LEU F 99 9.59 9.63 13.00
N SER F 100 10.49 10.59 12.93
CA SER F 100 10.20 11.92 12.38
C SER F 100 10.27 11.99 10.85
N GLY F 101 10.93 11.04 10.23
CA GLY F 101 11.05 11.10 8.78
C GLY F 101 12.27 11.92 8.40
N ASN F 102 13.10 12.20 9.39
CA ASN F 102 14.32 12.96 9.20
C ASN F 102 15.53 12.04 9.08
N PRO F 103 16.65 12.52 8.53
CA PRO F 103 17.85 11.70 8.36
C PRO F 103 18.25 10.86 9.56
N VAL F 104 18.80 9.68 9.26
CA VAL F 104 19.28 8.78 10.28
C VAL F 104 20.53 9.46 10.85
N LYS F 105 20.69 9.38 12.17
CA LYS F 105 21.87 9.97 12.82
C LYS F 105 22.89 8.90 13.16
N PHE F 106 24.03 8.95 12.46
CA PHE F 106 25.11 7.99 12.66
C PHE F 106 26.20 8.50 13.60
N GLU F 107 26.88 7.55 14.25
CA GLU F 107 28.01 7.88 15.12
C GLU F 107 29.20 7.74 14.16
N TRP F 108 29.52 8.80 13.44
CA TRP F 108 30.61 8.76 12.47
C TRP F 108 32.00 8.46 13.06
N TRP F 109 32.17 8.76 14.35
CA TRP F 109 33.44 8.51 14.98
C TRP F 109 33.77 7.02 15.05
N ALA F 110 32.78 6.19 14.74
CA ALA F 110 32.97 4.74 14.77
C ALA F 110 32.86 4.15 13.37
N MET F 111 32.87 5.01 12.34
CA MET F 111 32.76 4.57 10.96
C MET F 111 34.09 4.09 10.38
N PRO F 112 34.12 2.87 9.84
CA PRO F 112 35.38 2.38 9.26
C PRO F 112 35.54 2.96 7.86
N ARG F 113 36.09 4.17 7.79
CA ARG F 113 36.30 4.87 6.52
C ARG F 113 37.20 4.12 5.53
N GLU F 114 38.04 3.23 6.05
CA GLU F 114 38.97 2.49 5.21
C GLU F 114 38.49 1.10 4.78
N ASP F 115 37.26 0.77 5.14
CA ASP F 115 36.69 -0.53 4.79
C ASP F 115 35.98 -0.42 3.45
N GLN F 116 36.67 -0.85 2.40
CA GLN F 116 36.16 -0.80 1.03
C GLN F 116 34.76 -1.39 0.87
N GLU F 117 34.51 -2.53 1.52
CA GLU F 117 33.22 -3.22 1.41
C GLU F 117 32.06 -2.60 2.18
N VAL F 118 32.31 -2.16 3.41
CA VAL F 118 31.24 -1.54 4.19
C VAL F 118 30.84 -0.23 3.54
N ASN F 119 31.84 0.59 3.22
CA ASN F 119 31.62 1.87 2.58
C ASN F 119 30.86 1.69 1.28
N GLY F 120 31.10 0.56 0.63
CA GLY F 120 30.41 0.26 -0.61
C GLY F 120 28.91 0.21 -0.37
N LEU F 121 28.48 -0.68 0.52
CA LEU F 121 27.07 -0.82 0.85
C LEU F 121 26.46 0.50 1.32
N TYR F 122 27.16 1.18 2.23
CA TYR F 122 26.67 2.46 2.73
C TYR F 122 26.35 3.40 1.57
N SER F 123 27.30 3.54 0.67
CA SER F 123 27.12 4.41 -0.48
C SER F 123 25.87 3.99 -1.24
N LYS F 124 25.68 2.68 -1.39
CA LYS F 124 24.52 2.16 -2.10
C LYS F 124 23.18 2.58 -1.49
N TYR F 125 23.17 2.84 -0.18
CA TYR F 125 21.95 3.23 0.53
C TYR F 125 22.00 4.64 1.13
N GLN F 126 23.02 5.41 0.79
CA GLN F 126 23.18 6.77 1.32
C GLN F 126 21.94 7.67 1.20
N SER F 127 21.28 7.63 0.05
CA SER F 127 20.10 8.46 -0.16
C SER F 127 18.97 8.07 0.78
N SER F 128 18.86 6.78 1.09
CA SER F 128 17.82 6.31 1.99
C SER F 128 18.08 6.76 3.43
N PHE F 129 19.35 6.79 3.83
CA PHE F 129 19.70 7.23 5.17
C PHE F 129 19.45 8.73 5.27
N ARG F 130 19.55 9.42 4.13
CA ARG F 130 19.34 10.86 4.08
C ARG F 130 17.89 11.29 3.92
N GLN F 131 17.05 10.40 3.38
CA GLN F 131 15.66 10.73 3.16
C GLN F 131 14.75 9.58 3.58
N PRO F 132 14.75 9.23 4.88
CA PRO F 132 13.89 8.13 5.33
C PRO F 132 12.39 8.43 5.33
N LEU F 133 11.60 7.38 5.31
CA LEU F 133 10.15 7.49 5.33
C LEU F 133 9.79 7.79 6.77
N LYS F 134 8.57 8.25 7.02
CA LYS F 134 8.14 8.53 8.38
C LYS F 134 7.49 7.23 8.82
N LEU F 135 7.82 6.77 10.02
CA LEU F 135 7.28 5.50 10.50
C LEU F 135 5.76 5.48 10.57
N SER F 136 5.16 6.64 10.79
CA SER F 136 3.71 6.69 10.86
C SER F 136 3.12 6.37 9.48
N ASP F 137 3.75 6.85 8.41
CA ASP F 137 3.26 6.57 7.06
C ASP F 137 3.43 5.09 6.70
N VAL F 138 4.56 4.52 7.09
CA VAL F 138 4.82 3.11 6.79
C VAL F 138 3.75 2.21 7.42
N ILE F 139 3.57 2.31 8.74
CA ILE F 139 2.58 1.47 9.44
C ILE F 139 1.17 1.57 8.88
N GLU F 140 0.88 2.67 8.17
CA GLU F 140 -0.46 2.87 7.61
C GLU F 140 -0.53 2.58 6.12
N THR F 141 0.57 2.13 5.53
CA THR F 141 0.57 1.87 4.09
C THR F 141 1.33 0.61 3.68
N ALA F 142 2.43 0.30 4.37
CA ALA F 142 3.21 -0.86 3.98
C ALA F 142 3.15 -2.08 4.88
N LEU F 143 2.10 -2.21 5.67
CA LEU F 143 1.98 -3.38 6.54
C LEU F 143 0.78 -4.22 6.10
N GLY F 144 -0.19 -4.41 6.99
CA GLY F 144 -1.36 -5.20 6.64
C GLY F 144 -1.06 -6.69 6.66
N GLU F 145 -1.65 -7.44 5.73
CA GLU F 145 -1.44 -8.88 5.67
C GLU F 145 -0.77 -9.30 4.37
N ASP F 146 -0.47 -8.33 3.50
CA ASP F 146 0.19 -8.63 2.23
C ASP F 146 1.41 -7.76 2.09
N SER F 147 1.94 -7.34 3.23
CA SER F 147 3.13 -6.50 3.29
C SER F 147 4.25 -7.14 2.50
N ASP F 148 5.16 -6.30 2.01
CA ASP F 148 6.30 -6.81 1.28
C ASP F 148 7.50 -6.91 2.22
N TYR F 149 7.26 -6.64 3.52
CA TYR F 149 8.31 -6.74 4.53
C TYR F 149 8.37 -8.16 5.11
N ILE F 150 9.56 -8.75 5.12
CA ILE F 150 9.76 -10.09 5.64
C ILE F 150 10.17 -10.03 7.12
N GLY F 151 10.77 -8.91 7.51
CA GLY F 151 11.19 -8.73 8.88
C GLY F 151 11.51 -7.26 9.11
N VAL F 152 11.72 -6.90 10.37
CA VAL F 152 12.05 -5.53 10.71
C VAL F 152 13.41 -5.51 11.40
N PHE F 153 14.23 -4.53 11.05
CA PHE F 153 15.57 -4.42 11.61
C PHE F 153 15.75 -3.09 12.34
N ILE F 154 16.11 -3.18 13.62
CA ILE F 154 16.33 -2.02 14.48
C ILE F 154 17.79 -2.04 14.93
N PRO F 155 18.67 -1.34 14.20
CA PRO F 155 20.09 -1.30 14.57
C PRO F 155 20.35 -0.70 15.95
N GLY F 156 21.53 -0.98 16.49
CA GLY F 156 21.93 -0.49 17.79
C GLY F 156 22.54 0.90 17.91
N GLY F 157 23.27 1.11 19.01
CA GLY F 157 23.87 2.40 19.29
C GLY F 157 23.00 3.12 20.31
N HIS F 158 23.61 3.88 21.22
CA HIS F 158 22.83 4.58 22.22
C HIS F 158 21.76 5.48 21.62
N GLY F 159 21.78 5.65 20.30
CA GLY F 159 20.79 6.48 19.65
C GLY F 159 19.42 5.83 19.71
N ALA F 160 19.41 4.51 19.80
CA ALA F 160 18.16 3.75 19.86
C ALA F 160 17.42 3.89 21.20
N LEU F 161 18.10 4.47 22.19
CA LEU F 161 17.52 4.69 23.51
C LEU F 161 16.54 5.87 23.48
N MET F 162 16.60 6.70 22.45
CA MET F 162 15.69 7.85 22.33
C MET F 162 14.54 7.59 21.36
N GLY F 163 13.36 8.15 21.68
CA GLY F 163 12.19 8.01 20.83
C GLY F 163 11.57 6.63 20.70
N LEU F 164 12.35 5.64 20.31
CA LEU F 164 11.88 4.27 20.10
C LEU F 164 11.21 3.54 21.29
N PRO F 165 11.85 3.56 22.48
CA PRO F 165 11.34 2.90 23.69
C PRO F 165 9.96 3.31 24.22
N ASP F 166 9.46 4.46 23.80
CA ASP F 166 8.15 4.88 24.27
C ASP F 166 7.29 5.33 23.09
N SER F 167 7.72 4.95 21.88
CA SER F 167 7.01 5.30 20.66
C SER F 167 5.84 4.37 20.37
N GLN F 168 4.67 4.96 20.15
CA GLN F 168 3.48 4.18 19.84
C GLN F 168 3.59 3.60 18.44
N GLU F 169 4.38 4.24 17.59
CA GLU F 169 4.59 3.76 16.22
C GLU F 169 5.46 2.50 16.25
N VAL F 170 6.53 2.50 17.04
CA VAL F 170 7.40 1.34 17.17
C VAL F 170 6.59 0.18 17.75
N LYS F 171 5.69 0.48 18.67
CA LYS F 171 4.85 -0.56 19.25
C LYS F 171 3.97 -1.20 18.20
N ALA F 172 3.33 -0.37 17.38
CA ALA F 172 2.44 -0.87 16.34
C ALA F 172 3.17 -1.77 15.37
N VAL F 173 4.44 -1.45 15.10
CA VAL F 173 5.24 -2.25 14.18
C VAL F 173 5.60 -3.58 14.82
N LEU F 174 6.01 -3.55 16.08
CA LEU F 174 6.35 -4.78 16.79
C LEU F 174 5.12 -5.66 16.94
N GLN F 175 3.97 -5.05 17.21
CA GLN F 175 2.74 -5.85 17.36
C GLN F 175 2.41 -6.49 16.01
N TRP F 176 2.61 -5.75 14.94
CA TRP F 176 2.36 -6.29 13.62
C TRP F 176 3.32 -7.44 13.36
N ALA F 177 4.58 -7.21 13.70
CA ALA F 177 5.62 -8.21 13.49
C ALA F 177 5.27 -9.54 14.14
N MET F 178 4.80 -9.49 15.39
CA MET F 178 4.45 -10.70 16.12
C MET F 178 3.21 -11.43 15.60
N LYS F 179 2.13 -10.69 15.38
CA LYS F 179 0.89 -11.30 14.89
C LYS F 179 1.09 -11.95 13.54
N GLN F 180 1.77 -11.25 12.64
CA GLN F 180 2.04 -11.77 11.30
C GLN F 180 3.23 -12.71 11.23
N ASN F 181 3.88 -12.91 12.37
CA ASN F 181 5.02 -13.81 12.44
C ASN F 181 6.15 -13.43 11.48
N LYS F 182 6.67 -12.22 11.63
CA LYS F 182 7.77 -11.72 10.82
C LYS F 182 9.04 -11.66 11.67
N PHE F 183 10.19 -11.56 11.02
CA PHE F 183 11.46 -11.50 11.72
C PHE F 183 11.73 -10.16 12.40
N ILE F 184 12.18 -10.21 13.65
CA ILE F 184 12.52 -9.00 14.38
C ILE F 184 14.02 -9.09 14.65
N ILE F 185 14.78 -8.23 13.98
CA ILE F 185 16.23 -8.23 14.10
C ILE F 185 16.78 -6.98 14.78
N SER F 186 17.63 -7.18 15.78
CA SER F 186 18.22 -6.08 16.52
C SER F 186 19.47 -6.52 17.30
N LEU F 187 20.20 -5.55 17.86
CA LEU F 187 21.41 -5.87 18.60
C LEU F 187 21.86 -4.69 19.46
N CYS F 188 22.70 -4.97 20.44
CA CYS F 188 23.25 -3.95 21.33
C CYS F 188 22.14 -3.18 22.06
N HIS F 189 22.01 -1.88 21.77
CA HIS F 189 20.96 -1.10 22.41
C HIS F 189 19.66 -1.09 21.58
N GLY F 190 19.67 -1.79 20.45
CA GLY F 190 18.48 -1.84 19.62
C GLY F 190 17.26 -2.31 20.41
N PRO F 191 17.38 -3.42 21.17
CA PRO F 191 16.29 -3.97 21.99
C PRO F 191 15.47 -3.01 22.87
N ALA F 192 16.05 -1.88 23.24
CA ALA F 192 15.32 -0.91 24.08
C ALA F 192 14.00 -0.55 23.36
N ALA F 193 14.04 -0.54 22.04
CA ALA F 193 12.87 -0.25 21.21
C ALA F 193 11.69 -1.14 21.62
N PHE F 194 12.00 -2.36 22.04
CA PHE F 194 10.94 -3.28 22.43
C PHE F 194 10.05 -2.72 23.55
N LEU F 195 10.64 -1.95 24.47
CA LEU F 195 9.89 -1.37 25.57
C LEU F 195 8.68 -0.52 25.13
N ALA F 196 8.53 -0.34 23.82
CA ALA F 196 7.42 0.46 23.29
C ALA F 196 6.06 -0.22 23.38
N VAL F 197 6.02 -1.47 23.84
CA VAL F 197 4.76 -2.19 23.97
C VAL F 197 4.10 -1.82 25.29
N GLY F 198 4.89 -1.24 26.18
CA GLY F 198 4.37 -0.84 27.48
C GLY F 198 3.94 -2.02 28.32
N ASP F 199 2.63 -2.09 28.59
CA ASP F 199 2.03 -3.16 29.41
C ASP F 199 1.70 -4.44 28.68
N ASP F 200 1.63 -4.37 27.35
CA ASP F 200 1.31 -5.56 26.55
C ASP F 200 2.43 -6.59 26.73
N PRO F 201 2.08 -7.79 27.24
CA PRO F 201 3.07 -8.85 27.46
C PRO F 201 3.27 -9.82 26.30
N LEU F 202 3.38 -9.32 25.07
CA LEU F 202 3.55 -10.23 23.95
C LEU F 202 4.97 -10.81 23.82
N PHE F 203 5.93 -10.24 24.54
CA PHE F 203 7.32 -10.73 24.49
C PHE F 203 7.65 -11.66 25.65
N ALA F 204 6.74 -11.76 26.61
CA ALA F 204 6.97 -12.60 27.77
C ALA F 204 7.43 -14.00 27.37
N GLY F 205 8.58 -14.41 27.87
CA GLY F 205 9.11 -15.72 27.55
C GLY F 205 10.20 -15.77 26.49
N TYR F 206 10.47 -14.64 25.83
CA TYR F 206 11.50 -14.58 24.80
C TYR F 206 12.93 -14.40 25.35
N LYS F 207 13.88 -15.05 24.70
CA LYS F 207 15.27 -14.97 25.11
C LYS F 207 16.05 -14.10 24.12
N ILE F 208 16.84 -13.18 24.65
CA ILE F 208 17.63 -12.28 23.84
C ILE F 208 18.96 -11.96 24.49
N VAL F 209 19.74 -11.14 23.79
CA VAL F 209 21.01 -10.65 24.28
C VAL F 209 21.02 -9.18 23.89
N ALA F 210 21.59 -8.36 24.76
CA ALA F 210 21.67 -6.93 24.52
C ALA F 210 22.89 -6.41 25.24
N PHE F 211 23.19 -5.13 25.11
CA PHE F 211 24.35 -4.60 25.79
C PHE F 211 24.05 -4.65 27.29
N PRO F 212 24.94 -5.29 28.07
CA PRO F 212 24.75 -5.40 29.52
C PRO F 212 24.65 -4.03 30.19
N ASP F 213 23.68 -3.86 31.10
CA ASP F 213 23.53 -2.58 31.81
C ASP F 213 24.80 -2.28 32.62
N GLU F 214 25.41 -3.34 33.16
CA GLU F 214 26.62 -3.19 33.96
C GLU F 214 27.75 -2.55 33.17
N MET F 215 27.80 -2.82 31.87
CA MET F 215 28.85 -2.25 31.04
C MET F 215 28.62 -0.76 30.78
N ASP F 216 27.37 -0.35 30.63
CA ASP F 216 27.07 1.06 30.41
C ASP F 216 27.55 1.87 31.61
N ALA F 217 27.59 1.21 32.77
CA ALA F 217 28.01 1.85 34.01
C ALA F 217 29.54 1.92 34.15
N GLN F 218 30.26 1.30 33.23
CA GLN F 218 31.73 1.28 33.29
C GLN F 218 32.44 2.02 32.18
N THR F 219 31.81 2.16 31.02
CA THR F 219 32.44 2.85 29.90
C THR F 219 32.62 4.36 30.12
N PRO F 220 31.85 4.95 31.04
CA PRO F 220 32.07 6.39 31.21
C PRO F 220 33.44 6.64 31.83
N SER F 221 33.83 5.75 32.74
CA SER F 221 35.10 5.84 33.45
C SER F 221 36.26 6.11 32.52
N ILE F 222 36.17 5.65 31.28
CA ILE F 222 37.25 5.85 30.33
C ILE F 222 36.95 6.90 29.26
N GLY F 223 35.84 7.62 29.44
CA GLY F 223 35.46 8.67 28.51
C GLY F 223 34.60 8.36 27.30
N TYR F 224 34.12 7.13 27.17
CA TYR F 224 33.26 6.77 26.03
C TYR F 224 32.05 7.70 25.95
N MET F 225 31.49 8.00 27.11
CA MET F 225 30.33 8.90 27.22
C MET F 225 30.73 9.95 28.26
N PRO F 226 30.15 11.17 28.17
CA PRO F 226 30.48 12.25 29.12
C PRO F 226 29.73 12.21 30.45
N GLY F 227 29.03 11.10 30.71
CA GLY F 227 28.29 10.98 31.95
C GLY F 227 27.66 9.61 32.01
N HIS F 228 26.59 9.46 32.79
CA HIS F 228 25.92 8.17 32.89
C HIS F 228 24.45 8.25 32.48
N LEU F 229 23.95 7.15 31.92
CA LEU F 229 22.58 7.07 31.48
C LEU F 229 21.61 7.34 32.64
N THR F 230 20.39 7.77 32.31
CA THR F 230 19.37 8.08 33.32
C THR F 230 18.41 6.92 33.61
N TRP F 231 18.67 5.78 32.99
CA TRP F 231 17.86 4.57 33.21
C TRP F 231 18.50 3.34 32.57
N LYS F 232 18.22 2.17 33.14
CA LYS F 232 18.79 0.92 32.66
C LYS F 232 17.77 0.17 31.80
N PHE F 233 18.04 0.06 30.49
CA PHE F 233 17.12 -0.59 29.58
C PHE F 233 17.06 -2.09 29.77
N GLY F 234 18.16 -2.68 30.24
CA GLY F 234 18.17 -4.11 30.47
C GLY F 234 17.10 -4.50 31.50
N GLU F 235 17.02 -3.73 32.58
CA GLU F 235 16.06 -4.00 33.64
C GLU F 235 14.65 -3.87 33.10
N GLN F 236 14.43 -2.82 32.32
CA GLN F 236 13.13 -2.56 31.72
C GLN F 236 12.65 -3.74 30.88
N LEU F 237 13.52 -4.25 30.01
CA LEU F 237 13.17 -5.38 29.18
C LEU F 237 12.91 -6.60 30.07
N GLN F 238 13.72 -6.76 31.11
CA GLN F 238 13.56 -7.88 32.05
C GLN F 238 12.25 -7.73 32.81
N ALA F 239 11.76 -6.50 32.94
CA ALA F 239 10.52 -6.23 33.65
C ALA F 239 9.29 -6.55 32.80
N ILE F 240 9.47 -6.69 31.48
CA ILE F 240 8.32 -7.00 30.64
C ILE F 240 8.34 -8.43 30.06
N GLY F 241 9.09 -9.32 30.71
CA GLY F 241 9.14 -10.72 30.30
C GLY F 241 10.29 -11.27 29.46
N PHE F 242 11.34 -10.48 29.24
CA PHE F 242 12.49 -10.92 28.44
C PHE F 242 13.58 -11.59 29.29
N GLU F 243 14.19 -12.65 28.78
CA GLU F 243 15.26 -13.29 29.51
C GLU F 243 16.58 -12.85 28.87
N LEU F 244 17.38 -12.08 29.60
CA LEU F 244 18.67 -11.63 29.08
C LEU F 244 19.66 -12.77 29.24
N LEU F 245 20.29 -13.19 28.13
CA LEU F 245 21.22 -14.30 28.16
C LEU F 245 22.68 -14.00 28.46
N ASN F 246 23.12 -12.77 28.21
CA ASN F 246 24.52 -12.45 28.41
C ASN F 246 24.82 -11.43 29.51
N THR F 247 26.00 -11.61 30.14
CA THR F 247 26.44 -10.71 31.20
C THR F 247 27.54 -9.80 30.69
N GLY F 248 28.34 -10.32 29.76
CA GLY F 248 29.42 -9.55 29.17
C GLY F 248 29.16 -9.49 27.67
N ILE F 249 30.15 -9.05 26.90
CA ILE F 249 29.95 -8.97 25.46
C ILE F 249 31.01 -9.78 24.72
N SER F 250 30.61 -10.50 23.69
CA SER F 250 31.56 -11.31 22.94
C SER F 250 31.21 -11.39 21.46
N GLY F 251 30.18 -10.65 21.05
CA GLY F 251 29.77 -10.69 19.68
C GLY F 251 28.89 -11.90 19.48
N GLN F 252 28.16 -12.22 20.53
CA GLN F 252 27.23 -13.35 20.55
C GLN F 252 25.89 -13.00 19.88
N VAL F 253 25.23 -13.97 19.28
CA VAL F 253 23.92 -13.74 18.68
C VAL F 253 23.01 -14.87 19.16
N PHE F 254 21.69 -14.72 18.94
CA PHE F 254 20.76 -15.76 19.38
C PHE F 254 19.39 -15.67 18.73
N GLN F 255 18.85 -16.81 18.36
CA GLN F 255 17.54 -16.88 17.73
C GLN F 255 16.51 -17.62 18.58
N ASP F 256 15.42 -16.93 18.87
CA ASP F 256 14.32 -17.50 19.61
C ASP F 256 13.15 -17.33 18.67
N ARG F 257 12.81 -18.37 17.93
CA ARG F 257 11.73 -18.33 16.93
C ARG F 257 12.18 -17.33 15.87
N LYS F 258 11.46 -16.23 15.67
CA LYS F 258 11.90 -15.27 14.66
C LYS F 258 12.46 -13.97 15.24
N MET F 259 12.97 -14.06 16.46
CA MET F 259 13.56 -12.92 17.17
C MET F 259 15.06 -13.13 17.14
N LEU F 260 15.75 -12.30 16.35
CA LEU F 260 17.20 -12.40 16.22
C LEU F 260 17.89 -11.21 16.91
N THR F 261 18.77 -11.50 17.86
CA THR F 261 19.48 -10.44 18.57
C THR F 261 20.99 -10.60 18.58
N GLY F 262 21.68 -9.46 18.68
CA GLY F 262 23.14 -9.42 18.72
C GLY F 262 23.51 -8.73 20.03
N ASP F 263 24.67 -9.05 20.59
CA ASP F 263 25.05 -8.47 21.89
C ASP F 263 25.76 -7.12 21.98
N SER F 264 26.52 -6.73 20.96
CA SER F 264 27.27 -5.49 21.02
C SER F 264 27.84 -5.13 19.65
N PRO F 265 28.65 -4.06 19.55
CA PRO F 265 29.21 -3.72 18.24
C PRO F 265 30.03 -4.90 17.69
N LEU F 266 30.31 -5.88 18.55
CA LEU F 266 31.07 -7.05 18.13
C LEU F 266 30.17 -8.06 17.43
N ALA F 267 28.87 -7.87 17.55
CA ALA F 267 27.92 -8.82 16.97
C ALA F 267 27.43 -8.52 15.56
N GLY F 268 27.91 -7.45 14.96
CA GLY F 268 27.48 -7.08 13.61
C GLY F 268 27.55 -8.21 12.60
N ASN F 269 28.73 -8.78 12.44
CA ASN F 269 28.95 -9.86 11.47
C ASN F 269 28.13 -11.12 11.75
N ALA F 270 28.19 -11.61 12.98
CA ALA F 270 27.45 -12.80 13.34
C ALA F 270 25.95 -12.61 13.16
N LEU F 271 25.45 -11.42 13.43
CA LEU F 271 24.02 -11.16 13.28
C LEU F 271 23.62 -11.18 11.82
N GLY F 272 24.51 -10.73 10.94
CA GLY F 272 24.21 -10.73 9.52
C GLY F 272 24.15 -12.13 8.94
N GLN F 273 25.11 -12.96 9.35
CA GLN F 273 25.15 -14.34 8.89
C GLN F 273 23.91 -15.05 9.42
N LEU F 274 23.61 -14.84 10.70
CA LEU F 274 22.45 -15.43 11.36
C LEU F 274 21.11 -14.99 10.74
N ALA F 275 21.01 -13.72 10.37
CA ALA F 275 19.78 -13.19 9.77
C ALA F 275 19.63 -13.64 8.33
N ALA F 276 20.73 -13.57 7.56
CA ALA F 276 20.73 -13.98 6.17
C ALA F 276 20.34 -15.46 6.09
N LYS F 277 20.89 -16.25 7.01
CA LYS F 277 20.61 -17.68 7.05
C LYS F 277 19.13 -17.91 7.38
N ALA F 278 18.61 -17.12 8.32
CA ALA F 278 17.22 -17.23 8.77
C ALA F 278 16.20 -16.92 7.70
N LEU F 279 16.39 -15.81 6.99
CA LEU F 279 15.47 -15.38 5.93
C LEU F 279 15.57 -16.22 4.66
N LEU F 280 16.77 -16.70 4.32
CA LEU F 280 16.92 -17.53 3.13
C LEU F 280 16.14 -18.83 3.37
N ALA F 281 16.20 -19.34 4.59
CA ALA F 281 15.49 -20.56 4.95
C ALA F 281 13.99 -20.31 4.84
N GLU F 282 13.56 -19.15 5.29
CA GLU F 282 12.16 -18.75 5.25
C GLU F 282 11.60 -18.74 3.83
N VAL F 283 12.39 -18.25 2.88
CA VAL F 283 11.99 -18.17 1.48
C VAL F 283 12.29 -19.43 0.69
N GLU F 284 12.24 -20.58 1.35
CA GLU F 284 12.50 -21.86 0.69
C GLU F 284 11.44 -22.89 1.04
N GLN F 285 11.27 -23.88 0.17
CA GLN F 285 10.29 -24.93 0.41
C GLN F 285 10.20 -25.90 -0.76
C1 MPD G . -10.66 14.32 -34.80
C2 MPD G . -11.12 13.55 -36.04
O2 MPD G . -10.00 12.96 -36.66
CM MPD G . -12.10 12.46 -35.58
C3 MPD G . -11.85 14.55 -36.98
C4 MPD G . -10.91 15.65 -37.48
O4 MPD G . -9.82 15.06 -38.20
C5 MPD G . -11.64 16.65 -38.37
C1 MPD H . 10.46 -26.10 -39.40
C2 MPD H . 9.53 -25.07 -40.06
O2 MPD H . 9.27 -24.16 -38.93
CM MPD H . 10.38 -23.94 -40.39
C3 MPD H . 8.26 -25.52 -39.26
C4 MPD H . 7.73 -26.96 -39.63
O4 MPD H . 8.64 -28.02 -39.88
C5 MPD H . 6.61 -27.36 -38.66
C1 MPD I . 0.40 -30.38 -37.78
C2 MPD I . 1.71 -29.57 -37.69
O2 MPD I . 1.41 -28.16 -37.70
CM MPD I . 2.44 -29.93 -36.41
C3 MPD I . 2.68 -29.93 -38.85
C4 MPD I . 2.10 -29.64 -40.27
O4 MPD I . 1.98 -28.19 -40.37
C5 MPD I . 3.10 -30.09 -41.32
C1 MPD J . -27.28 -36.35 8.64
C2 MPD J . -25.79 -36.64 8.56
O2 MPD J . -25.18 -36.23 9.80
CM MPD J . -25.57 -38.15 8.38
C3 MPD J . -25.13 -35.88 7.38
C4 MPD J . -25.33 -34.34 7.48
O4 MPD J . -24.85 -33.81 8.70
C5 MPD J . -24.64 -33.66 6.30
C1 MPD K . 24.83 38.72 7.35
C2 MPD K . 23.64 38.26 8.19
O2 MPD K . 22.50 39.04 7.81
CM MPD K . 23.36 36.78 7.92
C3 MPD K . 23.90 38.44 9.71
C4 MPD K . 24.22 39.90 10.12
O4 MPD K . 23.19 40.80 9.72
C5 MPD K . 24.42 39.98 11.64
C1 MPD L . 30.43 -1.81 23.10
C2 MPD L . 31.79 -1.65 23.82
O2 MPD L . 32.54 -0.65 23.16
CM MPD L . 31.57 -1.22 25.28
C3 MPD L . 32.57 -2.98 23.82
C4 MPD L . 32.86 -3.52 22.44
O4 MPD L . 33.51 -2.60 21.61
C5 MPD L . 33.67 -4.83 22.58
#